data_2L2L
#
_entry.id   2L2L
#
loop_
_entity.id
_entity.type
_entity.pdbx_description
1 polymer 'Transcriptional repressor p66-alpha'
2 polymer 'Methyl-CpG-binding domain protein 2'
#
loop_
_entity_poly.entity_id
_entity_poly.type
_entity_poly.pdbx_seq_one_letter_code
_entity_poly.pdbx_strand_id
1 'polypeptide(L)' GSPEERERMIKQLKEELRLEEAKLVLLKKLRQSQIQKEATAQK A
2 'polypeptide(L)' GSKAFIVTDEDIRKQEERVQQVRKKLEEALMADILS B
#
# COMPACT_ATOMS: atom_id res chain seq x y z
N GLY A 1 -6.45 -27.89 13.47
CA GLY A 1 -6.23 -26.97 12.31
C GLY A 1 -5.74 -25.61 12.81
N SER A 2 -5.41 -25.56 14.10
CA SER A 2 -4.92 -24.31 14.69
C SER A 2 -5.66 -23.11 14.11
N PRO A 3 -6.92 -22.98 14.44
CA PRO A 3 -7.77 -21.86 13.95
C PRO A 3 -7.16 -20.50 14.27
N GLU A 4 -6.49 -20.41 15.42
CA GLU A 4 -5.87 -19.16 15.84
C GLU A 4 -4.77 -18.75 14.84
N GLU A 5 -4.08 -19.73 14.29
CA GLU A 5 -3.01 -19.46 13.33
C GLU A 5 -3.57 -18.70 12.13
N ARG A 6 -4.75 -19.09 11.67
CA ARG A 6 -5.38 -18.44 10.53
C ARG A 6 -5.66 -16.97 10.85
N GLU A 7 -6.17 -16.72 12.05
CA GLU A 7 -6.49 -15.36 12.47
C GLU A 7 -5.21 -14.54 12.65
N ARG A 8 -4.17 -15.19 13.14
CA ARG A 8 -2.90 -14.51 13.37
C ARG A 8 -2.35 -13.95 12.06
N MET A 9 -2.45 -14.75 10.99
CA MET A 9 -1.95 -14.32 9.69
C MET A 9 -2.67 -13.05 9.24
N ILE A 10 -3.97 -12.99 9.49
CA ILE A 10 -4.75 -11.81 9.12
C ILE A 10 -4.24 -10.57 9.85
N LYS A 11 -3.98 -10.72 11.14
CA LYS A 11 -3.49 -9.60 11.93
C LYS A 11 -2.14 -9.14 11.43
N GLN A 12 -1.25 -10.09 11.15
CA GLN A 12 0.08 -9.76 10.66
C GLN A 12 -0.01 -9.02 9.32
N LEU A 13 -0.82 -9.55 8.41
CA LEU A 13 -1.01 -8.92 7.11
C LEU A 13 -1.60 -7.52 7.25
N LYS A 14 -2.39 -7.34 8.31
CA LYS A 14 -3.03 -6.05 8.55
C LYS A 14 -1.98 -4.99 8.87
N GLU A 15 -1.01 -5.35 9.70
CA GLU A 15 0.05 -4.42 10.08
C GLU A 15 0.89 -4.05 8.86
N GLU A 16 1.36 -5.05 8.15
CA GLU A 16 2.19 -4.82 6.97
C GLU A 16 1.41 -4.02 5.92
N LEU A 17 0.10 -4.21 5.90
CA LEU A 17 -0.76 -3.51 4.95
C LEU A 17 -0.67 -2.00 5.18
N ARG A 18 -0.72 -1.60 6.44
CA ARG A 18 -0.65 -0.18 6.78
C ARG A 18 0.70 0.41 6.37
N LEU A 19 1.77 -0.31 6.69
CA LEU A 19 3.11 0.15 6.35
C LEU A 19 3.30 0.17 4.83
N GLU A 20 2.79 -0.87 4.17
CA GLU A 20 2.91 -0.97 2.72
C GLU A 20 2.18 0.19 2.04
N GLU A 21 1.02 0.53 2.59
CA GLU A 21 0.22 1.63 2.03
C GLU A 21 0.89 2.97 2.32
N ALA A 22 1.37 3.13 3.55
CA ALA A 22 2.02 4.36 3.94
C ALA A 22 3.06 4.78 2.90
N LYS A 23 3.93 3.84 2.52
CA LYS A 23 4.96 4.11 1.53
C LYS A 23 4.32 4.53 0.21
N LEU A 24 3.23 3.86 -0.16
CA LEU A 24 2.55 4.17 -1.41
C LEU A 24 2.09 5.63 -1.41
N VAL A 25 1.41 6.04 -0.34
CA VAL A 25 0.95 7.42 -0.24
C VAL A 25 2.12 8.39 -0.31
N LEU A 26 3.20 8.07 0.39
CA LEU A 26 4.38 8.92 0.38
C LEU A 26 4.94 9.05 -1.03
N LEU A 27 4.98 7.93 -1.74
CA LEU A 27 5.50 7.93 -3.11
C LEU A 27 4.71 8.89 -3.98
N LYS A 28 3.39 8.91 -3.80
CA LYS A 28 2.54 9.79 -4.58
C LYS A 28 2.93 11.25 -4.35
N LYS A 29 3.19 11.60 -3.09
CA LYS A 29 3.58 12.95 -2.75
C LYS A 29 4.90 13.32 -3.44
N LEU A 30 5.80 12.35 -3.55
CA LEU A 30 7.08 12.58 -4.18
C LEU A 30 6.89 12.97 -5.65
N ARG A 31 5.94 12.30 -6.31
CA ARG A 31 5.67 12.58 -7.71
C ARG A 31 5.18 14.02 -7.89
N GLN A 32 4.31 14.45 -7.00
CA GLN A 32 3.78 15.81 -7.08
C GLN A 32 4.80 16.82 -6.56
N SER A 33 5.78 16.33 -5.81
CA SER A 33 6.80 17.20 -5.24
C SER A 33 7.86 17.54 -6.30
N GLN A 34 7.91 16.74 -7.35
CA GLN A 34 8.88 16.95 -8.41
C GLN A 34 8.27 17.76 -9.55
N ILE A 35 6.96 18.00 -9.46
CA ILE A 35 6.26 18.76 -10.49
C ILE A 35 6.39 20.25 -10.23
N GLN A 36 6.18 20.66 -8.99
CA GLN A 36 6.27 22.07 -8.62
C GLN A 36 7.72 22.44 -8.28
N LYS A 37 8.12 23.64 -8.70
CA LYS A 37 9.48 24.10 -8.43
C LYS A 37 10.46 22.93 -8.45
N GLU A 38 10.91 22.56 -9.64
CA GLU A 38 11.84 21.45 -9.78
C GLU A 38 11.58 20.39 -8.73
N ALA A 39 12.57 20.14 -7.88
CA ALA A 39 12.43 19.15 -6.82
C ALA A 39 13.31 19.49 -5.64
N THR A 40 13.69 20.76 -5.55
CA THR A 40 14.54 21.22 -4.44
C THR A 40 15.56 20.15 -4.07
N ALA A 41 15.19 19.28 -3.13
CA ALA A 41 16.09 18.22 -2.69
C ALA A 41 16.30 17.21 -3.82
N GLN A 42 17.53 16.73 -3.94
CA GLN A 42 17.86 15.76 -4.98
C GLN A 42 17.67 14.34 -4.47
N LYS A 43 17.39 14.21 -3.18
CA LYS A 43 17.18 12.90 -2.56
C LYS A 43 15.76 12.78 -2.04
N GLY B 1 22.29 11.03 -12.46
CA GLY B 1 22.76 10.59 -13.80
C GLY B 1 21.88 9.45 -14.29
N SER B 2 22.42 8.62 -15.19
CA SER B 2 21.67 7.51 -15.75
C SER B 2 21.26 6.54 -14.64
N LYS B 3 22.17 6.33 -13.69
CA LYS B 3 21.90 5.43 -12.58
C LYS B 3 20.95 6.08 -11.57
N ALA B 4 20.21 7.09 -12.03
CA ALA B 4 19.28 7.79 -11.17
C ALA B 4 17.98 7.00 -11.03
N PHE B 5 17.11 7.45 -10.12
CA PHE B 5 15.84 6.77 -9.90
C PHE B 5 14.68 7.68 -10.31
N ILE B 6 13.88 7.21 -11.26
CA ILE B 6 12.73 7.98 -11.74
C ILE B 6 11.44 7.18 -11.58
N VAL B 7 10.48 7.75 -10.86
CA VAL B 7 9.20 7.08 -10.66
C VAL B 7 8.25 7.36 -11.83
N THR B 8 7.66 6.29 -12.36
CA THR B 8 6.74 6.43 -13.49
C THR B 8 5.30 6.35 -13.00
N ASP B 9 4.39 6.92 -13.80
CA ASP B 9 2.98 6.91 -13.44
C ASP B 9 2.44 5.49 -13.39
N GLU B 10 2.84 4.67 -14.35
CA GLU B 10 2.37 3.29 -14.40
C GLU B 10 2.92 2.49 -13.23
N ASP B 11 4.24 2.49 -13.09
CA ASP B 11 4.89 1.75 -12.00
C ASP B 11 4.13 1.98 -10.69
N ILE B 12 3.65 3.20 -10.49
CA ILE B 12 2.91 3.52 -9.27
C ILE B 12 1.58 2.78 -9.24
N ARG B 13 0.89 2.74 -10.37
CA ARG B 13 -0.39 2.05 -10.45
C ARG B 13 -0.25 0.58 -10.08
N LYS B 14 0.81 -0.06 -10.60
CA LYS B 14 1.04 -1.46 -10.31
C LYS B 14 1.23 -1.68 -8.81
N GLN B 15 1.80 -0.68 -8.14
CA GLN B 15 2.03 -0.77 -6.70
C GLN B 15 0.71 -0.72 -5.94
N GLU B 16 -0.19 0.16 -6.37
CA GLU B 16 -1.49 0.29 -5.73
C GLU B 16 -2.32 -0.96 -5.94
N GLU B 17 -2.28 -1.49 -7.16
CA GLU B 17 -3.04 -2.69 -7.50
C GLU B 17 -2.58 -3.87 -6.64
N ARG B 18 -1.27 -3.97 -6.45
CA ARG B 18 -0.72 -5.06 -5.64
C ARG B 18 -1.24 -4.99 -4.21
N VAL B 19 -1.25 -3.78 -3.65
CA VAL B 19 -1.72 -3.59 -2.29
C VAL B 19 -3.21 -3.89 -2.19
N GLN B 20 -3.97 -3.44 -3.17
CA GLN B 20 -5.41 -3.66 -3.18
C GLN B 20 -5.72 -5.15 -3.08
N GLN B 21 -4.90 -5.97 -3.74
CA GLN B 21 -5.10 -7.41 -3.73
C GLN B 21 -4.95 -7.96 -2.31
N VAL B 22 -3.96 -7.46 -1.59
CA VAL B 22 -3.71 -7.91 -0.22
C VAL B 22 -4.92 -7.60 0.66
N ARG B 23 -5.44 -6.39 0.55
CA ARG B 23 -6.59 -5.99 1.34
C ARG B 23 -7.76 -6.93 1.10
N LYS B 24 -7.99 -7.30 -0.16
CA LYS B 24 -9.07 -8.20 -0.51
C LYS B 24 -9.02 -9.45 0.37
N LYS B 25 -7.85 -10.07 0.46
CA LYS B 25 -7.67 -11.26 1.27
C LYS B 25 -7.89 -10.94 2.74
N LEU B 26 -7.75 -9.67 3.09
CA LEU B 26 -7.93 -9.25 4.49
C LEU B 26 -9.40 -9.18 4.84
N GLU B 27 -10.16 -8.40 4.07
CA GLU B 27 -11.59 -8.26 4.33
C GLU B 27 -12.32 -9.57 4.05
N GLU B 28 -11.89 -10.26 3.00
CA GLU B 28 -12.52 -11.52 2.63
C GLU B 28 -12.27 -12.58 3.70
N ALA B 29 -11.00 -12.78 4.05
CA ALA B 29 -10.64 -13.77 5.06
C ALA B 29 -11.24 -13.38 6.42
N LEU B 30 -11.43 -12.08 6.61
CA LEU B 30 -11.99 -11.58 7.87
C LEU B 30 -13.51 -11.76 7.89
N MET B 31 -14.13 -11.63 6.72
CA MET B 31 -15.58 -11.75 6.62
C MET B 31 -16.01 -13.20 6.85
N ALA B 32 -15.03 -14.10 6.93
CA ALA B 32 -15.31 -15.51 7.15
C ALA B 32 -14.90 -15.93 8.55
N ASP B 33 -15.09 -15.03 9.51
CA ASP B 33 -14.73 -15.32 10.90
C ASP B 33 -15.48 -16.56 11.39
N ILE B 34 -16.72 -16.72 10.93
CA ILE B 34 -17.53 -17.86 11.34
C ILE B 34 -17.56 -18.92 10.24
N LEU B 35 -17.50 -18.46 8.99
CA LEU B 35 -17.52 -19.37 7.85
C LEU B 35 -16.25 -20.23 7.84
N SER B 36 -15.12 -19.61 8.15
CA SER B 36 -13.85 -20.33 8.18
C SER B 36 -13.33 -20.46 9.61
N GLY A 1 -4.80 -28.67 15.25
CA GLY A 1 -5.66 -27.46 15.22
C GLY A 1 -4.99 -26.33 15.99
N SER A 2 -5.22 -25.10 15.57
CA SER A 2 -4.63 -23.94 16.23
C SER A 2 -5.28 -22.66 15.72
N PRO A 3 -6.45 -22.36 16.18
CA PRO A 3 -7.20 -21.13 15.77
C PRO A 3 -6.38 -19.86 16.02
N GLU A 4 -5.56 -19.88 17.06
CA GLU A 4 -4.74 -18.72 17.39
C GLU A 4 -3.79 -18.41 16.24
N GLU A 5 -3.27 -19.45 15.61
CA GLU A 5 -2.35 -19.26 14.49
C GLU A 5 -3.04 -18.54 13.33
N ARG A 6 -4.29 -18.91 13.08
CA ARG A 6 -5.05 -18.28 12.00
C ARG A 6 -5.20 -16.78 12.26
N GLU A 7 -5.54 -16.42 13.49
CA GLU A 7 -5.71 -15.02 13.84
C GLU A 7 -4.39 -14.27 13.73
N ARG A 8 -3.29 -14.96 14.02
CA ARG A 8 -1.97 -14.34 13.95
C ARG A 8 -1.70 -13.83 12.54
N MET A 9 -2.04 -14.62 11.54
CA MET A 9 -1.84 -14.23 10.15
C MET A 9 -2.61 -12.95 9.84
N ILE A 10 -3.85 -12.87 10.32
CA ILE A 10 -4.68 -11.71 10.09
C ILE A 10 -4.06 -10.46 10.71
N LYS A 11 -3.61 -10.60 11.96
CA LYS A 11 -2.98 -9.48 12.66
C LYS A 11 -1.68 -9.09 11.98
N GLN A 12 -0.88 -10.10 11.60
CA GLN A 12 0.39 -9.85 10.95
C GLN A 12 0.18 -9.13 9.62
N LEU A 13 -0.87 -9.53 8.91
CA LEU A 13 -1.17 -8.92 7.61
C LEU A 13 -1.48 -7.44 7.77
N LYS A 14 -2.17 -7.10 8.85
CA LYS A 14 -2.54 -5.71 9.11
C LYS A 14 -1.28 -4.86 9.28
N GLU A 15 -0.22 -5.47 9.81
CA GLU A 15 1.03 -4.76 10.03
C GLU A 15 1.67 -4.38 8.69
N GLU A 16 1.92 -5.39 7.87
CA GLU A 16 2.53 -5.15 6.56
C GLU A 16 1.64 -4.27 5.70
N LEU A 17 0.34 -4.36 5.92
CA LEU A 17 -0.61 -3.56 5.16
C LEU A 17 -0.35 -2.06 5.37
N ARG A 18 -0.11 -1.68 6.62
CA ARG A 18 0.16 -0.28 6.93
C ARG A 18 1.41 0.19 6.21
N LEU A 19 2.44 -0.65 6.18
CA LEU A 19 3.68 -0.30 5.51
C LEU A 19 3.46 -0.18 4.01
N GLU A 20 2.67 -1.08 3.46
CA GLU A 20 2.39 -1.07 2.02
C GLU A 20 1.66 0.23 1.64
N GLU A 21 0.71 0.63 2.47
CA GLU A 21 -0.06 1.84 2.21
C GLU A 21 0.79 3.08 2.47
N ALA A 22 1.54 3.05 3.58
CA ALA A 22 2.38 4.18 3.95
C ALA A 22 3.31 4.54 2.78
N LYS A 23 4.09 3.57 2.33
CA LYS A 23 5.02 3.81 1.23
C LYS A 23 4.29 4.41 0.03
N LEU A 24 3.17 3.79 -0.34
CA LEU A 24 2.40 4.28 -1.48
C LEU A 24 2.04 5.76 -1.30
N VAL A 25 1.61 6.10 -0.08
CA VAL A 25 1.26 7.49 0.21
C VAL A 25 2.48 8.39 0.04
N LEU A 26 3.63 7.92 0.50
CA LEU A 26 4.86 8.69 0.38
C LEU A 26 5.20 8.94 -1.09
N LEU A 27 5.01 7.93 -1.91
CA LEU A 27 5.30 8.04 -3.33
C LEU A 27 4.47 9.16 -3.96
N LYS A 28 3.24 9.31 -3.49
CA LYS A 28 2.34 10.34 -3.99
C LYS A 28 2.94 11.72 -3.75
N LYS A 29 3.47 11.92 -2.56
CA LYS A 29 4.08 13.21 -2.21
C LYS A 29 5.29 13.49 -3.09
N LEU A 30 6.08 12.45 -3.33
CA LEU A 30 7.27 12.59 -4.16
C LEU A 30 6.90 13.02 -5.58
N ARG A 31 5.84 12.41 -6.11
CA ARG A 31 5.38 12.73 -7.45
C ARG A 31 4.89 14.17 -7.52
N GLN A 32 4.17 14.59 -6.49
CA GLN A 32 3.65 15.96 -6.45
C GLN A 32 4.78 16.96 -6.56
N SER A 33 5.98 16.56 -6.15
CA SER A 33 7.14 17.44 -6.21
C SER A 33 7.56 17.67 -7.66
N GLN A 34 7.79 16.58 -8.38
CA GLN A 34 8.20 16.67 -9.78
C GLN A 34 7.19 17.49 -10.58
N ILE A 35 5.97 17.59 -10.05
CA ILE A 35 4.92 18.34 -10.73
C ILE A 35 5.19 19.84 -10.62
N GLN A 36 5.57 20.29 -9.43
CA GLN A 36 5.85 21.70 -9.21
C GLN A 36 7.35 21.96 -9.26
N LYS A 37 7.73 23.08 -9.87
CA LYS A 37 9.14 23.44 -9.98
C LYS A 37 9.74 23.68 -8.60
N GLU A 38 9.15 24.60 -7.84
CA GLU A 38 9.64 24.91 -6.51
C GLU A 38 8.79 24.21 -5.45
N ALA A 39 7.59 23.80 -5.83
CA ALA A 39 6.70 23.12 -4.90
C ALA A 39 6.50 23.96 -3.64
N THR A 40 6.97 25.20 -3.68
CA THR A 40 6.84 26.09 -2.53
C THR A 40 7.56 25.51 -1.31
N ALA A 41 6.89 24.58 -0.64
CA ALA A 41 7.48 23.95 0.54
C ALA A 41 7.93 25.02 1.54
N GLN A 42 7.19 25.13 2.64
CA GLN A 42 7.52 26.11 3.67
C GLN A 42 8.59 25.56 4.60
N LYS A 43 8.90 24.28 4.46
CA LYS A 43 9.90 23.64 5.30
C LYS A 43 10.79 22.72 4.47
N GLY B 1 22.94 13.53 -4.20
CA GLY B 1 21.85 12.80 -4.90
C GLY B 1 21.23 13.71 -5.96
N SER B 2 21.20 13.23 -7.20
CA SER B 2 20.64 14.02 -8.30
C SER B 2 19.23 13.51 -8.65
N LYS B 3 18.25 14.38 -8.56
CA LYS B 3 16.88 14.01 -8.87
C LYS B 3 16.59 12.60 -8.39
N ALA B 4 17.34 12.14 -7.41
CA ALA B 4 17.16 10.80 -6.86
C ALA B 4 16.76 9.83 -7.96
N PHE B 5 15.76 8.99 -7.69
CA PHE B 5 15.29 8.02 -8.65
C PHE B 5 14.14 8.60 -9.48
N ILE B 6 13.60 7.79 -10.38
CA ILE B 6 12.50 8.24 -11.24
C ILE B 6 11.32 7.29 -11.13
N VAL B 7 10.12 7.85 -10.91
CA VAL B 7 8.92 7.03 -10.79
C VAL B 7 8.06 7.17 -12.05
N THR B 8 7.58 6.03 -12.55
CA THR B 8 6.75 6.04 -13.76
C THR B 8 5.28 5.92 -13.38
N ASP B 9 4.40 6.31 -14.29
CA ASP B 9 2.96 6.24 -14.05
C ASP B 9 2.47 4.79 -14.14
N GLU B 10 3.25 3.95 -14.83
CA GLU B 10 2.87 2.55 -14.98
C GLU B 10 3.39 1.72 -13.81
N ASP B 11 4.35 2.28 -13.08
CA ASP B 11 4.94 1.57 -11.93
C ASP B 11 4.13 1.84 -10.68
N ILE B 12 3.54 3.03 -10.59
CA ILE B 12 2.73 3.40 -9.43
C ILE B 12 1.39 2.67 -9.46
N ARG B 13 0.78 2.62 -10.64
CA ARG B 13 -0.50 1.94 -10.80
C ARG B 13 -0.39 0.46 -10.42
N LYS B 14 0.62 -0.21 -10.98
CA LYS B 14 0.84 -1.62 -10.70
C LYS B 14 1.15 -1.82 -9.22
N GLN B 15 1.79 -0.82 -8.61
CA GLN B 15 2.15 -0.91 -7.19
C GLN B 15 0.89 -0.83 -6.33
N GLU B 16 -0.02 0.05 -6.69
CA GLU B 16 -1.25 0.21 -5.93
C GLU B 16 -2.18 -0.98 -6.15
N GLU B 17 -2.18 -1.50 -7.38
CA GLU B 17 -3.03 -2.64 -7.71
C GLU B 17 -2.67 -3.84 -6.84
N ARG B 18 -1.37 -4.05 -6.64
CA ARG B 18 -0.91 -5.16 -5.82
C ARG B 18 -1.40 -5.02 -4.39
N VAL B 19 -1.36 -3.80 -3.87
CA VAL B 19 -1.81 -3.53 -2.51
C VAL B 19 -3.31 -3.78 -2.38
N GLN B 20 -4.06 -3.35 -3.39
CA GLN B 20 -5.51 -3.52 -3.38
C GLN B 20 -5.88 -4.99 -3.25
N GLN B 21 -5.10 -5.85 -3.91
CA GLN B 21 -5.35 -7.29 -3.87
C GLN B 21 -5.20 -7.81 -2.44
N VAL B 22 -4.23 -7.27 -1.72
CA VAL B 22 -3.99 -7.68 -0.34
C VAL B 22 -5.20 -7.37 0.53
N ARG B 23 -5.77 -6.19 0.35
CA ARG B 23 -6.93 -5.79 1.12
C ARG B 23 -8.07 -6.80 0.95
N LYS B 24 -8.25 -7.28 -0.27
CA LYS B 24 -9.30 -8.26 -0.57
C LYS B 24 -9.15 -9.47 0.35
N LYS B 25 -7.98 -10.07 0.34
CA LYS B 25 -7.72 -11.26 1.16
C LYS B 25 -7.94 -10.93 2.63
N LEU B 26 -7.91 -9.64 2.96
CA LEU B 26 -8.10 -9.21 4.34
C LEU B 26 -9.59 -9.14 4.68
N GLU B 27 -10.35 -8.43 3.84
CA GLU B 27 -11.79 -8.29 4.05
C GLU B 27 -12.48 -9.63 3.87
N GLU B 28 -12.00 -10.42 2.92
CA GLU B 28 -12.58 -11.72 2.63
C GLU B 28 -12.41 -12.66 3.84
N ALA B 29 -11.19 -12.70 4.37
CA ALA B 29 -10.91 -13.55 5.52
C ALA B 29 -11.79 -13.16 6.71
N LEU B 30 -12.26 -11.92 6.69
CA LEU B 30 -13.11 -11.43 7.78
C LEU B 30 -14.58 -11.63 7.43
N MET B 31 -14.88 -11.63 6.14
CA MET B 31 -16.27 -11.81 5.69
C MET B 31 -16.56 -13.28 5.41
N ALA B 32 -15.49 -14.06 5.25
CA ALA B 32 -15.65 -15.49 4.97
C ALA B 32 -16.03 -16.25 6.24
N ASP B 33 -16.94 -17.20 6.11
CA ASP B 33 -17.39 -17.99 7.25
C ASP B 33 -16.51 -19.23 7.42
N ILE B 34 -15.56 -19.40 6.50
CA ILE B 34 -14.67 -20.56 6.56
C ILE B 34 -13.31 -20.15 7.10
N LEU B 35 -12.88 -18.93 6.77
CA LEU B 35 -11.59 -18.43 7.23
C LEU B 35 -11.77 -17.56 8.47
N SER B 36 -13.02 -17.31 8.82
CA SER B 36 -13.32 -16.48 10.00
C SER B 36 -12.89 -15.04 9.77
N GLY A 1 -3.68 -25.36 11.53
CA GLY A 1 -3.11 -25.53 12.89
C GLY A 1 -3.87 -24.65 13.88
N SER A 2 -5.03 -25.13 14.33
CA SER A 2 -5.85 -24.36 15.27
C SER A 2 -6.22 -23.01 14.69
N PRO A 3 -7.31 -22.45 15.14
CA PRO A 3 -7.81 -21.13 14.65
C PRO A 3 -6.88 -19.98 15.06
N GLU A 4 -6.07 -20.22 16.08
CA GLU A 4 -5.15 -19.19 16.56
C GLU A 4 -4.15 -18.82 15.47
N GLU A 5 -3.63 -19.82 14.77
CA GLU A 5 -2.67 -19.58 13.69
C GLU A 5 -3.35 -18.85 12.54
N ARG A 6 -4.56 -19.26 12.20
CA ARG A 6 -5.29 -18.63 11.11
C ARG A 6 -5.54 -17.17 11.41
N GLU A 7 -5.94 -16.88 12.64
CA GLU A 7 -6.23 -15.50 13.04
C GLU A 7 -4.93 -14.69 13.12
N ARG A 8 -3.86 -15.35 13.56
CA ARG A 8 -2.57 -14.68 13.68
C ARG A 8 -2.09 -14.17 12.32
N MET A 9 -2.28 -15.00 11.30
CA MET A 9 -1.86 -14.62 9.95
C MET A 9 -2.54 -13.33 9.51
N ILE A 10 -3.82 -13.18 9.87
CA ILE A 10 -4.58 -12.00 9.51
C ILE A 10 -3.92 -10.75 10.10
N LYS A 11 -3.43 -10.87 11.33
CA LYS A 11 -2.79 -9.74 12.00
C LYS A 11 -1.51 -9.36 11.27
N GLN A 12 -0.78 -10.37 10.80
CA GLN A 12 0.48 -10.11 10.10
C GLN A 12 0.22 -9.32 8.81
N LEU A 13 -0.86 -9.66 8.13
CA LEU A 13 -1.22 -8.98 6.88
C LEU A 13 -1.49 -7.50 7.15
N LYS A 14 -2.12 -7.22 8.27
CA LYS A 14 -2.45 -5.84 8.63
C LYS A 14 -1.17 -5.05 8.89
N GLU A 15 -0.15 -5.73 9.39
CA GLU A 15 1.12 -5.07 9.69
C GLU A 15 1.80 -4.60 8.40
N GLU A 16 1.97 -5.52 7.45
CA GLU A 16 2.60 -5.19 6.19
C GLU A 16 1.71 -4.26 5.37
N LEU A 17 0.40 -4.35 5.59
CA LEU A 17 -0.55 -3.52 4.87
C LEU A 17 -0.29 -2.05 5.15
N ARG A 18 -0.02 -1.72 6.42
CA ARG A 18 0.23 -0.34 6.80
C ARG A 18 1.50 0.18 6.13
N LEU A 19 2.55 -0.64 6.16
CA LEU A 19 3.82 -0.26 5.55
C LEU A 19 3.68 -0.18 4.03
N GLU A 20 2.93 -1.12 3.46
CA GLU A 20 2.73 -1.14 2.03
C GLU A 20 1.96 0.09 1.56
N GLU A 21 0.95 0.48 2.34
CA GLU A 21 0.15 1.64 2.00
C GLU A 21 0.93 2.93 2.28
N ALA A 22 1.62 2.96 3.40
CA ALA A 22 2.41 4.14 3.77
C ALA A 22 3.30 4.57 2.61
N LYS A 23 4.04 3.61 2.05
CA LYS A 23 4.94 3.91 0.94
C LYS A 23 4.16 4.45 -0.25
N LEU A 24 2.99 3.87 -0.48
CA LEU A 24 2.15 4.28 -1.61
C LEU A 24 1.81 5.77 -1.50
N VAL A 25 1.37 6.18 -0.31
CA VAL A 25 1.04 7.58 -0.08
C VAL A 25 2.26 8.47 -0.30
N LEU A 26 3.43 7.98 0.11
CA LEU A 26 4.66 8.74 -0.04
C LEU A 26 4.94 9.01 -1.52
N LEU A 27 4.73 7.99 -2.34
CA LEU A 27 4.97 8.13 -3.78
C LEU A 27 4.06 9.21 -4.37
N LYS A 28 2.84 9.28 -3.87
CA LYS A 28 1.88 10.27 -4.35
C LYS A 28 2.39 11.68 -4.09
N LYS A 29 2.89 11.90 -2.87
CA LYS A 29 3.40 13.21 -2.50
C LYS A 29 4.62 13.56 -3.34
N LEU A 30 5.44 12.55 -3.63
CA LEU A 30 6.65 12.77 -4.42
C LEU A 30 6.29 13.26 -5.82
N ARG A 31 5.19 12.73 -6.36
CA ARG A 31 4.75 13.11 -7.70
C ARG A 31 4.32 14.58 -7.71
N GLN A 32 3.66 15.01 -6.64
CA GLN A 32 3.20 16.39 -6.56
C GLN A 32 4.32 17.30 -6.07
N SER A 33 5.35 16.71 -5.46
CA SER A 33 6.46 17.48 -4.95
C SER A 33 7.51 17.69 -6.04
N GLN A 34 7.48 16.84 -7.05
CA GLN A 34 8.42 16.94 -8.17
C GLN A 34 8.43 18.37 -8.72
N ILE A 35 7.31 18.77 -9.31
CA ILE A 35 7.21 20.11 -9.89
C ILE A 35 7.38 21.17 -8.81
N GLN A 36 6.75 20.95 -7.66
CA GLN A 36 6.84 21.89 -6.55
C GLN A 36 8.25 22.45 -6.44
N LYS A 37 8.42 23.70 -6.83
CA LYS A 37 9.74 24.35 -6.76
C LYS A 37 10.83 23.37 -7.16
N GLU A 38 10.68 22.77 -8.34
CA GLU A 38 11.68 21.81 -8.83
C GLU A 38 13.02 22.51 -9.06
N ALA A 39 12.97 23.71 -9.62
CA ALA A 39 14.19 24.46 -9.89
C ALA A 39 14.61 25.26 -8.66
N THR A 40 15.56 24.72 -7.90
CA THR A 40 16.04 25.39 -6.71
C THR A 40 17.39 26.06 -6.96
N ALA A 41 18.03 25.68 -8.07
CA ALA A 41 19.32 26.25 -8.41
C ALA A 41 19.75 25.80 -9.80
N GLN A 42 21.02 25.99 -10.12
CA GLN A 42 21.54 25.59 -11.42
C GLN A 42 21.79 24.09 -11.47
N LYS A 43 21.34 23.46 -12.54
CA LYS A 43 21.52 22.02 -12.69
C LYS A 43 21.85 21.67 -14.14
N GLY B 1 26.99 5.48 -17.77
CA GLY B 1 27.19 6.03 -16.39
C GLY B 1 26.04 5.57 -15.50
N SER B 2 26.05 6.04 -14.24
CA SER B 2 25.01 5.68 -13.29
C SER B 2 23.69 6.35 -13.66
N LYS B 3 22.58 5.67 -13.38
CA LYS B 3 21.27 6.22 -13.68
C LYS B 3 20.64 6.84 -12.44
N ALA B 4 19.89 7.92 -12.63
CA ALA B 4 19.24 8.59 -11.51
C ALA B 4 17.96 7.87 -11.12
N PHE B 5 17.31 8.34 -10.07
CA PHE B 5 16.08 7.73 -9.60
C PHE B 5 14.86 8.46 -10.17
N ILE B 6 14.13 7.79 -11.05
CA ILE B 6 12.95 8.39 -11.67
C ILE B 6 11.73 7.52 -11.44
N VAL B 7 10.67 8.13 -10.91
CA VAL B 7 9.43 7.40 -10.64
C VAL B 7 8.57 7.32 -11.90
N THR B 8 8.14 6.11 -12.24
CA THR B 8 7.31 5.91 -13.43
C THR B 8 5.85 5.78 -13.04
N ASP B 9 4.96 6.15 -13.96
CA ASP B 9 3.52 6.08 -13.70
C ASP B 9 3.09 4.63 -13.49
N GLU B 10 3.66 3.72 -14.29
CA GLU B 10 3.31 2.31 -14.19
C GLU B 10 3.72 1.76 -12.82
N ASP B 11 4.98 1.91 -12.48
CA ASP B 11 5.48 1.42 -11.19
C ASP B 11 4.51 1.79 -10.07
N ILE B 12 3.90 2.96 -10.19
CA ILE B 12 2.95 3.42 -9.18
C ILE B 12 1.67 2.58 -9.22
N ARG B 13 1.17 2.32 -10.42
CA ARG B 13 -0.05 1.53 -10.58
C ARG B 13 0.13 0.14 -10.00
N LYS B 14 1.27 -0.48 -10.29
CA LYS B 14 1.55 -1.82 -9.78
C LYS B 14 1.59 -1.81 -8.26
N GLN B 15 1.96 -0.67 -7.68
CA GLN B 15 2.04 -0.56 -6.23
C GLN B 15 0.64 -0.56 -5.61
N GLU B 16 -0.29 0.14 -6.27
CA GLU B 16 -1.66 0.20 -5.78
C GLU B 16 -2.35 -1.14 -5.94
N GLU B 17 -2.07 -1.82 -7.06
CA GLU B 17 -2.69 -3.10 -7.33
C GLU B 17 -2.32 -4.12 -6.24
N ARG B 18 -1.08 -4.07 -5.79
CA ARG B 18 -0.62 -4.98 -4.75
C ARG B 18 -1.37 -4.73 -3.45
N VAL B 19 -1.61 -3.46 -3.14
CA VAL B 19 -2.33 -3.10 -1.93
C VAL B 19 -3.79 -3.55 -2.01
N GLN B 20 -4.40 -3.34 -3.17
CA GLN B 20 -5.79 -3.73 -3.37
C GLN B 20 -5.99 -5.21 -3.10
N GLN B 21 -5.01 -6.01 -3.53
CA GLN B 21 -5.08 -7.46 -3.35
C GLN B 21 -5.11 -7.81 -1.86
N VAL B 22 -4.26 -7.13 -1.10
CA VAL B 22 -4.18 -7.39 0.34
C VAL B 22 -5.50 -7.06 1.01
N ARG B 23 -6.07 -5.91 0.65
CA ARG B 23 -7.34 -5.49 1.23
C ARG B 23 -8.45 -6.46 0.87
N LYS B 24 -8.46 -6.90 -0.39
CA LYS B 24 -9.47 -7.83 -0.87
C LYS B 24 -9.52 -9.06 0.02
N LYS B 25 -8.35 -9.64 0.28
CA LYS B 25 -8.27 -10.83 1.12
C LYS B 25 -8.60 -10.48 2.56
N LEU B 26 -7.85 -9.54 3.13
CA LEU B 26 -8.10 -9.11 4.52
C LEU B 26 -9.59 -9.08 4.80
N GLU B 27 -10.34 -8.43 3.94
CA GLU B 27 -11.79 -8.33 4.11
C GLU B 27 -12.44 -9.69 3.96
N GLU B 28 -11.94 -10.49 3.01
CA GLU B 28 -12.49 -11.82 2.76
C GLU B 28 -12.35 -12.68 4.01
N ALA B 29 -11.18 -12.65 4.63
CA ALA B 29 -10.94 -13.44 5.84
C ALA B 29 -11.83 -12.96 6.98
N LEU B 30 -12.29 -11.71 6.88
CA LEU B 30 -13.13 -11.14 7.91
C LEU B 30 -14.60 -11.49 7.66
N MET B 31 -14.96 -11.63 6.39
CA MET B 31 -16.32 -11.98 6.02
C MET B 31 -16.54 -13.48 6.09
N ALA B 32 -15.45 -14.22 6.28
CA ALA B 32 -15.53 -15.67 6.36
C ALA B 32 -16.66 -16.10 7.30
N ASP B 33 -16.84 -17.41 7.44
CA ASP B 33 -17.88 -17.93 8.32
C ASP B 33 -19.25 -17.38 7.92
N ILE B 34 -19.45 -16.09 8.17
CA ILE B 34 -20.72 -15.46 7.82
C ILE B 34 -20.94 -15.48 6.31
N LEU B 35 -19.89 -15.18 5.57
CA LEU B 35 -19.98 -15.17 4.11
C LEU B 35 -20.52 -13.84 3.61
N SER B 36 -19.62 -12.91 3.31
CA SER B 36 -20.03 -11.59 2.82
C SER B 36 -20.98 -10.93 3.81
N GLY A 1 -7.51 -28.63 11.22
CA GLY A 1 -6.94 -27.35 10.71
C GLY A 1 -6.36 -26.55 11.86
N SER A 2 -6.10 -25.27 11.61
CA SER A 2 -5.55 -24.39 12.65
C SER A 2 -6.12 -22.99 12.52
N PRO A 3 -7.35 -22.81 12.93
CA PRO A 3 -8.04 -21.49 12.87
C PRO A 3 -7.24 -20.38 13.56
N GLU A 4 -6.59 -20.75 14.67
CA GLU A 4 -5.80 -19.78 15.42
C GLU A 4 -4.65 -19.24 14.57
N GLU A 5 -4.04 -20.13 13.78
CA GLU A 5 -2.94 -19.73 12.92
C GLU A 5 -3.43 -18.78 11.82
N ARG A 6 -4.63 -19.05 11.31
CA ARG A 6 -5.20 -18.21 10.26
C ARG A 6 -5.43 -16.79 10.77
N GLU A 7 -5.81 -16.68 12.04
CA GLU A 7 -6.06 -15.38 12.64
C GLU A 7 -4.76 -14.61 12.83
N ARG A 8 -3.72 -15.32 13.22
CA ARG A 8 -2.42 -14.69 13.44
C ARG A 8 -1.88 -14.12 12.14
N MET A 9 -2.11 -14.82 11.03
CA MET A 9 -1.64 -14.37 9.73
C MET A 9 -2.31 -13.06 9.35
N ILE A 10 -3.61 -12.96 9.65
CA ILE A 10 -4.37 -11.75 9.33
C ILE A 10 -3.79 -10.55 10.07
N LYS A 11 -3.45 -10.75 11.34
CA LYS A 11 -2.90 -9.67 12.15
C LYS A 11 -1.53 -9.24 11.61
N GLN A 12 -0.71 -10.23 11.26
CA GLN A 12 0.62 -9.94 10.75
C GLN A 12 0.54 -9.20 9.42
N LEU A 13 -0.35 -9.67 8.54
CA LEU A 13 -0.51 -9.04 7.23
C LEU A 13 -1.01 -7.62 7.38
N LYS A 14 -1.87 -7.40 8.37
CA LYS A 14 -2.42 -6.06 8.61
C LYS A 14 -1.31 -5.09 9.00
N GLU A 15 -0.32 -5.58 9.72
CA GLU A 15 0.79 -4.75 10.16
C GLU A 15 1.56 -4.23 8.96
N GLU A 16 1.86 -5.12 8.02
CA GLU A 16 2.60 -4.74 6.83
C GLU A 16 1.71 -3.92 5.89
N LEU A 17 0.41 -4.08 6.03
CA LEU A 17 -0.54 -3.36 5.19
C LEU A 17 -0.41 -1.86 5.39
N ARG A 18 -0.38 -1.44 6.65
CA ARG A 18 -0.27 -0.02 6.98
C ARG A 18 1.06 0.55 6.49
N LEU A 19 2.13 -0.20 6.73
CA LEU A 19 3.46 0.23 6.30
C LEU A 19 3.53 0.28 4.78
N GLU A 20 2.94 -0.71 4.12
CA GLU A 20 2.94 -0.77 2.67
C GLU A 20 2.23 0.45 2.08
N GLU A 21 1.14 0.86 2.73
CA GLU A 21 0.37 2.01 2.26
C GLU A 21 1.16 3.30 2.50
N ALA A 22 1.79 3.40 3.66
CA ALA A 22 2.57 4.57 3.99
C ALA A 22 3.50 4.95 2.84
N LYS A 23 4.27 3.98 2.36
CA LYS A 23 5.19 4.22 1.26
C LYS A 23 4.44 4.70 0.02
N LEU A 24 3.28 4.10 -0.23
CA LEU A 24 2.46 4.48 -1.38
C LEU A 24 2.04 5.94 -1.28
N VAL A 25 1.50 6.32 -0.12
CA VAL A 25 1.07 7.70 0.09
C VAL A 25 2.26 8.65 -0.04
N LEU A 26 3.38 8.29 0.58
CA LEU A 26 4.58 9.11 0.53
C LEU A 26 5.07 9.24 -0.90
N LEU A 27 5.07 8.12 -1.62
CA LEU A 27 5.52 8.11 -3.01
C LEU A 27 4.67 9.05 -3.86
N LYS A 28 3.37 9.04 -3.60
CA LYS A 28 2.45 9.90 -4.34
C LYS A 28 2.86 11.37 -4.21
N LYS A 29 3.13 11.79 -2.98
CA LYS A 29 3.56 13.16 -2.73
C LYS A 29 4.84 13.47 -3.49
N LEU A 30 5.74 12.49 -3.55
CA LEU A 30 7.01 12.67 -4.25
C LEU A 30 6.76 12.91 -5.73
N ARG A 31 5.82 12.16 -6.30
CA ARG A 31 5.50 12.29 -7.72
C ARG A 31 4.90 13.66 -8.00
N GLN A 32 3.98 14.08 -7.14
CA GLN A 32 3.32 15.38 -7.31
C GLN A 32 4.35 16.50 -7.29
N SER A 33 5.46 16.27 -6.58
CA SER A 33 6.51 17.28 -6.47
C SER A 33 7.12 17.55 -7.85
N GLN A 34 7.55 16.50 -8.52
CA GLN A 34 8.15 16.64 -9.85
C GLN A 34 7.24 17.47 -10.75
N ILE A 35 6.00 17.65 -10.33
CA ILE A 35 5.04 18.42 -11.13
C ILE A 35 4.94 19.84 -10.59
N GLN A 36 5.00 19.99 -9.27
CA GLN A 36 4.91 21.30 -8.65
C GLN A 36 6.17 22.11 -8.92
N LYS A 37 5.99 23.36 -9.34
CA LYS A 37 7.12 24.22 -9.65
C LYS A 37 7.62 24.90 -8.37
N GLU A 38 8.92 25.13 -8.30
CA GLU A 38 9.52 25.78 -7.14
C GLU A 38 8.82 25.33 -5.86
N ALA A 39 8.91 24.03 -5.57
CA ALA A 39 8.28 23.48 -4.37
C ALA A 39 8.93 24.06 -3.12
N THR A 40 8.12 24.27 -2.09
CA THR A 40 8.62 24.81 -0.84
C THR A 40 8.95 23.69 0.14
N ALA A 41 10.17 23.72 0.68
CA ALA A 41 10.60 22.69 1.62
C ALA A 41 11.83 23.16 2.39
N GLN A 42 12.79 23.72 1.66
CA GLN A 42 14.03 24.19 2.29
C GLN A 42 14.47 23.24 3.39
N LYS A 43 14.02 21.99 3.31
CA LYS A 43 14.38 20.99 4.31
C LYS A 43 15.66 20.27 3.91
N GLY B 1 20.73 -0.57 -7.44
CA GLY B 1 20.05 0.07 -8.61
C GLY B 1 20.73 1.39 -8.93
N SER B 2 20.20 2.10 -9.93
CA SER B 2 20.77 3.38 -10.33
C SER B 2 20.43 4.47 -9.31
N LYS B 3 21.24 5.51 -9.28
CA LYS B 3 21.02 6.61 -8.35
C LYS B 3 19.97 7.58 -8.90
N ALA B 4 19.04 7.99 -8.04
CA ALA B 4 17.99 8.91 -8.45
C ALA B 4 17.04 8.24 -9.44
N PHE B 5 16.42 7.15 -8.99
CA PHE B 5 15.48 6.43 -9.85
C PHE B 5 14.18 7.21 -10.02
N ILE B 6 13.86 7.53 -11.27
CA ILE B 6 12.64 8.28 -11.56
C ILE B 6 11.41 7.38 -11.43
N VAL B 7 10.34 7.93 -10.88
CA VAL B 7 9.10 7.17 -10.71
C VAL B 7 8.23 7.29 -11.95
N THR B 8 7.73 6.16 -12.44
CA THR B 8 6.89 6.15 -13.63
C THR B 8 5.42 6.02 -13.24
N ASP B 9 4.54 6.43 -14.15
CA ASP B 9 3.11 6.36 -13.88
C ASP B 9 2.67 4.92 -13.70
N GLU B 10 3.23 4.02 -14.50
CA GLU B 10 2.87 2.61 -14.42
C GLU B 10 3.28 2.04 -13.06
N ASP B 11 4.55 2.21 -12.70
CA ASP B 11 5.05 1.70 -11.43
C ASP B 11 4.09 2.04 -10.30
N ILE B 12 3.48 3.22 -10.39
CA ILE B 12 2.54 3.66 -9.35
C ILE B 12 1.31 2.76 -9.33
N ARG B 13 0.79 2.44 -10.51
CA ARG B 13 -0.39 1.59 -10.61
C ARG B 13 -0.11 0.22 -10.02
N LYS B 14 1.04 -0.36 -10.36
CA LYS B 14 1.41 -1.68 -9.86
C LYS B 14 1.44 -1.69 -8.34
N GLN B 15 1.88 -0.58 -7.75
CA GLN B 15 1.97 -0.48 -6.30
C GLN B 15 0.57 -0.45 -5.68
N GLU B 16 -0.33 0.32 -6.29
CA GLU B 16 -1.70 0.43 -5.80
C GLU B 16 -2.45 -0.88 -6.02
N GLU B 17 -2.25 -1.48 -7.18
CA GLU B 17 -2.91 -2.73 -7.51
C GLU B 17 -2.53 -3.83 -6.52
N ARG B 18 -1.25 -3.89 -6.18
CA ARG B 18 -0.76 -4.89 -5.24
C ARG B 18 -1.42 -4.73 -3.88
N VAL B 19 -1.53 -3.48 -3.43
CA VAL B 19 -2.15 -3.19 -2.14
C VAL B 19 -3.63 -3.56 -2.16
N GLN B 20 -4.31 -3.21 -3.25
CA GLN B 20 -5.74 -3.50 -3.37
C GLN B 20 -5.99 -5.01 -3.25
N GLN B 21 -5.10 -5.80 -3.83
CA GLN B 21 -5.25 -7.25 -3.78
C GLN B 21 -5.14 -7.76 -2.34
N VAL B 22 -4.16 -7.24 -1.60
CA VAL B 22 -3.97 -7.65 -0.22
C VAL B 22 -5.18 -7.29 0.63
N ARG B 23 -5.68 -6.07 0.46
CA ARG B 23 -6.85 -5.62 1.22
C ARG B 23 -8.07 -6.46 0.85
N LYS B 24 -8.23 -6.74 -0.44
CA LYS B 24 -9.37 -7.53 -0.90
C LYS B 24 -9.42 -8.87 -0.16
N LYS B 25 -8.28 -9.52 -0.05
CA LYS B 25 -8.22 -10.81 0.64
C LYS B 25 -8.65 -10.66 2.09
N LEU B 26 -7.90 -9.85 2.85
CA LEU B 26 -8.23 -9.63 4.25
C LEU B 26 -9.74 -9.62 4.46
N GLU B 27 -10.45 -8.95 3.56
CA GLU B 27 -11.90 -8.87 3.66
C GLU B 27 -12.52 -10.26 3.54
N GLU B 28 -11.99 -11.06 2.62
CA GLU B 28 -12.50 -12.41 2.41
C GLU B 28 -12.42 -13.22 3.70
N ALA B 29 -11.26 -13.18 4.35
CA ALA B 29 -11.06 -13.92 5.59
C ALA B 29 -11.93 -13.33 6.70
N LEU B 30 -12.25 -12.04 6.59
CA LEU B 30 -13.08 -11.39 7.59
C LEU B 30 -14.55 -11.74 7.38
N MET B 31 -14.96 -11.87 6.13
CA MET B 31 -16.33 -12.21 5.82
C MET B 31 -16.70 -13.57 6.39
N ALA B 32 -15.85 -14.57 6.11
CA ALA B 32 -16.08 -15.91 6.61
C ALA B 32 -17.53 -16.10 7.03
N ASP B 33 -18.45 -15.75 6.13
CA ASP B 33 -19.88 -15.88 6.41
C ASP B 33 -20.30 -17.34 6.33
N ILE B 34 -19.50 -18.15 5.65
CA ILE B 34 -19.81 -19.56 5.51
C ILE B 34 -18.53 -20.39 5.48
N LEU B 35 -17.80 -20.38 6.59
CA LEU B 35 -16.56 -21.14 6.69
C LEU B 35 -15.79 -21.07 5.38
N SER B 36 -15.91 -19.93 4.69
CA SER B 36 -15.21 -19.74 3.42
C SER B 36 -15.32 -20.99 2.55
N GLY A 1 -6.82 -28.60 14.79
CA GLY A 1 -7.29 -27.26 15.24
C GLY A 1 -6.12 -26.29 15.27
N SER A 2 -6.22 -25.23 14.47
CA SER A 2 -5.16 -24.23 14.43
C SER A 2 -5.72 -22.86 14.04
N PRO A 3 -6.75 -22.43 14.71
CA PRO A 3 -7.39 -21.11 14.44
C PRO A 3 -6.44 -19.94 14.70
N GLU A 4 -5.44 -20.17 15.53
CA GLU A 4 -4.47 -19.13 15.85
C GLU A 4 -3.66 -18.77 14.61
N GLU A 5 -3.37 -19.76 13.78
CA GLU A 5 -2.59 -19.53 12.57
C GLU A 5 -3.32 -18.59 11.63
N ARG A 6 -4.63 -18.80 11.49
CA ARG A 6 -5.44 -17.95 10.61
C ARG A 6 -5.46 -16.51 11.12
N GLU A 7 -5.62 -16.36 12.43
CA GLU A 7 -5.67 -15.03 13.03
C GLU A 7 -4.31 -14.35 12.91
N ARG A 8 -3.24 -15.10 13.11
CA ARG A 8 -1.89 -14.55 13.02
C ARG A 8 -1.64 -13.97 11.63
N MET A 9 -2.13 -14.66 10.61
CA MET A 9 -1.95 -14.20 9.24
C MET A 9 -2.60 -12.84 9.04
N ILE A 10 -3.78 -12.66 9.61
CA ILE A 10 -4.50 -11.39 9.49
C ILE A 10 -3.71 -10.27 10.14
N LYS A 11 -3.15 -10.54 11.32
CA LYS A 11 -2.38 -9.53 12.03
C LYS A 11 -1.08 -9.23 11.29
N GLN A 12 -0.40 -10.28 10.85
CA GLN A 12 0.86 -10.11 10.13
C GLN A 12 0.63 -9.38 8.81
N LEU A 13 -0.36 -9.82 8.06
CA LEU A 13 -0.67 -9.20 6.77
C LEU A 13 -1.11 -7.76 6.97
N LYS A 14 -1.79 -7.49 8.07
CA LYS A 14 -2.27 -6.15 8.36
C LYS A 14 -1.10 -5.20 8.56
N GLU A 15 -0.04 -5.70 9.18
CA GLU A 15 1.14 -4.88 9.44
C GLU A 15 1.79 -4.45 8.13
N GLU A 16 1.92 -5.39 7.20
CA GLU A 16 2.52 -5.09 5.91
C GLU A 16 1.65 -4.11 5.12
N LEU A 17 0.33 -4.26 5.26
CA LEU A 17 -0.61 -3.40 4.55
C LEU A 17 -0.38 -1.94 4.93
N ARG A 18 -0.14 -1.70 6.21
CA ARG A 18 0.08 -0.34 6.69
C ARG A 18 1.39 0.22 6.14
N LEU A 19 2.44 -0.59 6.19
CA LEU A 19 3.73 -0.16 5.69
C LEU A 19 3.70 0.03 4.18
N GLU A 20 3.05 -0.91 3.49
CA GLU A 20 2.95 -0.84 2.04
C GLU A 20 2.15 0.39 1.62
N GLU A 21 1.18 0.77 2.44
CA GLU A 21 0.35 1.93 2.15
C GLU A 21 1.11 3.21 2.45
N ALA A 22 1.83 3.23 3.58
CA ALA A 22 2.59 4.40 3.97
C ALA A 22 3.53 4.83 2.84
N LYS A 23 4.31 3.89 2.33
CA LYS A 23 5.23 4.17 1.24
C LYS A 23 4.47 4.60 -0.01
N LEU A 24 3.32 3.97 -0.24
CA LEU A 24 2.51 4.30 -1.41
C LEU A 24 2.05 5.76 -1.36
N VAL A 25 1.52 6.16 -0.20
CA VAL A 25 1.06 7.53 -0.02
C VAL A 25 2.20 8.51 -0.23
N LEU A 26 3.35 8.22 0.37
CA LEU A 26 4.51 9.09 0.24
C LEU A 26 4.97 9.14 -1.20
N LEU A 27 4.96 7.99 -1.88
CA LEU A 27 5.36 7.93 -3.28
C LEU A 27 4.49 8.83 -4.14
N LYS A 28 3.19 8.82 -3.84
CA LYS A 28 2.25 9.65 -4.59
C LYS A 28 2.62 11.13 -4.47
N LYS A 29 2.93 11.55 -3.25
CA LYS A 29 3.30 12.94 -3.02
C LYS A 29 4.59 13.28 -3.76
N LEU A 30 5.51 12.33 -3.79
CA LEU A 30 6.79 12.54 -4.47
C LEU A 30 6.56 12.75 -5.96
N ARG A 31 5.63 12.00 -6.53
CA ARG A 31 5.34 12.11 -7.95
C ARG A 31 4.80 13.50 -8.29
N GLN A 32 3.88 13.99 -7.45
CA GLN A 32 3.29 15.30 -7.67
C GLN A 32 4.25 16.40 -7.27
N SER A 33 5.26 16.04 -6.49
CA SER A 33 6.24 17.02 -6.02
C SER A 33 7.40 17.12 -7.00
N GLN A 34 7.54 16.10 -7.85
CA GLN A 34 8.61 16.08 -8.83
C GLN A 34 8.83 17.45 -9.44
N ILE A 35 7.71 18.11 -9.77
CA ILE A 35 7.79 19.45 -10.36
C ILE A 35 8.43 20.44 -9.38
N GLN A 36 8.02 20.36 -8.12
CA GLN A 36 8.56 21.24 -7.10
C GLN A 36 10.01 20.90 -6.80
N LYS A 37 10.91 21.87 -6.99
CA LYS A 37 12.32 21.65 -6.74
C LYS A 37 12.68 22.01 -5.30
N GLU A 38 12.91 23.30 -5.06
CA GLU A 38 13.27 23.77 -3.73
C GLU A 38 12.02 24.14 -2.94
N ALA A 39 10.90 24.22 -3.63
CA ALA A 39 9.63 24.56 -2.99
C ALA A 39 9.22 23.48 -2.00
N THR A 40 8.62 23.89 -0.89
CA THR A 40 8.19 22.94 0.14
C THR A 40 6.78 22.44 -0.17
N ALA A 41 6.60 21.13 -0.12
CA ALA A 41 5.30 20.53 -0.39
C ALA A 41 4.28 20.97 0.65
N GLN A 42 3.05 21.21 0.21
CA GLN A 42 1.99 21.66 1.12
C GLN A 42 2.55 22.60 2.17
N LYS A 43 2.80 23.84 1.77
CA LYS A 43 3.34 24.84 2.69
C LYS A 43 2.38 25.05 3.86
N GLY B 1 25.41 4.69 -8.55
CA GLY B 1 24.84 5.21 -9.83
C GLY B 1 23.36 5.56 -9.62
N SER B 2 22.83 5.22 -8.46
CA SER B 2 21.44 5.50 -8.15
C SER B 2 21.17 7.00 -8.23
N LYS B 3 22.08 7.79 -7.66
CA LYS B 3 21.92 9.24 -7.66
C LYS B 3 20.46 9.62 -7.51
N ALA B 4 19.84 10.03 -8.61
CA ALA B 4 18.44 10.43 -8.58
C ALA B 4 17.53 9.21 -8.43
N PHE B 5 16.22 9.45 -8.46
CA PHE B 5 15.26 8.36 -8.32
C PHE B 5 13.96 8.69 -9.05
N ILE B 6 14.01 8.59 -10.38
CA ILE B 6 12.83 8.89 -11.19
C ILE B 6 11.74 7.84 -10.96
N VAL B 7 10.51 8.30 -10.79
CA VAL B 7 9.39 7.40 -10.56
C VAL B 7 8.49 7.33 -11.79
N THR B 8 8.08 6.13 -12.15
CA THR B 8 7.23 5.94 -13.31
C THR B 8 5.79 5.64 -12.88
N ASP B 9 4.84 5.90 -13.78
CA ASP B 9 3.43 5.67 -13.48
C ASP B 9 3.19 4.20 -13.16
N GLU B 10 3.78 3.32 -13.96
CA GLU B 10 3.62 1.88 -13.76
C GLU B 10 4.10 1.48 -12.38
N ASP B 11 4.84 2.38 -11.73
CA ASP B 11 5.37 2.10 -10.40
C ASP B 11 4.31 2.31 -9.34
N ILE B 12 3.52 3.38 -9.49
CA ILE B 12 2.48 3.70 -8.53
C ILE B 12 1.19 2.93 -8.87
N ARG B 13 0.89 2.83 -10.16
CA ARG B 13 -0.31 2.14 -10.60
C ARG B 13 -0.22 0.65 -10.26
N LYS B 14 0.97 0.09 -10.40
CA LYS B 14 1.17 -1.34 -10.12
C LYS B 14 1.30 -1.58 -8.62
N GLN B 15 1.76 -0.57 -7.90
CA GLN B 15 1.92 -0.69 -6.45
C GLN B 15 0.57 -0.65 -5.75
N GLU B 16 -0.35 0.14 -6.29
CA GLU B 16 -1.68 0.26 -5.70
C GLU B 16 -2.47 -1.03 -5.90
N GLU B 17 -2.28 -1.67 -7.04
CA GLU B 17 -2.98 -2.91 -7.33
C GLU B 17 -2.62 -4.00 -6.33
N ARG B 18 -1.34 -4.05 -5.97
CA ARG B 18 -0.87 -5.04 -5.01
C ARG B 18 -1.55 -4.86 -3.67
N VAL B 19 -1.70 -3.60 -3.26
CA VAL B 19 -2.32 -3.30 -1.97
C VAL B 19 -3.81 -3.62 -2.01
N GLN B 20 -4.45 -3.31 -3.14
CA GLN B 20 -5.87 -3.56 -3.29
C GLN B 20 -6.18 -5.06 -3.18
N GLN B 21 -5.28 -5.88 -3.72
CA GLN B 21 -5.46 -7.32 -3.68
C GLN B 21 -5.30 -7.85 -2.26
N VAL B 22 -4.28 -7.36 -1.57
CA VAL B 22 -4.01 -7.78 -0.20
C VAL B 22 -5.17 -7.38 0.72
N ARG B 23 -5.64 -6.15 0.56
CA ARG B 23 -6.74 -5.65 1.39
C ARG B 23 -8.02 -6.44 1.11
N LYS B 24 -8.25 -6.74 -0.17
CA LYS B 24 -9.44 -7.49 -0.57
C LYS B 24 -9.55 -8.78 0.24
N LYS B 25 -8.43 -9.49 0.35
CA LYS B 25 -8.40 -10.75 1.09
C LYS B 25 -8.80 -10.51 2.55
N LEU B 26 -8.03 -9.69 3.25
CA LEU B 26 -8.31 -9.37 4.64
C LEU B 26 -9.81 -9.32 4.87
N GLU B 27 -10.53 -8.67 3.95
CA GLU B 27 -11.98 -8.56 4.07
C GLU B 27 -12.63 -9.92 3.95
N GLU B 28 -12.12 -10.75 3.05
CA GLU B 28 -12.66 -12.08 2.83
C GLU B 28 -12.56 -12.91 4.10
N ALA B 29 -11.46 -12.75 4.82
CA ALA B 29 -11.24 -13.50 6.06
C ALA B 29 -12.17 -12.99 7.15
N LEU B 30 -12.65 -11.77 6.99
CA LEU B 30 -13.54 -11.17 7.98
C LEU B 30 -14.99 -11.57 7.70
N MET B 31 -15.30 -11.78 6.42
CA MET B 31 -16.65 -12.17 6.03
C MET B 31 -16.90 -13.63 6.33
N ALA B 32 -15.85 -14.33 6.76
CA ALA B 32 -15.97 -15.75 7.08
C ALA B 32 -17.18 -16.00 7.99
N ASP B 33 -16.91 -16.47 9.20
CA ASP B 33 -17.98 -16.74 10.15
C ASP B 33 -18.76 -15.47 10.47
N ILE B 34 -18.03 -14.41 10.82
CA ILE B 34 -18.66 -13.13 11.14
C ILE B 34 -17.62 -12.01 11.18
N LEU B 35 -16.97 -11.85 12.32
CA LEU B 35 -15.95 -10.82 12.47
C LEU B 35 -14.63 -11.44 12.92
N SER B 36 -13.69 -11.55 11.99
CA SER B 36 -12.38 -12.12 12.31
C SER B 36 -12.54 -13.38 13.15
N GLY A 1 -8.22 -26.79 11.15
CA GLY A 1 -7.55 -25.57 10.63
C GLY A 1 -7.13 -24.67 11.79
N SER A 2 -5.93 -24.89 12.30
CA SER A 2 -5.43 -24.10 13.41
C SER A 2 -6.07 -22.72 13.43
N PRO A 3 -7.15 -22.57 14.15
CA PRO A 3 -7.88 -21.28 14.25
C PRO A 3 -6.96 -20.13 14.68
N GLU A 4 -6.04 -20.42 15.58
CA GLU A 4 -5.10 -19.41 16.07
C GLU A 4 -4.20 -18.94 14.93
N GLU A 5 -3.78 -19.87 14.08
CA GLU A 5 -2.91 -19.54 12.96
C GLU A 5 -3.64 -18.62 11.98
N ARG A 6 -4.93 -18.89 11.76
CA ARG A 6 -5.72 -18.09 10.85
C ARG A 6 -5.79 -16.64 11.33
N GLU A 7 -6.04 -16.47 12.63
CA GLU A 7 -6.13 -15.13 13.21
C GLU A 7 -4.77 -14.45 13.20
N ARG A 8 -3.72 -15.23 13.44
CA ARG A 8 -2.37 -14.69 13.47
C ARG A 8 -2.00 -14.08 12.11
N MET A 9 -2.36 -14.78 11.04
CA MET A 9 -2.08 -14.30 9.70
C MET A 9 -2.76 -12.96 9.45
N ILE A 10 -4.00 -12.84 9.92
CA ILE A 10 -4.76 -11.60 9.74
C ILE A 10 -4.10 -10.45 10.48
N LYS A 11 -3.66 -10.71 11.71
CA LYS A 11 -3.01 -9.69 12.51
C LYS A 11 -1.68 -9.29 11.89
N GLN A 12 -0.88 -10.29 11.53
CA GLN A 12 0.43 -10.03 10.94
C GLN A 12 0.27 -9.36 9.58
N LEU A 13 -0.70 -9.83 8.80
CA LEU A 13 -0.95 -9.27 7.48
C LEU A 13 -1.39 -7.82 7.58
N LYS A 14 -2.20 -7.53 8.60
CA LYS A 14 -2.71 -6.17 8.80
C LYS A 14 -1.55 -5.20 9.02
N GLU A 15 -0.52 -5.67 9.73
CA GLU A 15 0.63 -4.82 10.01
C GLU A 15 1.34 -4.43 8.72
N GLU A 16 1.65 -5.42 7.90
CA GLU A 16 2.33 -5.18 6.63
C GLU A 16 1.46 -4.31 5.72
N LEU A 17 0.15 -4.48 5.84
CA LEU A 17 -0.78 -3.72 5.01
C LEU A 17 -0.61 -2.23 5.24
N ARG A 18 -0.49 -1.84 6.51
CA ARG A 18 -0.31 -0.43 6.86
C ARG A 18 0.99 0.10 6.26
N LEU A 19 2.04 -0.72 6.31
CA LEU A 19 3.34 -0.31 5.78
C LEU A 19 3.25 -0.14 4.26
N GLU A 20 2.51 -1.02 3.61
CA GLU A 20 2.35 -0.95 2.16
C GLU A 20 1.64 0.34 1.76
N GLU A 21 0.67 0.75 2.56
CA GLU A 21 -0.08 1.96 2.29
C GLU A 21 0.77 3.20 2.57
N ALA A 22 1.51 3.15 3.68
CA ALA A 22 2.36 4.28 4.06
C ALA A 22 3.30 4.64 2.92
N LYS A 23 4.09 3.67 2.48
CA LYS A 23 5.03 3.90 1.39
C LYS A 23 4.31 4.40 0.15
N LEU A 24 3.13 3.83 -0.11
CA LEU A 24 2.34 4.22 -1.27
C LEU A 24 1.97 5.70 -1.21
N VAL A 25 1.42 6.11 -0.06
CA VAL A 25 1.02 7.50 0.11
C VAL A 25 2.21 8.43 -0.10
N LEU A 26 3.34 8.08 0.52
CA LEU A 26 4.54 8.89 0.40
C LEU A 26 5.01 8.95 -1.06
N LEU A 27 4.95 7.80 -1.73
CA LEU A 27 5.36 7.74 -3.13
C LEU A 27 4.55 8.74 -3.96
N LYS A 28 3.26 8.83 -3.70
CA LYS A 28 2.40 9.75 -4.42
C LYS A 28 2.87 11.19 -4.22
N LYS A 29 3.22 11.52 -2.98
CA LYS A 29 3.68 12.86 -2.66
C LYS A 29 4.95 13.19 -3.45
N LEU A 30 5.81 12.19 -3.63
CA LEU A 30 7.05 12.39 -4.37
C LEU A 30 6.75 12.79 -5.81
N ARG A 31 5.74 12.16 -6.39
CA ARG A 31 5.37 12.45 -7.77
C ARG A 31 4.91 13.90 -7.91
N GLN A 32 4.12 14.35 -6.95
CA GLN A 32 3.62 15.72 -6.97
C GLN A 32 4.70 16.70 -6.50
N SER A 33 5.70 16.18 -5.80
CA SER A 33 6.77 17.02 -5.29
C SER A 33 7.57 17.63 -6.43
N GLN A 34 7.68 16.89 -7.53
CA GLN A 34 8.41 17.38 -8.69
C GLN A 34 7.67 18.53 -9.36
N ILE A 35 6.58 18.19 -10.05
CA ILE A 35 5.78 19.20 -10.73
C ILE A 35 5.23 20.20 -9.73
N GLN A 36 4.72 19.70 -8.60
CA GLN A 36 4.16 20.56 -7.58
C GLN A 36 3.09 21.49 -8.17
N LYS A 37 2.72 22.52 -7.41
CA LYS A 37 1.72 23.46 -7.87
C LYS A 37 2.01 23.91 -9.30
N GLU A 38 0.95 24.18 -10.06
CA GLU A 38 1.10 24.62 -11.44
C GLU A 38 2.32 25.53 -11.58
N ALA A 39 2.95 25.49 -12.75
CA ALA A 39 4.12 26.31 -13.01
C ALA A 39 3.77 27.79 -12.93
N THR A 40 4.73 28.60 -12.50
CA THR A 40 4.51 30.04 -12.38
C THR A 40 4.18 30.64 -13.74
N ALA A 41 4.96 30.27 -14.74
CA ALA A 41 4.75 30.78 -16.10
C ALA A 41 5.44 29.89 -17.12
N GLN A 42 6.67 29.47 -16.81
CA GLN A 42 7.42 28.61 -17.72
C GLN A 42 6.96 27.17 -17.59
N LYS A 43 6.70 26.53 -18.74
CA LYS A 43 6.25 25.15 -18.74
C LYS A 43 7.35 24.23 -18.21
N GLY B 1 23.76 10.90 -18.10
CA GLY B 1 22.49 11.23 -17.42
C GLY B 1 22.54 10.72 -15.98
N SER B 2 21.68 11.29 -15.13
CA SER B 2 21.64 10.89 -13.72
C SER B 2 20.57 9.83 -13.49
N LYS B 3 20.94 8.75 -12.82
CA LYS B 3 20.00 7.67 -12.54
C LYS B 3 18.87 8.17 -11.63
N ALA B 4 19.23 8.98 -10.64
CA ALA B 4 18.24 9.51 -9.71
C ALA B 4 17.19 8.46 -9.40
N PHE B 5 16.04 8.92 -8.90
CA PHE B 5 14.95 8.01 -8.56
C PHE B 5 13.68 8.40 -9.31
N ILE B 6 13.75 8.41 -10.63
CA ILE B 6 12.59 8.77 -11.45
C ILE B 6 11.50 7.73 -11.31
N VAL B 7 10.26 8.19 -11.21
CA VAL B 7 9.12 7.28 -11.07
C VAL B 7 8.20 7.39 -12.29
N THR B 8 7.67 6.24 -12.73
CA THR B 8 6.79 6.22 -13.88
C THR B 8 5.33 6.13 -13.43
N ASP B 9 4.42 6.62 -14.27
CA ASP B 9 3.01 6.59 -13.95
C ASP B 9 2.51 5.17 -13.80
N GLU B 10 2.95 4.29 -14.70
CA GLU B 10 2.53 2.88 -14.65
C GLU B 10 3.10 2.20 -13.41
N ASP B 11 4.42 2.28 -13.23
CA ASP B 11 5.07 1.66 -12.09
C ASP B 11 4.29 1.95 -10.81
N ILE B 12 3.77 3.17 -10.69
CA ILE B 12 3.01 3.55 -9.51
C ILE B 12 1.69 2.79 -9.45
N ARG B 13 1.01 2.69 -10.59
CA ARG B 13 -0.25 1.98 -10.66
C ARG B 13 -0.10 0.52 -10.23
N LYS B 14 0.95 -0.12 -10.74
CA LYS B 14 1.21 -1.52 -10.41
C LYS B 14 1.41 -1.68 -8.91
N GLN B 15 1.98 -0.66 -8.27
CA GLN B 15 2.23 -0.71 -6.83
C GLN B 15 0.92 -0.69 -6.06
N GLU B 16 -0.02 0.14 -6.51
CA GLU B 16 -1.33 0.24 -5.86
C GLU B 16 -2.12 -1.05 -6.06
N GLU B 17 -1.99 -1.63 -7.25
CA GLU B 17 -2.70 -2.87 -7.56
C GLU B 17 -2.30 -3.98 -6.60
N ARG B 18 -1.00 -4.07 -6.31
CA ARG B 18 -0.50 -5.10 -5.42
C ARG B 18 -1.12 -4.95 -4.02
N VAL B 19 -1.21 -3.71 -3.56
CA VAL B 19 -1.78 -3.43 -2.24
C VAL B 19 -3.26 -3.78 -2.22
N GLN B 20 -3.97 -3.44 -3.29
CA GLN B 20 -5.39 -3.71 -3.38
C GLN B 20 -5.66 -5.22 -3.22
N GLN B 21 -4.76 -6.03 -3.75
CA GLN B 21 -4.91 -7.48 -3.67
C GLN B 21 -4.88 -7.93 -2.22
N VAL B 22 -3.96 -7.36 -1.44
CA VAL B 22 -3.82 -7.71 -0.04
C VAL B 22 -5.10 -7.38 0.72
N ARG B 23 -5.65 -6.21 0.46
CA ARG B 23 -6.88 -5.78 1.12
C ARG B 23 -8.03 -6.71 0.76
N LYS B 24 -8.10 -7.10 -0.51
CA LYS B 24 -9.15 -7.98 -0.97
C LYS B 24 -9.23 -9.23 -0.11
N LYS B 25 -8.08 -9.86 0.11
CA LYS B 25 -8.02 -11.06 0.94
C LYS B 25 -8.27 -10.72 2.41
N LEU B 26 -7.48 -9.81 2.94
CA LEU B 26 -7.64 -9.40 4.33
C LEU B 26 -9.11 -9.29 4.70
N GLU B 27 -9.85 -8.52 3.90
CA GLU B 27 -11.28 -8.33 4.14
C GLU B 27 -12.02 -9.65 3.95
N GLU B 28 -11.63 -10.41 2.94
CA GLU B 28 -12.27 -11.69 2.66
C GLU B 28 -12.25 -12.58 3.89
N ALA B 29 -11.11 -12.62 4.57
CA ALA B 29 -10.99 -13.44 5.77
C ALA B 29 -11.79 -12.83 6.92
N LEU B 30 -12.07 -11.54 6.81
CA LEU B 30 -12.85 -10.85 7.83
C LEU B 30 -14.34 -11.09 7.64
N MET B 31 -14.77 -11.12 6.38
CA MET B 31 -16.18 -11.34 6.06
C MET B 31 -16.62 -12.70 6.56
N ALA B 32 -15.88 -13.74 6.18
CA ALA B 32 -16.21 -15.09 6.60
C ALA B 32 -17.68 -15.20 6.96
N ASP B 33 -18.53 -14.61 6.13
CA ASP B 33 -19.97 -14.65 6.39
C ASP B 33 -20.63 -15.78 5.59
N ILE B 34 -19.85 -16.41 4.73
CA ILE B 34 -20.35 -17.52 3.91
C ILE B 34 -19.27 -18.56 3.69
N LEU B 35 -18.04 -18.10 3.53
CA LEU B 35 -16.91 -19.02 3.31
C LEU B 35 -16.45 -19.63 4.63
N SER B 36 -15.74 -18.83 5.42
CA SER B 36 -15.25 -19.31 6.71
C SER B 36 -14.34 -20.51 6.53
N GLY A 1 -3.42 -26.29 16.58
CA GLY A 1 -4.61 -25.44 16.29
C GLY A 1 -4.47 -24.81 14.92
N SER A 2 -5.53 -24.91 14.11
CA SER A 2 -5.51 -24.35 12.76
C SER A 2 -6.08 -22.94 12.76
N PRO A 3 -7.18 -22.74 13.44
CA PRO A 3 -7.86 -21.42 13.52
C PRO A 3 -6.92 -20.32 14.03
N GLU A 4 -6.05 -20.68 14.96
CA GLU A 4 -5.10 -19.73 15.53
C GLU A 4 -4.19 -19.18 14.43
N GLU A 5 -3.81 -20.04 13.50
CA GLU A 5 -2.94 -19.63 12.40
C GLU A 5 -3.65 -18.63 11.50
N ARG A 6 -4.94 -18.86 11.27
CA ARG A 6 -5.72 -17.96 10.43
C ARG A 6 -5.79 -16.56 11.04
N GLU A 7 -5.99 -16.50 12.34
CA GLU A 7 -6.08 -15.23 13.05
C GLU A 7 -4.71 -14.54 13.08
N ARG A 8 -3.67 -15.33 13.33
CA ARG A 8 -2.32 -14.79 13.40
C ARG A 8 -1.91 -14.19 12.06
N MET A 9 -2.25 -14.89 10.98
CA MET A 9 -1.92 -14.41 9.63
C MET A 9 -2.61 -13.07 9.36
N ILE A 10 -3.84 -12.94 9.83
CA ILE A 10 -4.58 -11.70 9.64
C ILE A 10 -3.90 -10.54 10.36
N LYS A 11 -3.46 -10.80 11.58
CA LYS A 11 -2.79 -9.76 12.37
C LYS A 11 -1.48 -9.36 11.72
N GLN A 12 -0.69 -10.36 11.33
CA GLN A 12 0.60 -10.09 10.68
C GLN A 12 0.40 -9.40 9.35
N LEU A 13 -0.65 -9.81 8.62
CA LEU A 13 -0.94 -9.22 7.32
C LEU A 13 -1.29 -7.74 7.46
N LYS A 14 -2.08 -7.43 8.48
CA LYS A 14 -2.50 -6.05 8.72
C LYS A 14 -1.28 -5.15 8.90
N GLU A 15 -0.22 -5.70 9.47
CA GLU A 15 0.99 -4.93 9.70
C GLU A 15 1.60 -4.48 8.38
N GLU A 16 1.74 -5.43 7.45
CA GLU A 16 2.32 -5.12 6.14
C GLU A 16 1.48 -4.06 5.43
N LEU A 17 0.17 -4.11 5.65
CA LEU A 17 -0.73 -3.16 5.02
C LEU A 17 -0.37 -1.73 5.39
N ARG A 18 0.00 -1.53 6.66
CA ARG A 18 0.37 -0.20 7.13
C ARG A 18 1.61 0.29 6.41
N LEU A 19 2.61 -0.58 6.29
CA LEU A 19 3.86 -0.23 5.61
C LEU A 19 3.62 -0.08 4.11
N GLU A 20 2.81 -0.97 3.56
CA GLU A 20 2.52 -0.93 2.12
C GLU A 20 1.79 0.35 1.76
N GLU A 21 0.84 0.75 2.61
CA GLU A 21 0.08 1.97 2.36
C GLU A 21 0.94 3.20 2.63
N ALA A 22 1.69 3.17 3.71
CA ALA A 22 2.56 4.28 4.07
C ALA A 22 3.43 4.67 2.89
N LYS A 23 4.14 3.70 2.32
CA LYS A 23 5.00 3.96 1.17
C LYS A 23 4.18 4.48 0.00
N LEU A 24 2.99 3.93 -0.19
CA LEU A 24 2.13 4.35 -1.27
C LEU A 24 1.81 5.84 -1.17
N VAL A 25 1.37 6.26 0.02
CA VAL A 25 1.06 7.67 0.25
C VAL A 25 2.29 8.53 0.02
N LEU A 26 3.43 8.06 0.51
CA LEU A 26 4.68 8.81 0.34
C LEU A 26 5.02 8.98 -1.13
N LEU A 27 4.90 7.89 -1.88
CA LEU A 27 5.19 7.92 -3.31
C LEU A 27 4.29 8.94 -4.02
N LYS A 28 3.02 8.97 -3.62
CA LYS A 28 2.07 9.89 -4.22
C LYS A 28 2.54 11.34 -4.03
N LYS A 29 2.93 11.67 -2.80
CA LYS A 29 3.40 13.02 -2.51
C LYS A 29 4.67 13.32 -3.29
N LEU A 30 5.56 12.34 -3.37
CA LEU A 30 6.81 12.50 -4.09
C LEU A 30 6.55 12.74 -5.58
N ARG A 31 5.60 11.98 -6.13
CA ARG A 31 5.26 12.11 -7.54
C ARG A 31 4.66 13.48 -7.82
N GLN A 32 3.75 13.92 -6.95
CA GLN A 32 3.12 15.21 -7.12
C GLN A 32 4.14 16.33 -6.99
N SER A 33 5.24 16.06 -6.29
CA SER A 33 6.28 17.06 -6.09
C SER A 33 6.92 17.44 -7.42
N GLN A 34 7.28 16.43 -8.21
CA GLN A 34 7.90 16.68 -9.51
C GLN A 34 6.95 17.44 -10.42
N ILE A 35 5.70 17.57 -9.99
CA ILE A 35 4.69 18.28 -10.77
C ILE A 35 4.60 19.74 -10.33
N GLN A 36 4.40 19.94 -9.03
CA GLN A 36 4.30 21.29 -8.50
C GLN A 36 5.69 21.89 -8.28
N LYS A 37 5.93 23.05 -8.88
CA LYS A 37 7.22 23.71 -8.75
C LYS A 37 7.51 24.06 -7.29
N GLU A 38 6.49 24.56 -6.60
CA GLU A 38 6.64 24.94 -5.19
C GLU A 38 5.79 24.02 -4.32
N ALA A 39 6.45 23.14 -3.57
CA ALA A 39 5.75 22.22 -2.69
C ALA A 39 5.55 22.84 -1.31
N THR A 40 4.35 22.67 -0.76
CA THR A 40 4.05 23.21 0.55
C THR A 40 4.18 22.15 1.63
N ALA A 41 4.96 22.45 2.67
CA ALA A 41 5.17 21.50 3.76
C ALA A 41 6.14 22.08 4.79
N GLN A 42 7.34 21.53 4.84
CA GLN A 42 8.36 21.99 5.78
C GLN A 42 7.82 21.92 7.21
N LYS A 43 7.18 23.00 7.65
CA LYS A 43 6.62 23.04 9.00
C LYS A 43 5.56 24.14 9.10
N GLY B 1 23.88 10.69 -11.09
CA GLY B 1 23.30 10.99 -9.74
C GLY B 1 22.27 9.94 -9.38
N SER B 2 21.12 9.98 -10.07
CA SER B 2 20.05 9.02 -9.82
C SER B 2 19.78 8.91 -8.32
N LYS B 3 19.94 10.02 -7.61
CA LYS B 3 19.71 10.03 -6.16
C LYS B 3 18.25 10.38 -5.86
N ALA B 4 17.53 10.80 -6.89
CA ALA B 4 16.12 11.16 -6.72
C ALA B 4 15.22 10.01 -7.15
N PHE B 5 15.81 8.99 -7.75
CA PHE B 5 15.05 7.83 -8.21
C PHE B 5 13.74 8.27 -8.85
N ILE B 6 13.72 8.33 -10.18
CA ILE B 6 12.52 8.75 -10.90
C ILE B 6 11.43 7.69 -10.78
N VAL B 7 10.19 8.15 -10.64
CA VAL B 7 9.06 7.23 -10.52
C VAL B 7 8.28 7.18 -11.84
N THR B 8 7.90 5.97 -12.24
CA THR B 8 7.16 5.79 -13.48
C THR B 8 5.67 5.63 -13.20
N ASP B 9 4.84 5.95 -14.18
CA ASP B 9 3.40 5.85 -14.02
C ASP B 9 2.99 4.41 -13.78
N GLU B 10 3.57 3.48 -14.53
CA GLU B 10 3.26 2.07 -14.39
C GLU B 10 3.60 1.59 -12.98
N ASP B 11 4.84 1.85 -12.56
CA ASP B 11 5.28 1.45 -11.23
C ASP B 11 4.24 1.82 -10.18
N ILE B 12 3.60 2.97 -10.36
CA ILE B 12 2.58 3.44 -9.43
C ILE B 12 1.35 2.53 -9.48
N ARG B 13 0.93 2.19 -10.70
CA ARG B 13 -0.24 1.33 -10.88
C ARG B 13 -0.01 -0.02 -10.23
N LYS B 14 1.15 -0.62 -10.48
CA LYS B 14 1.48 -1.91 -9.92
C LYS B 14 1.43 -1.87 -8.39
N GLN B 15 1.78 -0.70 -7.83
CA GLN B 15 1.78 -0.54 -6.38
C GLN B 15 0.35 -0.45 -5.86
N GLU B 16 -0.50 0.29 -6.58
CA GLU B 16 -1.89 0.45 -6.17
C GLU B 16 -2.66 -0.84 -6.38
N GLU B 17 -2.49 -1.45 -7.55
CA GLU B 17 -3.19 -2.67 -7.87
C GLU B 17 -2.75 -3.81 -6.95
N ARG B 18 -1.44 -3.91 -6.74
CA ARG B 18 -0.90 -4.96 -5.89
C ARG B 18 -1.43 -4.83 -4.46
N VAL B 19 -1.44 -3.60 -3.96
CA VAL B 19 -1.91 -3.35 -2.60
C VAL B 19 -3.41 -3.61 -2.49
N GLN B 20 -4.16 -3.19 -3.51
CA GLN B 20 -5.60 -3.38 -3.51
C GLN B 20 -5.95 -4.86 -3.45
N GLN B 21 -5.16 -5.68 -4.12
CA GLN B 21 -5.40 -7.12 -4.14
C GLN B 21 -5.25 -7.71 -2.74
N VAL B 22 -4.24 -7.23 -2.02
CA VAL B 22 -4.01 -7.72 -0.65
C VAL B 22 -5.18 -7.38 0.25
N ARG B 23 -5.70 -6.15 0.11
CA ARG B 23 -6.82 -5.72 0.94
C ARG B 23 -8.02 -6.65 0.74
N LYS B 24 -8.26 -7.02 -0.52
CA LYS B 24 -9.38 -7.91 -0.82
C LYS B 24 -9.33 -9.17 0.04
N LYS B 25 -8.16 -9.79 0.08
CA LYS B 25 -7.98 -11.00 0.89
C LYS B 25 -8.05 -10.67 2.37
N LEU B 26 -7.85 -9.40 2.70
CA LEU B 26 -7.89 -8.97 4.10
C LEU B 26 -9.33 -8.90 4.59
N GLU B 27 -10.16 -8.13 3.91
CA GLU B 27 -11.55 -7.99 4.29
C GLU B 27 -12.32 -9.28 4.03
N GLU B 28 -11.92 -9.99 2.98
CA GLU B 28 -12.57 -11.25 2.63
C GLU B 28 -12.42 -12.27 3.75
N ALA B 29 -11.19 -12.42 4.25
CA ALA B 29 -10.92 -13.37 5.32
C ALA B 29 -11.51 -12.86 6.64
N LEU B 30 -11.71 -11.55 6.72
CA LEU B 30 -12.26 -10.96 7.94
C LEU B 30 -13.77 -11.14 7.99
N MET B 31 -14.41 -11.05 6.83
CA MET B 31 -15.86 -11.20 6.75
C MET B 31 -16.26 -12.67 6.82
N ALA B 32 -15.26 -13.55 6.76
CA ALA B 32 -15.52 -14.98 6.80
C ALA B 32 -16.13 -15.38 8.15
N ASP B 33 -15.65 -14.76 9.22
CA ASP B 33 -16.16 -15.05 10.55
C ASP B 33 -17.62 -14.62 10.66
N ILE B 34 -17.90 -13.38 10.33
CA ILE B 34 -19.26 -12.86 10.38
C ILE B 34 -20.15 -13.59 9.38
N LEU B 35 -19.68 -13.70 8.15
CA LEU B 35 -20.44 -14.38 7.11
C LEU B 35 -20.54 -15.87 7.42
N SER B 36 -19.42 -16.47 7.81
CA SER B 36 -19.40 -17.89 8.13
C SER B 36 -18.37 -18.18 9.21
N GLY A 1 -4.37 -28.43 14.10
CA GLY A 1 -3.97 -27.01 14.30
C GLY A 1 -5.03 -26.28 15.12
N SER A 2 -5.20 -25.00 14.86
CA SER A 2 -6.18 -24.20 15.59
C SER A 2 -6.50 -22.92 14.82
N PRO A 3 -7.64 -22.34 15.08
CA PRO A 3 -8.09 -21.09 14.41
C PRO A 3 -7.24 -19.89 14.80
N GLU A 4 -6.55 -20.00 15.94
CA GLU A 4 -5.71 -18.92 16.42
C GLU A 4 -4.58 -18.64 15.42
N GLU A 5 -4.06 -19.70 14.82
CA GLU A 5 -2.97 -19.55 13.85
C GLU A 5 -3.45 -18.79 12.63
N ARG A 6 -4.65 -19.12 12.16
CA ARG A 6 -5.21 -18.44 10.99
C ARG A 6 -5.49 -16.97 11.30
N GLU A 7 -5.95 -16.71 12.51
CA GLU A 7 -6.24 -15.34 12.93
C GLU A 7 -4.95 -14.53 13.08
N ARG A 8 -3.89 -15.19 13.53
CA ARG A 8 -2.62 -14.53 13.72
C ARG A 8 -2.09 -13.97 12.40
N MET A 9 -2.22 -14.78 11.35
CA MET A 9 -1.75 -14.37 10.02
C MET A 9 -2.47 -13.10 9.57
N ILE A 10 -3.78 -13.04 9.83
CA ILE A 10 -4.57 -11.89 9.43
C ILE A 10 -4.08 -10.63 10.15
N LYS A 11 -3.78 -10.76 11.43
CA LYS A 11 -3.30 -9.63 12.22
C LYS A 11 -1.94 -9.17 11.70
N GLN A 12 -1.06 -10.12 11.39
CA GLN A 12 0.27 -9.80 10.88
C GLN A 12 0.16 -9.02 9.58
N LEU A 13 -0.77 -9.44 8.73
CA LEU A 13 -0.96 -8.78 7.43
C LEU A 13 -1.37 -7.33 7.63
N LYS A 14 -2.14 -7.07 8.69
CA LYS A 14 -2.60 -5.72 8.97
C LYS A 14 -1.42 -4.80 9.28
N GLU A 15 -0.42 -5.36 9.93
CA GLU A 15 0.77 -4.59 10.31
C GLU A 15 1.52 -4.13 9.06
N GLU A 16 1.86 -5.08 8.20
CA GLU A 16 2.58 -4.76 6.97
C GLU A 16 1.74 -3.85 6.08
N LEU A 17 0.42 -3.96 6.22
CA LEU A 17 -0.49 -3.14 5.42
C LEU A 17 -0.25 -1.66 5.69
N ARG A 18 -0.07 -1.33 6.98
CA ARG A 18 0.17 0.06 7.36
C ARG A 18 1.45 0.58 6.72
N LEU A 19 2.50 -0.22 6.78
CA LEU A 19 3.79 0.16 6.20
C LEU A 19 3.69 0.21 4.67
N GLU A 20 3.00 -0.77 4.10
CA GLU A 20 2.85 -0.85 2.66
C GLU A 20 2.05 0.33 2.13
N GLU A 21 0.97 0.65 2.84
CA GLU A 21 0.11 1.77 2.44
C GLU A 21 0.80 3.09 2.74
N ALA A 22 1.36 3.20 3.94
CA ALA A 22 2.05 4.42 4.35
C ALA A 22 3.11 4.81 3.32
N LYS A 23 4.01 3.87 3.03
CA LYS A 23 5.06 4.12 2.05
C LYS A 23 4.47 4.47 0.70
N LEU A 24 3.39 3.77 0.33
CA LEU A 24 2.74 4.01 -0.95
C LEU A 24 2.22 5.45 -1.02
N VAL A 25 1.52 5.87 0.04
CA VAL A 25 1.00 7.22 0.10
C VAL A 25 2.14 8.24 0.01
N LEU A 26 3.21 7.99 0.75
CA LEU A 26 4.37 8.88 0.73
C LEU A 26 4.95 8.97 -0.67
N LEU A 27 5.05 7.82 -1.34
CA LEU A 27 5.59 7.78 -2.69
C LEU A 27 4.77 8.68 -3.62
N LYS A 28 3.46 8.67 -3.43
CA LYS A 28 2.57 9.48 -4.26
C LYS A 28 2.93 10.96 -4.14
N LYS A 29 3.14 11.41 -2.90
CA LYS A 29 3.51 12.80 -2.66
C LYS A 29 4.81 13.15 -3.38
N LEU A 30 5.73 12.19 -3.42
CA LEU A 30 7.00 12.40 -4.09
C LEU A 30 6.80 12.65 -5.58
N ARG A 31 5.86 11.92 -6.17
CA ARG A 31 5.55 12.07 -7.59
C ARG A 31 4.96 13.44 -7.87
N GLN A 32 4.04 13.88 -7.01
CA GLN A 32 3.41 15.19 -7.18
C GLN A 32 4.45 16.27 -7.38
N SER A 33 5.57 16.15 -6.67
CA SER A 33 6.64 17.13 -6.78
C SER A 33 7.29 17.06 -8.16
N GLN A 34 7.77 15.88 -8.53
CA GLN A 34 8.41 15.68 -9.82
C GLN A 34 7.58 16.33 -10.92
N ILE A 35 6.27 16.40 -10.71
CA ILE A 35 5.38 16.99 -11.70
C ILE A 35 5.51 18.51 -11.70
N GLN A 36 5.48 19.11 -10.51
CA GLN A 36 5.60 20.56 -10.38
C GLN A 36 5.55 20.97 -8.92
N LYS A 37 6.01 22.19 -8.64
CA LYS A 37 6.01 22.70 -7.27
C LYS A 37 4.59 23.07 -6.84
N GLU A 38 4.28 22.83 -5.57
CA GLU A 38 2.96 23.15 -5.04
C GLU A 38 2.48 24.48 -5.58
N ALA A 39 3.39 25.45 -5.68
CA ALA A 39 3.05 26.77 -6.19
C ALA A 39 2.19 27.52 -5.19
N THR A 40 1.31 28.39 -5.69
CA THR A 40 0.44 29.18 -4.82
C THR A 40 -0.96 28.57 -4.78
N ALA A 41 -1.18 27.55 -5.60
CA ALA A 41 -2.48 26.89 -5.64
C ALA A 41 -2.32 25.43 -6.05
N GLN A 42 -3.38 24.87 -6.63
CA GLN A 42 -3.35 23.47 -7.07
C GLN A 42 -2.76 23.37 -8.48
N LYS A 43 -2.50 24.52 -9.09
CA LYS A 43 -1.93 24.55 -10.43
C LYS A 43 -0.89 23.45 -10.60
N GLY B 1 15.56 5.51 -20.24
CA GLY B 1 16.79 4.73 -19.93
C GLY B 1 17.78 5.60 -19.18
N SER B 2 17.91 5.38 -17.88
CA SER B 2 18.83 6.16 -17.06
C SER B 2 19.21 5.40 -15.80
N LYS B 3 20.28 5.84 -15.15
CA LYS B 3 20.74 5.18 -13.92
C LYS B 3 20.11 5.82 -12.69
N ALA B 4 19.44 6.95 -12.90
CA ALA B 4 18.79 7.66 -11.81
C ALA B 4 17.46 7.02 -11.47
N PHE B 5 16.88 7.42 -10.34
CA PHE B 5 15.59 6.86 -9.91
C PHE B 5 14.45 7.80 -10.30
N ILE B 6 13.64 7.35 -11.24
CA ILE B 6 12.50 8.15 -11.69
C ILE B 6 11.20 7.36 -11.57
N VAL B 7 10.21 7.96 -10.91
CA VAL B 7 8.94 7.30 -10.72
C VAL B 7 8.08 7.40 -11.98
N THR B 8 7.61 6.26 -12.47
CA THR B 8 6.78 6.24 -13.67
C THR B 8 5.31 6.09 -13.30
N ASP B 9 4.43 6.49 -14.21
CA ASP B 9 3.00 6.41 -13.97
C ASP B 9 2.57 4.96 -13.80
N GLU B 10 3.11 4.08 -14.63
CA GLU B 10 2.76 2.67 -14.56
C GLU B 10 3.18 2.08 -13.22
N ASP B 11 4.44 2.25 -12.87
CA ASP B 11 4.95 1.73 -11.60
C ASP B 11 3.99 2.06 -10.46
N ILE B 12 3.38 3.23 -10.53
CA ILE B 12 2.43 3.66 -9.50
C ILE B 12 1.18 2.79 -9.52
N ARG B 13 0.68 2.52 -10.72
CA ARG B 13 -0.52 1.70 -10.88
C ARG B 13 -0.30 0.30 -10.30
N LYS B 14 0.85 -0.29 -10.63
CA LYS B 14 1.18 -1.62 -10.14
C LYS B 14 1.22 -1.64 -8.62
N GLN B 15 1.64 -0.52 -8.03
CA GLN B 15 1.72 -0.42 -6.57
C GLN B 15 0.33 -0.36 -5.96
N GLU B 16 -0.55 0.42 -6.57
CA GLU B 16 -1.92 0.56 -6.07
C GLU B 16 -2.69 -0.75 -6.27
N GLU B 17 -2.53 -1.35 -7.44
CA GLU B 17 -3.22 -2.61 -7.73
C GLU B 17 -2.72 -3.73 -6.83
N ARG B 18 -1.41 -3.76 -6.63
CA ARG B 18 -0.81 -4.80 -5.79
C ARG B 18 -1.35 -4.70 -4.36
N VAL B 19 -1.42 -3.48 -3.84
CA VAL B 19 -1.93 -3.27 -2.49
C VAL B 19 -3.42 -3.60 -2.42
N GLN B 20 -4.16 -3.19 -3.43
CA GLN B 20 -5.60 -3.45 -3.46
C GLN B 20 -5.88 -4.93 -3.34
N GLN B 21 -5.04 -5.74 -3.98
CA GLN B 21 -5.22 -7.20 -3.94
C GLN B 21 -5.08 -7.72 -2.52
N VAL B 22 -4.08 -7.21 -1.80
CA VAL B 22 -3.85 -7.63 -0.42
C VAL B 22 -5.05 -7.28 0.45
N ARG B 23 -5.56 -6.07 0.29
CA ARG B 23 -6.72 -5.64 1.06
C ARG B 23 -7.94 -6.50 0.74
N LYS B 24 -8.12 -6.80 -0.55
CA LYS B 24 -9.25 -7.61 -0.98
C LYS B 24 -9.23 -8.97 -0.28
N LYS B 25 -8.09 -9.63 -0.32
CA LYS B 25 -7.94 -10.94 0.31
C LYS B 25 -8.02 -10.82 1.83
N LEU B 26 -7.84 -9.60 2.32
CA LEU B 26 -7.87 -9.34 3.77
C LEU B 26 -9.30 -9.32 4.28
N GLU B 27 -10.15 -8.55 3.60
CA GLU B 27 -11.55 -8.44 4.00
C GLU B 27 -12.25 -9.78 3.84
N GLU B 28 -11.88 -10.52 2.80
CA GLU B 28 -12.48 -11.82 2.54
C GLU B 28 -12.26 -12.75 3.72
N ALA B 29 -11.02 -12.81 4.21
CA ALA B 29 -10.70 -13.67 5.34
C ALA B 29 -11.49 -13.25 6.57
N LEU B 30 -11.88 -11.98 6.61
CA LEU B 30 -12.63 -11.46 7.75
C LEU B 30 -14.12 -11.76 7.58
N MET B 31 -14.57 -11.81 6.34
CA MET B 31 -15.97 -12.09 6.05
C MET B 31 -16.16 -13.57 5.73
N ALA B 32 -15.06 -14.30 5.59
CA ALA B 32 -15.11 -15.72 5.29
C ALA B 32 -15.92 -16.46 6.35
N ASP B 33 -16.82 -17.33 5.90
CA ASP B 33 -17.66 -18.10 6.83
C ASP B 33 -18.19 -17.19 7.93
N ILE B 34 -18.37 -15.91 7.62
CA ILE B 34 -18.86 -14.96 8.60
C ILE B 34 -17.94 -14.91 9.81
N LEU B 35 -16.96 -15.79 9.84
CA LEU B 35 -16.01 -15.85 10.95
C LEU B 35 -14.69 -16.45 10.50
N SER B 36 -13.65 -15.63 10.44
CA SER B 36 -12.33 -16.10 10.02
C SER B 36 -12.38 -16.63 8.59
N GLY A 1 -2.51 -26.30 11.67
CA GLY A 1 -3.37 -25.19 11.17
C GLY A 1 -4.05 -24.50 12.34
N SER A 2 -5.29 -24.90 12.64
CA SER A 2 -6.02 -24.30 13.75
C SER A 2 -6.43 -22.87 13.41
N PRO A 3 -7.50 -22.42 14.00
CA PRO A 3 -8.01 -21.03 13.76
C PRO A 3 -7.08 -19.96 14.32
N GLU A 4 -6.23 -20.36 15.26
CA GLU A 4 -5.29 -19.43 15.87
C GLU A 4 -4.28 -18.93 14.84
N GLU A 5 -3.81 -19.84 14.00
CA GLU A 5 -2.84 -19.48 12.97
C GLU A 5 -3.48 -18.57 11.92
N ARG A 6 -4.73 -18.88 11.57
CA ARG A 6 -5.44 -18.10 10.58
C ARG A 6 -5.63 -16.66 11.06
N GLU A 7 -5.95 -16.50 12.33
CA GLU A 7 -6.16 -15.18 12.90
C GLU A 7 -4.85 -14.39 12.91
N ARG A 8 -3.76 -15.06 13.27
CA ARG A 8 -2.45 -14.42 13.30
C ARG A 8 -2.08 -13.89 11.93
N MET A 9 -2.38 -14.66 10.90
CA MET A 9 -2.08 -14.25 9.53
C MET A 9 -2.71 -12.89 9.23
N ILE A 10 -3.96 -12.72 9.64
CA ILE A 10 -4.65 -11.46 9.43
C ILE A 10 -3.96 -10.34 10.20
N LYS A 11 -3.54 -10.63 11.42
CA LYS A 11 -2.86 -9.64 12.25
C LYS A 11 -1.52 -9.26 11.63
N GLN A 12 -0.77 -10.25 11.18
CA GLN A 12 0.53 -10.01 10.56
C GLN A 12 0.36 -9.25 9.26
N LEU A 13 -0.63 -9.65 8.46
CA LEU A 13 -0.89 -9.00 7.18
C LEU A 13 -1.27 -7.53 7.40
N LYS A 14 -1.95 -7.26 8.51
CA LYS A 14 -2.37 -5.91 8.81
C LYS A 14 -1.16 -4.99 8.97
N GLU A 15 -0.08 -5.53 9.54
CA GLU A 15 1.13 -4.75 9.76
C GLU A 15 1.73 -4.34 8.41
N GLU A 16 1.94 -5.31 7.53
CA GLU A 16 2.50 -5.03 6.22
C GLU A 16 1.57 -4.13 5.42
N LEU A 17 0.28 -4.25 5.68
CA LEU A 17 -0.72 -3.45 4.97
C LEU A 17 -0.49 -1.96 5.23
N ARG A 18 -0.30 -1.62 6.50
CA ARG A 18 -0.07 -0.22 6.88
C ARG A 18 1.23 0.29 6.27
N LEU A 19 2.29 -0.52 6.36
CA LEU A 19 3.58 -0.14 5.82
C LEU A 19 3.52 -0.04 4.30
N GLU A 20 2.85 -1.01 3.68
CA GLU A 20 2.72 -1.03 2.23
C GLU A 20 2.00 0.23 1.74
N GLU A 21 0.97 0.63 2.47
CA GLU A 21 0.20 1.81 2.10
C GLU A 21 1.00 3.08 2.37
N ALA A 22 1.70 3.10 3.50
CA ALA A 22 2.51 4.26 3.86
C ALA A 22 3.42 4.66 2.71
N LYS A 23 4.15 3.69 2.18
CA LYS A 23 5.06 3.95 1.07
C LYS A 23 4.28 4.47 -0.14
N LEU A 24 3.10 3.92 -0.36
CA LEU A 24 2.28 4.35 -1.49
C LEU A 24 1.93 5.83 -1.37
N VAL A 25 1.48 6.23 -0.19
CA VAL A 25 1.14 7.64 0.05
C VAL A 25 2.37 8.52 -0.18
N LEU A 26 3.52 8.06 0.29
CA LEU A 26 4.76 8.81 0.12
C LEU A 26 5.08 8.99 -1.36
N LEU A 27 4.90 7.92 -2.13
CA LEU A 27 5.18 7.97 -3.56
C LEU A 27 4.33 9.04 -4.23
N LYS A 28 3.08 9.15 -3.80
CA LYS A 28 2.18 10.15 -4.35
C LYS A 28 2.71 11.56 -4.08
N LYS A 29 3.21 11.77 -2.86
CA LYS A 29 3.75 13.07 -2.48
C LYS A 29 4.99 13.38 -3.32
N LEU A 30 5.76 12.35 -3.64
CA LEU A 30 6.97 12.52 -4.44
C LEU A 30 6.61 13.05 -5.83
N ARG A 31 5.53 12.53 -6.40
CA ARG A 31 5.09 12.95 -7.71
C ARG A 31 4.74 14.44 -7.72
N GLN A 32 4.13 14.89 -6.63
CA GLN A 32 3.75 16.30 -6.52
C GLN A 32 4.96 17.15 -6.17
N SER A 33 6.02 16.50 -5.69
CA SER A 33 7.24 17.21 -5.32
C SER A 33 8.13 17.45 -6.54
N GLN A 34 7.86 16.70 -7.61
CA GLN A 34 8.66 16.83 -8.82
C GLN A 34 8.12 17.97 -9.68
N ILE A 35 6.98 18.52 -9.29
CA ILE A 35 6.38 19.62 -10.03
C ILE A 35 7.29 20.85 -10.02
N GLN A 36 7.87 21.14 -8.85
CA GLN A 36 8.76 22.29 -8.72
C GLN A 36 8.00 23.59 -8.92
N LYS A 37 7.00 23.55 -9.80
CA LYS A 37 6.20 24.74 -10.08
C LYS A 37 5.15 24.95 -8.99
N GLU A 38 4.99 26.21 -8.57
CA GLU A 38 4.03 26.53 -7.53
C GLU A 38 3.35 27.86 -7.82
N ALA A 39 4.15 28.85 -8.21
CA ALA A 39 3.62 30.17 -8.52
C ALA A 39 4.75 31.17 -8.78
N THR A 40 5.90 30.92 -8.14
CA THR A 40 7.05 31.80 -8.32
C THR A 40 6.78 33.17 -7.71
N ALA A 41 5.51 33.44 -7.42
CA ALA A 41 5.12 34.73 -6.85
C ALA A 41 3.70 34.67 -6.32
N GLN A 42 3.52 35.08 -5.07
CA GLN A 42 2.20 35.08 -4.45
C GLN A 42 2.12 36.15 -3.37
N LYS A 43 3.06 37.09 -3.40
CA LYS A 43 3.06 38.18 -2.42
C LYS A 43 1.64 38.62 -2.09
N GLY B 1 20.44 19.19 -4.60
CA GLY B 1 20.66 17.82 -5.14
C GLY B 1 19.33 17.16 -5.47
N SER B 2 19.28 16.47 -6.59
CA SER B 2 18.06 15.81 -7.02
C SER B 2 17.70 14.68 -6.07
N LYS B 3 16.40 14.38 -5.97
CA LYS B 3 15.95 13.31 -5.09
C LYS B 3 16.48 11.96 -5.54
N ALA B 4 16.53 11.76 -6.86
CA ALA B 4 17.04 10.51 -7.42
C ALA B 4 15.92 9.46 -7.45
N PHE B 5 16.15 8.39 -8.20
CA PHE B 5 15.17 7.32 -8.31
C PHE B 5 13.83 7.87 -8.79
N ILE B 6 13.70 8.00 -10.11
CA ILE B 6 12.47 8.52 -10.70
C ILE B 6 11.37 7.47 -10.65
N VAL B 7 10.12 7.93 -10.61
CA VAL B 7 8.98 7.01 -10.56
C VAL B 7 8.21 7.05 -11.87
N THR B 8 7.82 5.87 -12.35
CA THR B 8 7.07 5.78 -13.60
C THR B 8 5.58 5.60 -13.33
N ASP B 9 4.75 5.90 -14.32
CA ASP B 9 3.31 5.76 -14.17
C ASP B 9 2.94 4.31 -13.90
N GLU B 10 3.63 3.39 -14.56
CA GLU B 10 3.36 1.96 -14.39
C GLU B 10 3.63 1.54 -12.94
N ASP B 11 4.84 1.81 -12.47
CA ASP B 11 5.22 1.45 -11.12
C ASP B 11 4.15 1.89 -10.12
N ILE B 12 3.55 3.04 -10.38
CA ILE B 12 2.52 3.56 -9.49
C ILE B 12 1.30 2.65 -9.49
N ARG B 13 0.89 2.22 -10.68
CA ARG B 13 -0.28 1.35 -10.79
C ARG B 13 -0.02 0.01 -10.12
N LYS B 14 1.17 -0.54 -10.34
CA LYS B 14 1.53 -1.83 -9.75
C LYS B 14 1.46 -1.74 -8.23
N GLN B 15 1.80 -0.58 -7.67
CA GLN B 15 1.78 -0.39 -6.23
C GLN B 15 0.34 -0.31 -5.72
N GLU B 16 -0.49 0.44 -6.44
CA GLU B 16 -1.89 0.59 -6.04
C GLU B 16 -2.66 -0.71 -6.26
N GLU B 17 -2.44 -1.33 -7.41
CA GLU B 17 -3.12 -2.58 -7.74
C GLU B 17 -2.71 -3.69 -6.78
N ARG B 18 -1.43 -3.73 -6.45
CA ARG B 18 -0.92 -4.76 -5.54
C ARG B 18 -1.58 -4.64 -4.17
N VAL B 19 -1.74 -3.40 -3.70
CA VAL B 19 -2.35 -3.16 -2.40
C VAL B 19 -3.82 -3.59 -2.43
N GLN B 20 -4.50 -3.30 -3.53
CA GLN B 20 -5.90 -3.64 -3.67
C GLN B 20 -6.12 -5.14 -3.51
N GLN B 21 -5.12 -5.92 -3.95
CA GLN B 21 -5.21 -7.37 -3.87
C GLN B 21 -5.14 -7.83 -2.42
N VAL B 22 -4.27 -7.20 -1.65
CA VAL B 22 -4.12 -7.56 -0.24
C VAL B 22 -5.40 -7.28 0.54
N ARG B 23 -5.98 -6.11 0.29
CA ARG B 23 -7.22 -5.72 0.97
C ARG B 23 -8.28 -6.80 0.80
N LYS B 24 -8.42 -7.31 -0.42
CA LYS B 24 -9.41 -8.35 -0.69
C LYS B 24 -9.18 -9.55 0.21
N LYS B 25 -7.99 -10.14 0.13
CA LYS B 25 -7.66 -11.30 0.96
C LYS B 25 -7.90 -10.99 2.43
N LEU B 26 -7.90 -9.71 2.77
CA LEU B 26 -8.12 -9.29 4.15
C LEU B 26 -9.61 -9.25 4.48
N GLU B 27 -10.36 -8.55 3.64
CA GLU B 27 -11.81 -8.43 3.86
C GLU B 27 -12.47 -9.80 3.74
N GLU B 28 -12.02 -10.58 2.76
CA GLU B 28 -12.60 -11.91 2.54
C GLU B 28 -12.45 -12.78 3.80
N ALA B 29 -11.21 -12.96 4.23
CA ALA B 29 -10.95 -13.78 5.42
C ALA B 29 -11.55 -13.13 6.66
N LEU B 30 -11.66 -11.81 6.63
CA LEU B 30 -12.23 -11.07 7.75
C LEU B 30 -13.72 -11.34 7.88
N MET B 31 -14.41 -11.34 6.74
CA MET B 31 -15.85 -11.58 6.73
C MET B 31 -16.17 -12.95 7.31
N ALA B 32 -15.43 -13.96 6.84
CA ALA B 32 -15.64 -15.32 7.33
C ALA B 32 -17.07 -15.51 7.82
N ASP B 33 -17.21 -15.91 9.08
CA ASP B 33 -18.52 -16.13 9.66
C ASP B 33 -19.33 -14.83 9.65
N ILE B 34 -18.66 -13.72 9.93
CA ILE B 34 -19.31 -12.42 9.96
C ILE B 34 -18.29 -11.29 9.99
N LEU B 35 -17.33 -11.41 10.90
CA LEU B 35 -16.28 -10.39 11.02
C LEU B 35 -15.25 -10.81 12.06
N SER B 36 -14.18 -11.45 11.58
CA SER B 36 -13.11 -11.89 12.48
C SER B 36 -12.33 -10.71 13.02
N GLY A 1 -6.55 -29.36 12.26
CA GLY A 1 -7.33 -28.14 12.64
C GLY A 1 -6.40 -27.10 13.25
N SER A 2 -6.20 -26.00 12.54
CA SER A 2 -5.32 -24.93 13.01
C SER A 2 -5.88 -23.58 12.62
N PRO A 3 -7.09 -23.28 13.03
CA PRO A 3 -7.76 -21.98 12.73
C PRO A 3 -7.07 -20.80 13.41
N GLU A 4 -6.29 -21.09 14.44
CA GLU A 4 -5.57 -20.04 15.16
C GLU A 4 -4.51 -19.41 14.27
N GLU A 5 -3.88 -20.23 13.44
CA GLU A 5 -2.85 -19.73 12.53
C GLU A 5 -3.46 -18.79 11.49
N ARG A 6 -4.68 -19.10 11.07
CA ARG A 6 -5.36 -18.29 10.07
C ARG A 6 -5.57 -16.87 10.59
N GLU A 7 -5.93 -16.76 11.87
CA GLU A 7 -6.15 -15.47 12.49
C GLU A 7 -4.85 -14.69 12.61
N ARG A 8 -3.79 -15.39 13.02
CA ARG A 8 -2.49 -14.77 13.18
C ARG A 8 -1.99 -14.22 11.85
N MET A 9 -2.24 -14.96 10.78
CA MET A 9 -1.80 -14.55 9.45
C MET A 9 -2.50 -13.25 9.04
N ILE A 10 -3.78 -13.14 9.38
CA ILE A 10 -4.55 -11.95 9.05
C ILE A 10 -3.94 -10.71 9.70
N LYS A 11 -3.56 -10.86 10.96
CA LYS A 11 -2.96 -9.74 11.69
C LYS A 11 -1.64 -9.33 11.07
N GLN A 12 -0.85 -10.33 10.65
CA GLN A 12 0.44 -10.07 10.04
C GLN A 12 0.27 -9.31 8.73
N LEU A 13 -0.78 -9.66 7.98
CA LEU A 13 -1.04 -9.02 6.70
C LEU A 13 -1.40 -7.55 6.91
N LYS A 14 -2.10 -7.27 8.01
CA LYS A 14 -2.51 -5.91 8.32
C LYS A 14 -1.29 -5.02 8.54
N GLU A 15 -0.24 -5.60 9.12
CA GLU A 15 0.97 -4.84 9.40
C GLU A 15 1.62 -4.39 8.10
N GLU A 16 1.81 -5.31 7.17
CA GLU A 16 2.43 -4.99 5.90
C GLU A 16 1.57 -4.01 5.11
N LEU A 17 0.25 -4.13 5.28
CA LEU A 17 -0.68 -3.25 4.58
C LEU A 17 -0.43 -1.79 4.96
N ARG A 18 -0.20 -1.56 6.24
CA ARG A 18 0.04 -0.20 6.73
C ARG A 18 1.33 0.35 6.14
N LEU A 19 2.38 -0.47 6.16
CA LEU A 19 3.68 -0.05 5.62
C LEU A 19 3.60 0.13 4.11
N GLU A 20 2.89 -0.80 3.44
CA GLU A 20 2.75 -0.73 2.00
C GLU A 20 1.97 0.53 1.59
N GLU A 21 0.99 0.89 2.42
CA GLU A 21 0.18 2.07 2.13
C GLU A 21 0.96 3.34 2.46
N ALA A 22 1.63 3.34 3.61
CA ALA A 22 2.41 4.50 4.02
C ALA A 22 3.32 4.96 2.89
N LYS A 23 4.08 4.02 2.33
CA LYS A 23 4.99 4.35 1.24
C LYS A 23 4.22 4.91 0.05
N LEU A 24 3.02 4.38 -0.17
CA LEU A 24 2.18 4.84 -1.29
C LEU A 24 1.91 6.34 -1.16
N VAL A 25 1.50 6.77 0.03
CA VAL A 25 1.23 8.19 0.27
C VAL A 25 2.46 9.02 -0.03
N LEU A 26 3.61 8.57 0.44
CA LEU A 26 4.86 9.30 0.23
C LEU A 26 5.17 9.39 -1.26
N LEU A 27 5.00 8.27 -1.96
CA LEU A 27 5.27 8.25 -3.40
C LEU A 27 4.36 9.23 -4.12
N LYS A 28 3.08 9.25 -3.73
CA LYS A 28 2.12 10.15 -4.35
C LYS A 28 2.56 11.61 -4.16
N LYS A 29 2.91 11.96 -2.93
CA LYS A 29 3.35 13.31 -2.63
C LYS A 29 4.60 13.65 -3.43
N LEU A 30 5.47 12.66 -3.62
CA LEU A 30 6.70 12.86 -4.39
C LEU A 30 6.38 13.22 -5.83
N ARG A 31 5.40 12.54 -6.41
CA ARG A 31 5.01 12.80 -7.79
C ARG A 31 4.51 14.23 -7.95
N GLN A 32 3.73 14.69 -6.97
CA GLN A 32 3.19 16.04 -7.02
C GLN A 32 4.26 17.06 -6.59
N SER A 33 5.28 16.57 -5.89
CA SER A 33 6.35 17.44 -5.42
C SER A 33 7.07 18.09 -6.58
N GLN A 34 7.24 17.33 -7.66
CA GLN A 34 7.92 17.84 -8.85
C GLN A 34 7.14 19.01 -9.46
N ILE A 35 6.02 18.69 -10.10
CA ILE A 35 5.18 19.72 -10.71
C ILE A 35 4.94 20.86 -9.73
N GLN A 36 4.64 20.51 -8.48
CA GLN A 36 4.39 21.51 -7.46
C GLN A 36 5.60 22.43 -7.29
N LYS A 37 5.36 23.73 -7.34
CA LYS A 37 6.44 24.70 -7.19
C LYS A 37 6.86 24.81 -5.73
N GLU A 38 8.15 25.05 -5.51
CA GLU A 38 8.67 25.18 -4.16
C GLU A 38 7.93 24.24 -3.21
N ALA A 39 8.08 22.94 -3.43
CA ALA A 39 7.41 21.95 -2.58
C ALA A 39 8.29 21.58 -1.40
N THR A 40 9.55 22.00 -1.44
CA THR A 40 10.48 21.71 -0.36
C THR A 40 10.21 20.33 0.23
N ALA A 41 10.82 19.32 -0.37
CA ALA A 41 10.63 17.95 0.10
C ALA A 41 11.71 17.58 1.12
N GLN A 42 11.32 17.49 2.38
CA GLN A 42 12.27 17.14 3.44
C GLN A 42 12.20 15.65 3.76
N LYS A 43 11.27 14.96 3.11
CA LYS A 43 11.11 13.52 3.32
C LYS A 43 10.62 12.84 2.05
N GLY B 1 17.57 4.25 -3.55
CA GLY B 1 18.87 3.75 -4.06
C GLY B 1 19.84 4.92 -4.23
N SER B 2 21.12 4.62 -4.32
CA SER B 2 22.14 5.66 -4.48
C SER B 2 22.30 6.01 -5.96
N LYS B 3 21.62 5.27 -6.82
CA LYS B 3 21.70 5.51 -8.25
C LYS B 3 20.65 6.53 -8.68
N ALA B 4 19.81 6.95 -7.74
CA ALA B 4 18.77 7.92 -8.03
C ALA B 4 17.82 7.37 -9.09
N PHE B 5 16.67 6.85 -8.65
CA PHE B 5 15.69 6.30 -9.57
C PHE B 5 14.41 7.13 -9.55
N ILE B 6 13.92 7.49 -10.73
CA ILE B 6 12.71 8.30 -10.83
C ILE B 6 11.47 7.40 -10.72
N VAL B 7 10.38 7.98 -10.25
CA VAL B 7 9.13 7.23 -10.09
C VAL B 7 8.37 7.17 -11.41
N THR B 8 7.99 5.97 -11.82
CA THR B 8 7.27 5.80 -13.08
C THR B 8 5.77 5.66 -12.82
N ASP B 9 4.97 5.95 -13.83
CA ASP B 9 3.52 5.86 -13.69
C ASP B 9 3.09 4.40 -13.48
N GLU B 10 3.75 3.49 -14.20
CA GLU B 10 3.43 2.07 -14.09
C GLU B 10 3.73 1.57 -12.68
N ASP B 11 4.96 1.78 -12.23
CA ASP B 11 5.37 1.34 -10.90
C ASP B 11 4.34 1.75 -9.86
N ILE B 12 3.72 2.91 -10.08
CA ILE B 12 2.71 3.42 -9.15
C ILE B 12 1.47 2.54 -9.17
N ARG B 13 1.04 2.17 -10.37
CA ARG B 13 -0.15 1.33 -10.52
C ARG B 13 0.07 -0.03 -9.88
N LYS B 14 1.25 -0.61 -10.12
CA LYS B 14 1.56 -1.92 -9.56
C LYS B 14 1.45 -1.90 -8.04
N GLN B 15 1.74 -0.74 -7.45
CA GLN B 15 1.67 -0.61 -6.00
C GLN B 15 0.22 -0.58 -5.53
N GLU B 16 -0.64 0.08 -6.30
CA GLU B 16 -2.05 0.18 -5.95
C GLU B 16 -2.73 -1.18 -6.13
N GLU B 17 -2.40 -1.86 -7.23
CA GLU B 17 -2.99 -3.17 -7.51
C GLU B 17 -2.58 -4.18 -6.44
N ARG B 18 -1.31 -4.14 -6.04
CA ARG B 18 -0.81 -5.06 -5.03
C ARG B 18 -1.55 -4.87 -3.72
N VAL B 19 -1.73 -3.61 -3.32
CA VAL B 19 -2.43 -3.30 -2.08
C VAL B 19 -3.90 -3.66 -2.18
N GLN B 20 -4.49 -3.37 -3.34
CA GLN B 20 -5.90 -3.66 -3.55
C GLN B 20 -6.17 -5.16 -3.45
N GLN B 21 -5.28 -5.96 -4.01
CA GLN B 21 -5.43 -7.41 -3.99
C GLN B 21 -5.31 -7.94 -2.56
N VAL B 22 -4.36 -7.38 -1.81
CA VAL B 22 -4.14 -7.82 -0.43
C VAL B 22 -5.36 -7.49 0.43
N ARG B 23 -5.92 -6.30 0.22
CA ARG B 23 -7.08 -5.87 0.99
C ARG B 23 -8.23 -6.87 0.83
N LYS B 24 -8.44 -7.32 -0.41
CA LYS B 24 -9.50 -8.28 -0.69
C LYS B 24 -9.38 -9.50 0.22
N LYS B 25 -8.20 -10.11 0.22
CA LYS B 25 -7.95 -11.29 1.06
C LYS B 25 -8.01 -10.91 2.54
N LEU B 26 -7.82 -9.62 2.82
CA LEU B 26 -7.83 -9.15 4.19
C LEU B 26 -9.27 -9.04 4.71
N GLU B 27 -10.08 -8.25 4.01
CA GLU B 27 -11.48 -8.07 4.40
C GLU B 27 -12.24 -9.38 4.26
N GLU B 28 -11.95 -10.12 3.20
CA GLU B 28 -12.62 -11.39 2.96
C GLU B 28 -12.36 -12.36 4.11
N ALA B 29 -11.11 -12.45 4.52
CA ALA B 29 -10.74 -13.34 5.62
C ALA B 29 -11.45 -12.93 6.91
N LEU B 30 -11.83 -11.65 7.00
CA LEU B 30 -12.52 -11.15 8.17
C LEU B 30 -14.02 -11.41 8.07
N MET B 31 -14.51 -11.46 6.85
CA MET B 31 -15.94 -11.70 6.62
C MET B 31 -16.24 -13.20 6.67
N ALA B 32 -15.18 -14.01 6.70
CA ALA B 32 -15.34 -15.45 6.75
C ALA B 32 -16.00 -15.88 8.05
N ASP B 33 -15.62 -15.23 9.14
CA ASP B 33 -16.20 -15.54 10.45
C ASP B 33 -17.68 -15.24 10.46
N ILE B 34 -18.06 -14.09 9.89
CA ILE B 34 -19.45 -13.69 9.84
C ILE B 34 -20.16 -14.36 8.66
N LEU B 35 -19.40 -15.08 7.86
CA LEU B 35 -19.97 -15.76 6.70
C LEU B 35 -20.64 -14.76 5.76
N SER B 36 -19.86 -14.19 4.84
CA SER B 36 -20.39 -13.22 3.89
C SER B 36 -21.26 -12.20 4.61
N GLY A 1 -3.18 -25.44 16.21
CA GLY A 1 -4.54 -25.15 15.68
C GLY A 1 -4.42 -24.32 14.40
N SER A 2 -5.16 -24.72 13.37
CA SER A 2 -5.13 -24.00 12.11
C SER A 2 -5.75 -22.62 12.25
N PRO A 3 -6.85 -22.54 12.95
CA PRO A 3 -7.58 -21.25 13.17
C PRO A 3 -6.68 -20.18 13.79
N GLU A 4 -5.77 -20.61 14.67
CA GLU A 4 -4.85 -19.68 15.31
C GLU A 4 -3.91 -19.06 14.29
N GLU A 5 -3.42 -19.88 13.36
CA GLU A 5 -2.51 -19.39 12.33
C GLU A 5 -3.24 -18.42 11.40
N ARG A 6 -4.49 -18.71 11.09
CA ARG A 6 -5.28 -17.85 10.22
C ARG A 6 -5.42 -16.46 10.81
N GLU A 7 -5.68 -16.40 12.11
CA GLU A 7 -5.84 -15.13 12.80
C GLU A 7 -4.50 -14.38 12.85
N ARG A 8 -3.44 -15.10 13.14
CA ARG A 8 -2.11 -14.49 13.22
C ARG A 8 -1.71 -13.92 11.86
N MET A 9 -2.03 -14.64 10.80
CA MET A 9 -1.71 -14.19 9.44
C MET A 9 -2.41 -12.87 9.14
N ILE A 10 -3.67 -12.77 9.56
CA ILE A 10 -4.44 -11.55 9.32
C ILE A 10 -3.80 -10.37 10.04
N LYS A 11 -3.36 -10.60 11.28
CA LYS A 11 -2.73 -9.54 12.07
C LYS A 11 -1.40 -9.14 11.43
N GLN A 12 -0.61 -10.12 11.03
CA GLN A 12 0.68 -9.86 10.41
C GLN A 12 0.49 -9.11 9.08
N LEU A 13 -0.56 -9.47 8.36
CA LEU A 13 -0.84 -8.84 7.07
C LEU A 13 -1.13 -7.36 7.26
N LYS A 14 -1.86 -7.03 8.33
CA LYS A 14 -2.21 -5.64 8.61
C LYS A 14 -0.96 -4.82 8.90
N GLU A 15 0.07 -5.49 9.42
CA GLU A 15 1.32 -4.81 9.74
C GLU A 15 2.03 -4.34 8.48
N GLU A 16 2.29 -5.28 7.57
CA GLU A 16 2.95 -4.96 6.31
C GLU A 16 2.05 -4.10 5.44
N LEU A 17 0.74 -4.28 5.60
CA LEU A 17 -0.23 -3.52 4.81
C LEU A 17 -0.05 -2.02 5.05
N ARG A 18 0.10 -1.65 6.32
CA ARG A 18 0.28 -0.24 6.68
C ARG A 18 1.56 0.31 6.06
N LEU A 19 2.63 -0.48 6.12
CA LEU A 19 3.91 -0.07 5.55
C LEU A 19 3.81 0.03 4.03
N GLU A 20 3.13 -0.94 3.42
CA GLU A 20 2.97 -0.95 1.97
C GLU A 20 2.17 0.26 1.51
N GLU A 21 1.16 0.63 2.29
CA GLU A 21 0.33 1.77 1.96
C GLU A 21 1.09 3.08 2.19
N ALA A 22 1.76 3.16 3.34
CA ALA A 22 2.53 4.35 3.67
C ALA A 22 3.43 4.75 2.51
N LYS A 23 4.23 3.79 2.04
CA LYS A 23 5.14 4.04 0.92
C LYS A 23 4.37 4.51 -0.31
N LEU A 24 3.21 3.88 -0.54
CA LEU A 24 2.38 4.23 -1.69
C LEU A 24 1.95 5.69 -1.61
N VAL A 25 1.43 6.09 -0.45
CA VAL A 25 1.00 7.46 -0.24
C VAL A 25 2.17 8.42 -0.39
N LEU A 26 3.32 8.04 0.18
CA LEU A 26 4.51 8.87 0.09
C LEU A 26 4.93 9.07 -1.36
N LEU A 27 4.87 7.99 -2.14
CA LEU A 27 5.24 8.04 -3.55
C LEU A 27 4.43 9.11 -4.27
N LYS A 28 3.16 9.23 -3.88
CA LYS A 28 2.28 10.22 -4.50
C LYS A 28 2.83 11.63 -4.29
N LYS A 29 3.33 11.89 -3.08
CA LYS A 29 3.87 13.20 -2.76
C LYS A 29 5.08 13.51 -3.64
N LEU A 30 5.87 12.48 -3.94
CA LEU A 30 7.04 12.66 -4.78
C LEU A 30 6.65 13.16 -6.17
N ARG A 31 5.55 12.62 -6.69
CA ARG A 31 5.06 13.01 -8.00
C ARG A 31 4.66 14.49 -8.01
N GLN A 32 4.05 14.93 -6.93
CA GLN A 32 3.63 16.32 -6.82
C GLN A 32 4.79 17.20 -6.38
N SER A 33 5.83 16.57 -5.85
CA SER A 33 7.00 17.31 -5.39
C SER A 33 7.71 17.97 -6.56
N GLN A 34 7.70 17.30 -7.71
CA GLN A 34 8.35 17.84 -8.90
C GLN A 34 7.89 19.26 -9.17
N ILE A 35 6.63 19.40 -9.59
CA ILE A 35 6.06 20.72 -9.86
C ILE A 35 6.05 21.55 -8.59
N GLN A 36 5.64 20.94 -7.49
CA GLN A 36 5.58 21.64 -6.21
C GLN A 36 4.72 22.89 -6.32
N LYS A 37 4.15 23.31 -5.20
CA LYS A 37 3.30 24.49 -5.18
C LYS A 37 4.15 25.77 -5.29
N GLU A 38 3.50 26.92 -5.14
CA GLU A 38 4.21 28.19 -5.22
C GLU A 38 5.21 28.32 -4.07
N ALA A 39 4.82 27.86 -2.89
CA ALA A 39 5.69 27.94 -1.73
C ALA A 39 6.49 29.23 -1.74
N THR A 40 7.68 29.18 -2.33
CA THR A 40 8.53 30.36 -2.40
C THR A 40 8.69 31.00 -1.02
N ALA A 41 9.81 30.73 -0.36
CA ALA A 41 10.06 31.28 0.96
C ALA A 41 9.16 30.62 2.00
N GLN A 42 8.04 30.07 1.53
CA GLN A 42 7.10 29.40 2.43
C GLN A 42 7.36 27.90 2.46
N LYS A 43 7.19 27.29 3.63
CA LYS A 43 7.41 25.86 3.78
C LYS A 43 6.55 25.30 4.92
N GLY B 1 27.22 7.48 -4.33
CA GLY B 1 27.25 8.76 -5.10
C GLY B 1 25.97 9.55 -4.83
N SER B 2 25.48 10.23 -5.86
CA SER B 2 24.26 11.02 -5.71
C SER B 2 23.03 10.12 -5.73
N LYS B 3 21.90 10.66 -5.28
CA LYS B 3 20.67 9.90 -5.24
C LYS B 3 19.86 10.12 -6.52
N ALA B 4 19.57 9.03 -7.23
CA ALA B 4 18.80 9.13 -8.47
C ALA B 4 17.56 8.26 -8.40
N PHE B 5 16.49 8.79 -7.82
CA PHE B 5 15.24 8.05 -7.67
C PHE B 5 14.17 8.63 -8.59
N ILE B 6 13.71 7.83 -9.54
CA ILE B 6 12.69 8.27 -10.48
C ILE B 6 11.48 7.34 -10.42
N VAL B 7 10.31 7.91 -10.16
CA VAL B 7 9.08 7.12 -10.07
C VAL B 7 8.31 7.18 -11.38
N THR B 8 7.91 6.02 -11.88
CA THR B 8 7.14 5.95 -13.12
C THR B 8 5.66 5.81 -12.83
N ASP B 9 4.83 6.15 -13.82
CA ASP B 9 3.38 6.06 -13.64
C ASP B 9 2.95 4.61 -13.42
N GLU B 10 3.62 3.69 -14.11
CA GLU B 10 3.30 2.27 -13.98
C GLU B 10 3.54 1.80 -12.56
N ASP B 11 4.73 2.09 -12.03
CA ASP B 11 5.07 1.68 -10.67
C ASP B 11 3.95 2.06 -9.70
N ILE B 12 3.28 3.18 -9.98
CA ILE B 12 2.21 3.65 -9.12
C ILE B 12 1.03 2.67 -9.13
N ARG B 13 0.64 2.24 -10.33
CA ARG B 13 -0.47 1.32 -10.48
C ARG B 13 -0.11 -0.06 -9.92
N LYS B 14 1.02 -0.59 -10.35
CA LYS B 14 1.46 -1.91 -9.89
C LYS B 14 1.45 -1.97 -8.37
N GLN B 15 1.78 -0.85 -7.73
CA GLN B 15 1.81 -0.79 -6.27
C GLN B 15 0.39 -0.79 -5.70
N GLU B 16 -0.50 -0.08 -6.38
CA GLU B 16 -1.89 0.00 -5.93
C GLU B 16 -2.61 -1.33 -6.14
N GLU B 17 -2.33 -1.98 -7.26
CA GLU B 17 -2.96 -3.25 -7.58
C GLU B 17 -2.60 -4.30 -6.53
N ARG B 18 -1.33 -4.30 -6.12
CA ARG B 18 -0.87 -5.25 -5.12
C ARG B 18 -1.60 -5.04 -3.79
N VAL B 19 -1.78 -3.78 -3.42
CA VAL B 19 -2.45 -3.46 -2.17
C VAL B 19 -3.93 -3.84 -2.25
N GLN B 20 -4.55 -3.57 -3.38
CA GLN B 20 -5.97 -3.88 -3.56
C GLN B 20 -6.21 -5.38 -3.39
N GLN B 21 -5.31 -6.19 -3.92
CA GLN B 21 -5.43 -7.64 -3.83
C GLN B 21 -5.35 -8.10 -2.37
N VAL B 22 -4.44 -7.50 -1.62
CA VAL B 22 -4.26 -7.86 -0.22
C VAL B 22 -5.52 -7.51 0.57
N ARG B 23 -6.07 -6.33 0.33
CA ARG B 23 -7.27 -5.89 1.03
C ARG B 23 -8.45 -6.81 0.72
N LYS B 24 -8.58 -7.19 -0.54
CA LYS B 24 -9.67 -8.06 -0.96
C LYS B 24 -9.67 -9.34 -0.14
N LYS B 25 -8.51 -9.98 -0.03
CA LYS B 25 -8.39 -11.22 0.73
C LYS B 25 -8.43 -10.93 2.23
N LEU B 26 -8.21 -9.67 2.59
CA LEU B 26 -8.21 -9.28 4.00
C LEU B 26 -9.64 -9.20 4.54
N GLU B 27 -10.47 -8.43 3.85
CA GLU B 27 -11.86 -8.28 4.27
C GLU B 27 -12.61 -9.60 4.12
N GLU B 28 -12.30 -10.33 3.05
CA GLU B 28 -12.96 -11.61 2.80
C GLU B 28 -12.75 -12.56 3.97
N ALA B 29 -11.52 -12.64 4.46
CA ALA B 29 -11.21 -13.51 5.57
C ALA B 29 -11.91 -13.04 6.84
N LEU B 30 -12.25 -11.76 6.88
CA LEU B 30 -12.92 -11.18 8.03
C LEU B 30 -14.43 -11.43 7.96
N MET B 31 -14.95 -11.43 6.73
CA MET B 31 -16.38 -11.65 6.54
C MET B 31 -16.71 -13.13 6.61
N ALA B 32 -15.68 -13.97 6.65
CA ALA B 32 -15.87 -15.41 6.73
C ALA B 32 -16.16 -15.85 8.16
N ASP B 33 -15.80 -14.99 9.11
CA ASP B 33 -16.05 -15.29 10.52
C ASP B 33 -17.54 -15.37 10.81
N ILE B 34 -18.31 -14.49 10.18
CA ILE B 34 -19.75 -14.48 10.36
C ILE B 34 -20.46 -15.30 9.29
N LEU B 35 -19.68 -16.12 8.59
CA LEU B 35 -20.23 -16.96 7.52
C LEU B 35 -21.07 -16.12 6.57
N SER B 36 -20.39 -15.30 5.77
CA SER B 36 -21.08 -14.44 4.81
C SER B 36 -21.94 -15.28 3.85
N GLY A 1 -2.89 -26.73 10.27
CA GLY A 1 -2.89 -25.23 10.39
C GLY A 1 -4.07 -24.81 11.27
N SER A 2 -3.93 -24.98 12.57
CA SER A 2 -4.97 -24.60 13.51
C SER A 2 -5.58 -23.25 13.11
N PRO A 3 -6.80 -23.02 13.52
CA PRO A 3 -7.51 -21.75 13.20
C PRO A 3 -6.84 -20.54 13.84
N GLU A 4 -6.05 -20.78 14.88
CA GLU A 4 -5.36 -19.71 15.58
C GLU A 4 -4.35 -19.04 14.65
N GLU A 5 -3.65 -19.85 13.86
CA GLU A 5 -2.65 -19.33 12.92
C GLU A 5 -3.32 -18.46 11.87
N ARG A 6 -4.57 -18.80 11.52
CA ARG A 6 -5.30 -18.05 10.52
C ARG A 6 -5.49 -16.60 10.96
N GLU A 7 -5.83 -16.42 12.23
CA GLU A 7 -6.04 -15.08 12.77
C GLU A 7 -4.71 -14.34 12.90
N ARG A 8 -3.67 -15.09 13.23
CA ARG A 8 -2.34 -14.50 13.40
C ARG A 8 -1.87 -13.87 12.09
N MET A 9 -2.10 -14.57 10.98
CA MET A 9 -1.68 -14.08 9.68
C MET A 9 -2.41 -12.77 9.34
N ILE A 10 -3.69 -12.71 9.68
CA ILE A 10 -4.49 -11.53 9.40
C ILE A 10 -3.94 -10.33 10.17
N LYS A 11 -3.58 -10.55 11.43
CA LYS A 11 -3.04 -9.48 12.26
C LYS A 11 -1.67 -9.04 11.75
N GLN A 12 -0.84 -10.02 11.39
CA GLN A 12 0.49 -9.72 10.88
C GLN A 12 0.42 -8.98 9.56
N LEU A 13 -0.46 -9.44 8.67
CA LEU A 13 -0.62 -8.80 7.37
C LEU A 13 -1.17 -7.39 7.54
N LYS A 14 -1.90 -7.17 8.63
CA LYS A 14 -2.48 -5.86 8.89
C LYS A 14 -1.37 -4.82 9.10
N GLU A 15 -0.34 -5.21 9.84
CA GLU A 15 0.76 -4.30 10.12
C GLU A 15 1.51 -3.95 8.84
N GLU A 16 1.93 -4.97 8.11
CA GLU A 16 2.66 -4.76 6.86
C GLU A 16 1.81 -3.96 5.87
N LEU A 17 0.50 -4.17 5.95
CA LEU A 17 -0.41 -3.46 5.05
C LEU A 17 -0.31 -1.96 5.26
N ARG A 18 -0.31 -1.54 6.52
CA ARG A 18 -0.22 -0.11 6.84
C ARG A 18 1.11 0.45 6.36
N LEU A 19 2.19 -0.29 6.56
CA LEU A 19 3.51 0.15 6.13
C LEU A 19 3.59 0.18 4.61
N GLU A 20 2.98 -0.81 3.96
CA GLU A 20 3.00 -0.88 2.51
C GLU A 20 2.28 0.32 1.91
N GLU A 21 1.16 0.70 2.51
CA GLU A 21 0.39 1.84 2.03
C GLU A 21 1.14 3.14 2.27
N ALA A 22 1.74 3.26 3.45
CA ALA A 22 2.50 4.46 3.80
C ALA A 22 3.43 4.85 2.67
N LYS A 23 4.22 3.90 2.18
CA LYS A 23 5.15 4.17 1.10
C LYS A 23 4.41 4.68 -0.13
N LEU A 24 3.26 4.09 -0.41
CA LEU A 24 2.46 4.50 -1.57
C LEU A 24 2.05 5.96 -1.44
N VAL A 25 1.51 6.33 -0.29
CA VAL A 25 1.09 7.70 -0.04
C VAL A 25 2.29 8.65 -0.15
N LEU A 26 3.40 8.26 0.47
CA LEU A 26 4.60 9.09 0.44
C LEU A 26 5.12 9.22 -0.99
N LEU A 27 5.15 8.10 -1.71
CA LEU A 27 5.63 8.10 -3.08
C LEU A 27 4.81 9.07 -3.94
N LYS A 28 3.50 9.08 -3.71
CA LYS A 28 2.62 9.97 -4.46
C LYS A 28 3.03 11.42 -4.26
N LYS A 29 3.34 11.79 -3.03
CA LYS A 29 3.76 13.15 -2.72
C LYS A 29 5.03 13.50 -3.50
N LEU A 30 5.92 12.53 -3.64
CA LEU A 30 7.17 12.75 -4.35
C LEU A 30 6.90 13.10 -5.81
N ARG A 31 5.94 12.38 -6.41
CA ARG A 31 5.59 12.63 -7.80
C ARG A 31 5.05 14.04 -7.98
N GLN A 32 4.19 14.45 -7.06
CA GLN A 32 3.61 15.79 -7.13
C GLN A 32 4.68 16.86 -6.96
N SER A 33 5.80 16.48 -6.35
CA SER A 33 6.88 17.42 -6.12
C SER A 33 7.51 17.84 -7.45
N GLN A 34 7.91 16.85 -8.25
CA GLN A 34 8.52 17.13 -9.54
C GLN A 34 7.55 17.88 -10.44
N ILE A 35 6.29 17.95 -10.02
CA ILE A 35 5.27 18.65 -10.79
C ILE A 35 5.16 20.10 -10.35
N GLN A 36 5.10 20.31 -9.04
CA GLN A 36 4.99 21.65 -8.49
C GLN A 36 5.67 21.73 -7.14
N LYS A 37 6.88 22.30 -7.11
CA LYS A 37 7.63 22.43 -5.86
C LYS A 37 6.87 23.33 -4.88
N GLU A 38 6.29 24.40 -5.41
CA GLU A 38 5.54 25.34 -4.56
C GLU A 38 4.05 25.02 -4.59
N ALA A 39 3.51 24.66 -3.44
CA ALA A 39 2.08 24.33 -3.34
C ALA A 39 1.28 25.55 -2.94
N THR A 40 1.97 26.67 -2.74
CA THR A 40 1.30 27.91 -2.34
C THR A 40 0.50 28.48 -3.50
N ALA A 41 0.56 27.81 -4.65
CA ALA A 41 -0.17 28.26 -5.82
C ALA A 41 -1.57 27.64 -5.85
N GLN A 42 -2.52 28.32 -5.22
CA GLN A 42 -3.89 27.84 -5.19
C GLN A 42 -4.66 28.31 -6.41
N LYS A 43 -4.04 29.19 -7.19
CA LYS A 43 -4.68 29.72 -8.39
C LYS A 43 -5.14 28.59 -9.30
N GLY B 1 19.84 12.91 -7.87
CA GLY B 1 19.05 11.65 -8.02
C GLY B 1 19.78 10.71 -8.98
N SER B 2 20.94 11.13 -9.45
CA SER B 2 21.72 10.31 -10.37
C SER B 2 20.83 9.75 -11.48
N LYS B 3 19.78 10.49 -11.81
CA LYS B 3 18.86 10.05 -12.86
C LYS B 3 18.63 8.54 -12.78
N ALA B 4 18.14 7.97 -13.87
CA ALA B 4 17.89 6.53 -13.92
C ALA B 4 17.34 6.04 -12.58
N PHE B 5 16.28 6.69 -12.10
CA PHE B 5 15.68 6.32 -10.83
C PHE B 5 14.42 7.15 -10.57
N ILE B 6 13.81 7.64 -11.64
CA ILE B 6 12.62 8.46 -11.51
C ILE B 6 11.37 7.59 -11.35
N VAL B 7 10.36 8.11 -10.68
CA VAL B 7 9.12 7.37 -10.46
C VAL B 7 8.19 7.52 -11.67
N THR B 8 7.66 6.41 -12.13
CA THR B 8 6.77 6.43 -13.29
C THR B 8 5.31 6.32 -12.83
N ASP B 9 4.40 6.80 -13.66
CA ASP B 9 2.98 6.76 -13.34
C ASP B 9 2.50 5.32 -13.24
N GLU B 10 2.95 4.49 -14.16
CA GLU B 10 2.54 3.08 -14.18
C GLU B 10 3.07 2.36 -12.95
N ASP B 11 4.39 2.42 -12.75
CA ASP B 11 5.00 1.77 -11.59
C ASP B 11 4.17 1.99 -10.34
N ILE B 12 3.61 3.19 -10.22
CA ILE B 12 2.79 3.53 -9.06
C ILE B 12 1.51 2.69 -9.04
N ARG B 13 0.89 2.55 -10.20
CA ARG B 13 -0.36 1.79 -10.31
C ARG B 13 -0.14 0.35 -9.84
N LYS B 14 0.95 -0.25 -10.30
CA LYS B 14 1.27 -1.63 -9.93
C LYS B 14 1.44 -1.75 -8.41
N GLN B 15 1.97 -0.70 -7.80
CA GLN B 15 2.19 -0.70 -6.36
C GLN B 15 0.85 -0.70 -5.62
N GLU B 16 -0.08 0.13 -6.08
CA GLU B 16 -1.39 0.22 -5.46
C GLU B 16 -2.20 -1.04 -5.75
N GLU B 17 -2.04 -1.59 -6.94
CA GLU B 17 -2.76 -2.79 -7.34
C GLU B 17 -2.44 -3.95 -6.39
N ARG B 18 -1.16 -4.09 -6.06
CA ARG B 18 -0.73 -5.15 -5.16
C ARG B 18 -1.36 -4.98 -3.78
N VAL B 19 -1.46 -3.75 -3.33
CA VAL B 19 -2.05 -3.46 -2.02
C VAL B 19 -3.54 -3.79 -2.03
N GLN B 20 -4.23 -3.40 -3.10
CA GLN B 20 -5.66 -3.65 -3.22
C GLN B 20 -5.95 -5.14 -3.15
N GLN B 21 -5.09 -5.94 -3.78
CA GLN B 21 -5.27 -7.39 -3.79
C GLN B 21 -5.23 -7.95 -2.38
N VAL B 22 -4.31 -7.42 -1.56
CA VAL B 22 -4.19 -7.87 -0.18
C VAL B 22 -5.47 -7.58 0.60
N ARG B 23 -6.00 -6.38 0.42
CA ARG B 23 -7.22 -5.97 1.11
C ARG B 23 -8.36 -6.92 0.76
N LYS B 24 -8.47 -7.27 -0.51
CA LYS B 24 -9.53 -8.16 -0.96
C LYS B 24 -9.58 -9.42 -0.12
N LYS B 25 -8.41 -10.00 0.14
CA LYS B 25 -8.33 -11.21 0.94
C LYS B 25 -8.70 -10.91 2.40
N LEU B 26 -7.95 -10.01 3.02
CA LEU B 26 -8.21 -9.64 4.41
C LEU B 26 -9.72 -9.61 4.68
N GLU B 27 -10.45 -8.89 3.83
CA GLU B 27 -11.89 -8.79 3.99
C GLU B 27 -12.56 -10.13 3.75
N GLU B 28 -12.04 -10.87 2.77
CA GLU B 28 -12.60 -12.18 2.45
C GLU B 28 -12.50 -13.12 3.64
N ALA B 29 -11.33 -13.15 4.26
CA ALA B 29 -11.11 -14.02 5.42
C ALA B 29 -12.00 -13.57 6.58
N LEU B 30 -12.41 -12.32 6.56
CA LEU B 30 -13.26 -11.77 7.61
C LEU B 30 -14.73 -12.07 7.33
N MET B 31 -15.08 -12.13 6.04
CA MET B 31 -16.45 -12.40 5.65
C MET B 31 -16.76 -13.89 5.77
N ALA B 32 -15.72 -14.69 5.95
CA ALA B 32 -15.88 -16.13 6.07
C ALA B 32 -16.59 -16.48 7.38
N ASP B 33 -17.88 -16.20 7.44
CA ASP B 33 -18.66 -16.49 8.64
C ASP B 33 -18.74 -17.99 8.87
N ILE B 34 -18.26 -18.76 7.90
CA ILE B 34 -18.28 -20.22 8.02
C ILE B 34 -17.06 -20.82 7.33
N LEU B 35 -15.88 -20.48 7.82
CA LEU B 35 -14.64 -20.99 7.25
C LEU B 35 -14.55 -20.64 5.77
N SER B 36 -15.35 -19.67 5.35
CA SER B 36 -15.35 -19.23 3.95
C SER B 36 -16.23 -20.15 3.11
N GLY A 1 -0.78 -24.88 18.42
CA GLY A 1 -1.70 -25.12 17.27
C GLY A 1 -3.14 -24.93 17.72
N SER A 2 -3.78 -23.88 17.23
CA SER A 2 -5.17 -23.61 17.59
C SER A 2 -5.75 -22.53 16.68
N PRO A 3 -7.01 -22.23 16.85
CA PRO A 3 -7.72 -21.20 16.03
C PRO A 3 -7.05 -19.84 16.12
N GLU A 4 -6.40 -19.57 17.25
CA GLU A 4 -5.73 -18.30 17.45
C GLU A 4 -4.62 -18.11 16.42
N GLU A 5 -4.02 -19.21 15.99
CA GLU A 5 -2.95 -19.15 15.01
C GLU A 5 -3.44 -18.53 13.72
N ARG A 6 -4.64 -18.90 13.29
CA ARG A 6 -5.22 -18.36 12.06
C ARG A 6 -5.49 -16.86 12.21
N GLU A 7 -5.96 -16.47 13.39
CA GLU A 7 -6.25 -15.07 13.65
C GLU A 7 -5.00 -14.22 13.48
N ARG A 8 -3.86 -14.74 13.95
CA ARG A 8 -2.59 -14.02 13.84
C ARG A 8 -2.26 -13.73 12.38
N MET A 9 -2.39 -14.75 11.53
CA MET A 9 -2.12 -14.58 10.11
C MET A 9 -2.78 -13.32 9.59
N ILE A 10 -4.05 -13.13 9.95
CA ILE A 10 -4.78 -11.94 9.52
C ILE A 10 -4.16 -10.68 10.12
N LYS A 11 -3.77 -10.77 11.39
CA LYS A 11 -3.18 -9.63 12.08
C LYS A 11 -1.85 -9.25 11.44
N GLN A 12 -1.05 -10.27 11.14
CA GLN A 12 0.26 -10.04 10.54
C GLN A 12 0.12 -9.31 9.22
N LEU A 13 -0.92 -9.66 8.46
CA LEU A 13 -1.16 -9.02 7.16
C LEU A 13 -1.42 -7.54 7.34
N LYS A 14 -2.14 -7.19 8.40
CA LYS A 14 -2.47 -5.80 8.68
C LYS A 14 -1.20 -4.99 8.94
N GLU A 15 -0.19 -5.66 9.48
CA GLU A 15 1.08 -4.99 9.79
C GLU A 15 1.77 -4.56 8.51
N GLU A 16 1.90 -5.49 7.57
CA GLU A 16 2.55 -5.19 6.29
C GLU A 16 1.70 -4.23 5.47
N LEU A 17 0.39 -4.27 5.69
CA LEU A 17 -0.53 -3.41 4.96
C LEU A 17 -0.23 -1.95 5.26
N ARG A 18 0.03 -1.64 6.52
CA ARG A 18 0.32 -0.27 6.93
C ARG A 18 1.61 0.22 6.27
N LEU A 19 2.63 -0.63 6.29
CA LEU A 19 3.90 -0.27 5.69
C LEU A 19 3.79 -0.19 4.17
N GLU A 20 3.03 -1.12 3.59
CA GLU A 20 2.85 -1.15 2.15
C GLU A 20 2.18 0.13 1.66
N GLU A 21 1.18 0.59 2.42
CA GLU A 21 0.47 1.80 2.05
C GLU A 21 1.34 3.03 2.27
N ALA A 22 2.11 3.01 3.35
CA ALA A 22 2.99 4.13 3.67
C ALA A 22 3.82 4.53 2.45
N LYS A 23 4.46 3.54 1.83
CA LYS A 23 5.28 3.79 0.65
C LYS A 23 4.44 4.42 -0.46
N LEU A 24 3.24 3.90 -0.65
CA LEU A 24 2.36 4.42 -1.69
C LEU A 24 2.07 5.91 -1.46
N VAL A 25 1.75 6.25 -0.22
CA VAL A 25 1.49 7.64 0.14
C VAL A 25 2.72 8.49 -0.12
N LEU A 26 3.89 7.97 0.28
CA LEU A 26 5.14 8.70 0.09
C LEU A 26 5.41 8.92 -1.40
N LEU A 27 5.17 7.89 -2.20
CA LEU A 27 5.40 7.99 -3.64
C LEU A 27 4.51 9.06 -4.24
N LYS A 28 3.28 9.16 -3.75
CA LYS A 28 2.34 10.15 -4.25
C LYS A 28 2.90 11.56 -4.05
N LYS A 29 3.40 11.82 -2.85
CA LYS A 29 3.96 13.13 -2.53
C LYS A 29 5.19 13.41 -3.40
N LEU A 30 6.04 12.40 -3.55
CA LEU A 30 7.25 12.54 -4.36
C LEU A 30 6.88 12.84 -5.81
N ARG A 31 5.91 12.10 -6.34
CA ARG A 31 5.47 12.30 -7.71
C ARG A 31 4.90 13.70 -7.89
N GLN A 32 4.09 14.14 -6.93
CA GLN A 32 3.49 15.46 -6.99
C GLN A 32 4.57 16.55 -6.90
N SER A 33 5.70 16.20 -6.29
CA SER A 33 6.79 17.15 -6.15
C SER A 33 7.30 17.60 -7.51
N GLN A 34 7.47 16.64 -8.42
CA GLN A 34 7.94 16.95 -9.76
C GLN A 34 7.08 18.02 -10.40
N ILE A 35 5.99 18.38 -9.72
CA ILE A 35 5.08 19.40 -10.23
C ILE A 35 5.47 20.77 -9.71
N GLN A 36 5.87 20.83 -8.45
CA GLN A 36 6.28 22.09 -7.85
C GLN A 36 7.25 21.85 -6.69
N LYS A 37 8.48 22.32 -6.84
CA LYS A 37 9.49 22.14 -5.81
C LYS A 37 8.96 22.59 -4.45
N GLU A 38 9.27 23.84 -4.09
CA GLU A 38 8.82 24.38 -2.81
C GLU A 38 7.67 25.35 -3.02
N ALA A 39 7.92 26.40 -3.80
CA ALA A 39 6.90 27.41 -4.06
C ALA A 39 6.39 28.01 -2.76
N THR A 40 6.15 29.33 -2.78
CA THR A 40 5.68 30.02 -1.60
C THR A 40 4.29 29.52 -1.20
N ALA A 41 4.14 29.13 0.07
CA ALA A 41 2.87 28.62 0.56
C ALA A 41 2.54 29.22 1.93
N GLN A 42 2.76 30.53 2.06
CA GLN A 42 2.50 31.21 3.32
C GLN A 42 1.09 31.78 3.33
N LYS A 43 0.48 31.83 4.51
CA LYS A 43 -0.87 32.36 4.65
C LYS A 43 -0.93 33.80 4.14
N GLY B 1 12.49 5.38 -14.91
CA GLY B 1 13.59 5.23 -15.90
C GLY B 1 14.91 5.07 -15.18
N SER B 2 15.91 4.58 -15.90
CA SER B 2 17.23 4.38 -15.32
C SER B 2 17.82 5.71 -14.85
N LYS B 3 17.45 6.78 -15.53
CA LYS B 3 17.95 8.12 -15.18
C LYS B 3 17.30 8.61 -13.89
N ALA B 4 18.12 9.15 -13.00
CA ALA B 4 17.62 9.66 -11.73
C ALA B 4 16.56 8.72 -11.16
N PHE B 5 15.87 9.19 -10.12
CA PHE B 5 14.83 8.38 -9.50
C PHE B 5 13.45 8.99 -9.76
N ILE B 6 13.12 9.15 -11.03
CA ILE B 6 11.83 9.72 -11.41
C ILE B 6 10.70 8.73 -11.13
N VAL B 7 9.52 9.25 -10.85
CA VAL B 7 8.37 8.41 -10.57
C VAL B 7 7.42 8.38 -11.76
N THR B 8 6.91 7.20 -12.09
CA THR B 8 5.99 7.06 -13.21
C THR B 8 4.75 6.27 -12.79
N ASP B 9 3.68 6.40 -13.57
CA ASP B 9 2.44 5.71 -13.26
C ASP B 9 2.67 4.20 -13.17
N GLU B 10 3.11 3.61 -14.29
CA GLU B 10 3.37 2.17 -14.32
C GLU B 10 3.90 1.69 -12.98
N ASP B 11 4.69 2.53 -12.32
CA ASP B 11 5.27 2.16 -11.03
C ASP B 11 4.22 2.27 -9.93
N ILE B 12 3.41 3.32 -9.98
CA ILE B 12 2.38 3.52 -8.98
C ILE B 12 1.30 2.44 -9.09
N ARG B 13 0.91 2.13 -10.31
CA ARG B 13 -0.11 1.12 -10.55
C ARG B 13 0.28 -0.21 -9.89
N LYS B 14 1.40 -0.77 -10.34
CA LYS B 14 1.87 -2.04 -9.80
C LYS B 14 1.87 -2.01 -8.28
N GLN B 15 2.21 -0.87 -7.70
CA GLN B 15 2.25 -0.72 -6.25
C GLN B 15 0.84 -0.78 -5.67
N GLU B 16 -0.10 -0.12 -6.34
CA GLU B 16 -1.49 -0.10 -5.88
C GLU B 16 -2.13 -1.48 -6.07
N GLU B 17 -1.68 -2.20 -7.10
CA GLU B 17 -2.22 -3.52 -7.39
C GLU B 17 -1.94 -4.48 -6.24
N ARG B 18 -0.72 -4.43 -5.71
CA ARG B 18 -0.33 -5.30 -4.62
C ARG B 18 -1.19 -5.03 -3.38
N VAL B 19 -1.42 -3.75 -3.10
CA VAL B 19 -2.24 -3.35 -1.96
C VAL B 19 -3.68 -3.79 -2.14
N GLN B 20 -4.19 -3.62 -3.36
CA GLN B 20 -5.57 -3.98 -3.65
C GLN B 20 -5.82 -5.46 -3.35
N GLN B 21 -4.85 -6.29 -3.71
CA GLN B 21 -4.98 -7.73 -3.48
C GLN B 21 -5.04 -8.03 -1.99
N VAL B 22 -4.22 -7.32 -1.21
CA VAL B 22 -4.19 -7.51 0.23
C VAL B 22 -5.56 -7.20 0.84
N ARG B 23 -6.16 -6.10 0.41
CA ARG B 23 -7.47 -5.71 0.91
C ARG B 23 -8.53 -6.71 0.47
N LYS B 24 -8.40 -7.21 -0.76
CA LYS B 24 -9.36 -8.16 -1.28
C LYS B 24 -9.47 -9.38 -0.37
N LYS B 25 -8.34 -9.96 -0.02
CA LYS B 25 -8.32 -11.12 0.86
C LYS B 25 -8.59 -10.70 2.30
N LEU B 26 -7.78 -9.78 2.80
CA LEU B 26 -7.95 -9.30 4.17
C LEU B 26 -9.43 -9.17 4.52
N GLU B 27 -10.16 -8.44 3.68
CA GLU B 27 -11.60 -8.26 3.90
C GLU B 27 -12.33 -9.59 3.78
N GLU B 28 -11.91 -10.40 2.81
CA GLU B 28 -12.54 -11.70 2.59
C GLU B 28 -12.47 -12.54 3.86
N ALA B 29 -11.30 -12.59 4.47
CA ALA B 29 -11.12 -13.37 5.70
C ALA B 29 -12.01 -12.83 6.81
N LEU B 30 -12.38 -11.56 6.70
CA LEU B 30 -13.23 -10.93 7.70
C LEU B 30 -14.70 -11.19 7.41
N MET B 31 -15.03 -11.33 6.13
CA MET B 31 -16.41 -11.59 5.72
C MET B 31 -16.91 -12.90 6.32
N ALA B 32 -16.04 -13.90 6.32
CA ALA B 32 -16.40 -15.21 6.87
C ALA B 32 -16.73 -15.09 8.35
N ASP B 33 -15.97 -14.28 9.07
CA ASP B 33 -16.19 -14.09 10.50
C ASP B 33 -16.43 -15.42 11.19
N ILE B 34 -16.11 -16.51 10.50
CA ILE B 34 -16.28 -17.84 11.06
C ILE B 34 -15.07 -18.71 10.77
N LEU B 35 -14.62 -18.68 9.52
CA LEU B 35 -13.47 -19.47 9.11
C LEU B 35 -12.43 -18.60 8.41
N SER B 36 -12.73 -18.20 7.18
CA SER B 36 -11.81 -17.37 6.42
C SER B 36 -12.22 -17.32 4.95
N GLY A 1 -2.91 -22.99 19.62
CA GLY A 1 -4.32 -23.16 19.18
C GLY A 1 -4.40 -23.24 17.67
N SER A 2 -5.38 -23.98 17.17
CA SER A 2 -5.54 -24.15 15.73
C SER A 2 -6.01 -22.84 15.08
N PRO A 3 -7.15 -22.36 15.49
CA PRO A 3 -7.72 -21.09 14.96
C PRO A 3 -6.84 -19.88 15.29
N GLU A 4 -6.03 -20.01 16.33
CA GLU A 4 -5.16 -18.92 16.74
C GLU A 4 -4.11 -18.64 15.66
N GLU A 5 -3.59 -19.70 15.06
CA GLU A 5 -2.58 -19.57 14.01
C GLU A 5 -3.17 -18.81 12.82
N ARG A 6 -4.43 -19.10 12.51
CA ARG A 6 -5.09 -18.45 11.39
C ARG A 6 -5.24 -16.96 11.64
N GLU A 7 -5.58 -16.60 12.87
CA GLU A 7 -5.75 -15.21 13.24
C GLU A 7 -4.42 -14.46 13.12
N ARG A 8 -3.33 -15.16 13.40
CA ARG A 8 -2.01 -14.55 13.32
C ARG A 8 -1.75 -14.04 11.91
N MET A 9 -2.10 -14.84 10.92
CA MET A 9 -1.90 -14.46 9.52
C MET A 9 -2.61 -13.15 9.22
N ILE A 10 -3.82 -13.01 9.75
CA ILE A 10 -4.60 -11.79 9.54
C ILE A 10 -3.89 -10.58 10.11
N LYS A 11 -3.38 -10.73 11.34
CA LYS A 11 -2.67 -9.63 11.99
C LYS A 11 -1.40 -9.28 11.22
N GLN A 12 -0.72 -10.32 10.71
CA GLN A 12 0.51 -10.10 9.96
C GLN A 12 0.25 -9.28 8.71
N LEU A 13 -0.89 -9.52 8.06
CA LEU A 13 -1.26 -8.81 6.86
C LEU A 13 -1.46 -7.33 7.16
N LYS A 14 -2.02 -7.05 8.32
CA LYS A 14 -2.29 -5.66 8.72
C LYS A 14 -0.97 -4.89 8.87
N GLU A 15 0.07 -5.59 9.30
CA GLU A 15 1.37 -4.96 9.49
C GLU A 15 1.94 -4.51 8.14
N GLU A 16 2.02 -5.43 7.19
CA GLU A 16 2.55 -5.11 5.87
C GLU A 16 1.63 -4.13 5.15
N LEU A 17 0.35 -4.20 5.46
CA LEU A 17 -0.63 -3.32 4.82
C LEU A 17 -0.30 -1.86 5.10
N ARG A 18 0.01 -1.56 6.37
CA ARG A 18 0.35 -0.20 6.76
C ARG A 18 1.61 0.27 6.04
N LEU A 19 2.62 -0.61 5.99
CA LEU A 19 3.87 -0.27 5.32
C LEU A 19 3.65 -0.08 3.83
N GLU A 20 2.83 -0.95 3.24
CA GLU A 20 2.54 -0.87 1.81
C GLU A 20 1.82 0.43 1.49
N GLU A 21 0.90 0.83 2.36
CA GLU A 21 0.14 2.06 2.17
C GLU A 21 1.03 3.27 2.41
N ALA A 22 1.83 3.21 3.47
CA ALA A 22 2.72 4.32 3.81
C ALA A 22 3.55 4.71 2.59
N LYS A 23 4.17 3.72 1.96
CA LYS A 23 5.00 3.99 0.79
C LYS A 23 4.17 4.64 -0.31
N LEU A 24 2.95 4.14 -0.51
CA LEU A 24 2.08 4.68 -1.54
C LEU A 24 1.84 6.16 -1.32
N VAL A 25 1.53 6.54 -0.09
CA VAL A 25 1.31 7.94 0.25
C VAL A 25 2.57 8.76 -0.03
N LEU A 26 3.72 8.21 0.33
CA LEU A 26 4.99 8.90 0.11
C LEU A 26 5.20 9.15 -1.37
N LEU A 27 4.93 8.15 -2.19
CA LEU A 27 5.10 8.27 -3.64
C LEU A 27 4.20 9.38 -4.18
N LYS A 28 2.98 9.46 -3.65
CA LYS A 28 2.03 10.48 -4.08
C LYS A 28 2.59 11.87 -3.81
N LYS A 29 3.07 12.08 -2.59
CA LYS A 29 3.63 13.38 -2.21
C LYS A 29 4.85 13.69 -3.05
N LEU A 30 5.65 12.66 -3.35
CA LEU A 30 6.86 12.85 -4.16
C LEU A 30 6.50 13.38 -5.54
N ARG A 31 5.42 12.85 -6.11
CA ARG A 31 4.98 13.29 -7.43
C ARG A 31 4.58 14.75 -7.39
N GLN A 32 3.94 15.16 -6.29
CA GLN A 32 3.50 16.54 -6.15
C GLN A 32 4.69 17.49 -6.22
N SER A 33 5.86 16.99 -5.87
CA SER A 33 7.08 17.80 -5.89
C SER A 33 7.50 18.08 -7.32
N GLN A 34 7.73 17.01 -8.08
CA GLN A 34 8.15 17.16 -9.48
C GLN A 34 7.24 18.13 -10.21
N ILE A 35 6.07 18.41 -9.63
CA ILE A 35 5.12 19.31 -10.24
C ILE A 35 5.46 20.77 -9.89
N GLN A 36 5.88 20.99 -8.65
CA GLN A 36 6.22 22.33 -8.21
C GLN A 36 5.05 23.28 -8.39
N LYS A 37 4.46 23.72 -7.28
CA LYS A 37 3.33 24.61 -7.32
C LYS A 37 3.74 25.98 -7.84
N GLU A 38 2.95 26.53 -8.77
CA GLU A 38 3.26 27.83 -9.34
C GLU A 38 1.97 28.56 -9.71
N ALA A 39 1.03 27.83 -10.30
CA ALA A 39 -0.24 28.42 -10.70
C ALA A 39 -1.35 27.38 -10.66
N THR A 40 -1.17 26.36 -9.82
CA THR A 40 -2.16 25.29 -9.70
C THR A 40 -3.05 25.51 -8.48
N ALA A 41 -4.09 26.32 -8.64
CA ALA A 41 -5.00 26.61 -7.54
C ALA A 41 -6.24 25.71 -7.63
N GLN A 42 -6.39 25.02 -8.75
CA GLN A 42 -7.53 24.13 -8.94
C GLN A 42 -7.33 22.84 -8.16
N LYS A 43 -8.41 22.39 -7.51
CA LYS A 43 -8.34 21.16 -6.73
C LYS A 43 -8.42 19.94 -7.64
N GLY B 1 18.56 19.38 -6.76
CA GLY B 1 19.32 18.59 -7.76
C GLY B 1 18.59 17.28 -8.04
N SER B 2 19.09 16.54 -9.02
CA SER B 2 18.48 15.26 -9.37
C SER B 2 18.97 14.15 -8.45
N LYS B 3 18.04 13.40 -7.88
CA LYS B 3 18.39 12.32 -6.98
C LYS B 3 18.44 10.99 -7.73
N ALA B 4 18.07 11.01 -9.00
CA ALA B 4 18.08 9.82 -9.82
C ALA B 4 16.99 8.85 -9.38
N PHE B 5 16.05 9.35 -8.59
CA PHE B 5 14.95 8.52 -8.11
C PHE B 5 13.67 8.81 -8.88
N ILE B 6 13.74 8.70 -10.21
CA ILE B 6 12.58 8.96 -11.05
C ILE B 6 11.51 7.88 -10.83
N VAL B 7 10.26 8.31 -10.76
CA VAL B 7 9.15 7.37 -10.56
C VAL B 7 8.29 7.28 -11.82
N THR B 8 7.85 6.06 -12.14
CA THR B 8 7.03 5.85 -13.32
C THR B 8 5.65 5.34 -12.91
N ASP B 9 4.68 5.50 -13.81
CA ASP B 9 3.31 5.06 -13.53
C ASP B 9 3.26 3.55 -13.41
N GLU B 10 3.57 2.85 -14.50
CA GLU B 10 3.57 1.39 -14.50
C GLU B 10 4.08 0.85 -13.16
N ASP B 11 4.87 1.67 -12.47
CA ASP B 11 5.43 1.26 -11.19
C ASP B 11 4.45 1.54 -10.05
N ILE B 12 3.77 2.68 -10.13
CA ILE B 12 2.82 3.05 -9.10
C ILE B 12 1.50 2.30 -9.28
N ARG B 13 1.06 2.20 -10.52
CA ARG B 13 -0.20 1.51 -10.83
C ARG B 13 -0.13 0.05 -10.37
N LYS B 14 0.95 -0.63 -10.75
CA LYS B 14 1.13 -2.03 -10.37
C LYS B 14 1.30 -2.15 -8.86
N GLN B 15 1.85 -1.10 -8.24
CA GLN B 15 2.07 -1.10 -6.80
C GLN B 15 0.75 -1.03 -6.05
N GLU B 16 -0.17 -0.20 -6.53
CA GLU B 16 -1.47 -0.06 -5.90
C GLU B 16 -2.31 -1.31 -6.09
N GLU B 17 -2.18 -1.93 -7.25
CA GLU B 17 -2.94 -3.14 -7.55
C GLU B 17 -2.55 -4.26 -6.58
N ARG B 18 -1.27 -4.35 -6.27
CA ARG B 18 -0.78 -5.38 -5.36
C ARG B 18 -1.39 -5.20 -3.97
N VAL B 19 -1.43 -3.95 -3.51
CA VAL B 19 -1.99 -3.64 -2.20
C VAL B 19 -3.49 -3.92 -2.18
N GLN B 20 -4.17 -3.55 -3.25
CA GLN B 20 -5.61 -3.76 -3.34
C GLN B 20 -5.96 -5.24 -3.19
N GLN B 21 -5.12 -6.09 -3.76
CA GLN B 21 -5.34 -7.54 -3.68
C GLN B 21 -5.28 -8.01 -2.23
N VAL B 22 -4.33 -7.48 -1.47
CA VAL B 22 -4.19 -7.86 -0.07
C VAL B 22 -5.42 -7.46 0.73
N ARG B 23 -5.93 -6.27 0.46
CA ARG B 23 -7.11 -5.78 1.17
C ARG B 23 -8.32 -6.66 0.85
N LYS B 24 -8.45 -7.06 -0.42
CA LYS B 24 -9.56 -7.90 -0.83
C LYS B 24 -9.59 -9.19 -0.02
N LYS B 25 -8.45 -9.87 0.04
CA LYS B 25 -8.36 -11.12 0.79
C LYS B 25 -8.42 -10.85 2.29
N LEU B 26 -8.21 -9.59 2.66
CA LEU B 26 -8.22 -9.22 4.07
C LEU B 26 -9.65 -9.14 4.59
N GLU B 27 -10.49 -8.35 3.90
CA GLU B 27 -11.88 -8.21 4.29
C GLU B 27 -12.62 -9.54 4.16
N GLU B 28 -12.24 -10.32 3.16
CA GLU B 28 -12.87 -11.61 2.92
C GLU B 28 -12.71 -12.52 4.14
N ALA B 29 -11.50 -12.59 4.67
CA ALA B 29 -11.23 -13.42 5.83
C ALA B 29 -12.00 -12.90 7.05
N LEU B 30 -12.32 -11.62 7.02
CA LEU B 30 -13.06 -11.01 8.12
C LEU B 30 -14.56 -11.29 7.98
N MET B 31 -15.02 -11.38 6.74
CA MET B 31 -16.43 -11.66 6.49
C MET B 31 -16.85 -12.97 7.14
N ALA B 32 -16.00 -13.98 7.03
CA ALA B 32 -16.30 -15.27 7.63
C ALA B 32 -16.52 -15.14 9.13
N ASP B 33 -17.37 -15.99 9.68
CA ASP B 33 -17.66 -15.96 11.11
C ASP B 33 -16.38 -16.08 11.93
N ILE B 34 -15.63 -14.97 11.99
CA ILE B 34 -14.38 -14.96 12.74
C ILE B 34 -13.66 -16.31 12.61
N LEU B 35 -13.97 -17.03 11.54
CA LEU B 35 -13.34 -18.33 11.30
C LEU B 35 -12.03 -18.15 10.55
N SER B 36 -11.87 -17.01 9.90
CA SER B 36 -10.64 -16.73 9.15
C SER B 36 -10.68 -17.45 7.81
N GLY A 1 -4.07 -27.54 12.78
CA GLY A 1 -3.34 -27.10 14.00
C GLY A 1 -4.32 -26.42 14.96
N SER A 2 -4.71 -25.19 14.62
CA SER A 2 -5.64 -24.45 15.46
C SER A 2 -5.98 -23.10 14.81
N PRO A 3 -7.13 -22.57 15.12
CA PRO A 3 -7.60 -21.26 14.57
C PRO A 3 -6.71 -20.11 15.03
N GLU A 4 -5.96 -20.32 16.11
CA GLU A 4 -5.08 -19.29 16.64
C GLU A 4 -4.00 -18.94 15.62
N GLU A 5 -3.46 -19.96 14.96
CA GLU A 5 -2.42 -19.75 13.97
C GLU A 5 -2.96 -18.96 12.78
N ARG A 6 -4.16 -19.33 12.33
CA ARG A 6 -4.78 -18.65 11.20
C ARG A 6 -5.13 -17.21 11.57
N GLU A 7 -5.61 -17.03 12.80
CA GLU A 7 -5.98 -15.69 13.26
C GLU A 7 -4.74 -14.81 13.40
N ARG A 8 -3.66 -15.39 13.93
CA ARG A 8 -2.43 -14.64 14.11
C ARG A 8 -1.93 -14.10 12.77
N MET A 9 -2.08 -14.90 11.72
CA MET A 9 -1.66 -14.50 10.38
C MET A 9 -2.39 -13.23 9.95
N ILE A 10 -3.67 -13.15 10.27
CA ILE A 10 -4.47 -11.99 9.91
C ILE A 10 -3.92 -10.74 10.58
N LYS A 11 -3.55 -10.86 11.85
CA LYS A 11 -3.00 -9.73 12.60
C LYS A 11 -1.68 -9.28 11.98
N GLN A 12 -0.84 -10.24 11.63
CA GLN A 12 0.46 -9.93 11.04
C GLN A 12 0.27 -9.21 9.71
N LEU A 13 -0.72 -9.64 8.94
CA LEU A 13 -0.99 -9.03 7.64
C LEU A 13 -1.39 -7.58 7.81
N LYS A 14 -2.09 -7.28 8.90
CA LYS A 14 -2.54 -5.92 9.17
C LYS A 14 -1.34 -5.00 9.38
N GLU A 15 -0.29 -5.54 9.97
CA GLU A 15 0.92 -4.75 10.24
C GLU A 15 1.57 -4.33 8.93
N GLU A 16 1.86 -5.31 8.08
CA GLU A 16 2.50 -5.03 6.79
C GLU A 16 1.60 -4.14 5.94
N LEU A 17 0.29 -4.29 6.12
CA LEU A 17 -0.67 -3.51 5.35
C LEU A 17 -0.49 -2.03 5.63
N ARG A 18 -0.34 -1.68 6.90
CA ARG A 18 -0.17 -0.28 7.29
C ARG A 18 1.14 0.28 6.70
N LEU A 19 2.21 -0.50 6.82
CA LEU A 19 3.50 -0.08 6.30
C LEU A 19 3.47 -0.02 4.77
N GLU A 20 2.83 -1.01 4.16
CA GLU A 20 2.74 -1.07 2.71
C GLU A 20 2.00 0.15 2.17
N GLU A 21 0.95 0.56 2.88
CA GLU A 21 0.16 1.71 2.46
C GLU A 21 0.92 3.01 2.76
N ALA A 22 1.57 3.05 3.92
CA ALA A 22 2.33 4.23 4.31
C ALA A 22 3.28 4.65 3.18
N LYS A 23 4.08 3.70 2.71
CA LYS A 23 5.03 3.98 1.64
C LYS A 23 4.31 4.43 0.38
N LEU A 24 3.15 3.82 0.12
CA LEU A 24 2.37 4.16 -1.06
C LEU A 24 2.00 5.64 -1.05
N VAL A 25 1.49 6.11 0.08
CA VAL A 25 1.13 7.52 0.22
C VAL A 25 2.33 8.41 -0.04
N LEU A 26 3.50 7.98 0.45
CA LEU A 26 4.73 8.75 0.28
C LEU A 26 5.05 8.91 -1.20
N LEU A 27 4.94 7.81 -1.95
CA LEU A 27 5.23 7.85 -3.38
C LEU A 27 4.33 8.86 -4.08
N LYS A 28 3.06 8.91 -3.67
CA LYS A 28 2.12 9.84 -4.26
C LYS A 28 2.59 11.28 -4.06
N LYS A 29 3.00 11.60 -2.83
CA LYS A 29 3.48 12.94 -2.53
C LYS A 29 4.74 13.25 -3.33
N LEU A 30 5.63 12.27 -3.44
CA LEU A 30 6.86 12.45 -4.17
C LEU A 30 6.58 12.73 -5.65
N ARG A 31 5.62 12.01 -6.21
CA ARG A 31 5.26 12.19 -7.61
C ARG A 31 4.68 13.58 -7.84
N GLN A 32 3.82 14.02 -6.91
CA GLN A 32 3.21 15.34 -7.03
C GLN A 32 4.27 16.43 -6.96
N SER A 33 5.41 16.11 -6.36
CA SER A 33 6.49 17.06 -6.22
C SER A 33 7.09 17.40 -7.59
N GLN A 34 7.49 16.37 -8.31
CA GLN A 34 8.09 16.56 -9.63
C GLN A 34 7.24 17.51 -10.47
N ILE A 35 6.05 17.82 -9.97
CA ILE A 35 5.14 18.73 -10.68
C ILE A 35 5.75 20.12 -10.79
N GLN A 36 6.32 20.60 -9.69
CA GLN A 36 6.93 21.93 -9.67
C GLN A 36 5.97 22.97 -10.23
N LYS A 37 6.50 24.13 -10.57
CA LYS A 37 5.67 25.21 -11.10
C LYS A 37 4.34 25.27 -10.37
N GLU A 38 4.33 24.86 -9.12
CA GLU A 38 3.11 24.88 -8.31
C GLU A 38 3.44 24.82 -6.83
N ALA A 39 3.02 25.84 -6.09
CA ALA A 39 3.28 25.90 -4.66
C ALA A 39 2.52 24.79 -3.94
N THR A 40 3.14 24.21 -2.91
CA THR A 40 2.52 23.14 -2.14
C THR A 40 1.79 23.72 -0.93
N ALA A 41 1.88 25.03 -0.76
CA ALA A 41 1.24 25.68 0.38
C ALA A 41 2.10 25.59 1.62
N GLN A 42 2.30 24.37 2.11
CA GLN A 42 3.10 24.16 3.31
C GLN A 42 4.55 23.87 2.92
N LYS A 43 5.47 24.62 3.51
CA LYS A 43 6.88 24.44 3.21
C LYS A 43 7.70 24.39 4.51
N GLY B 1 24.39 14.33 -9.77
CA GLY B 1 23.73 14.71 -8.49
C GLY B 1 22.37 14.03 -8.39
N SER B 2 22.27 12.85 -8.99
CA SER B 2 21.01 12.09 -8.97
C SER B 2 21.27 10.65 -8.59
N LYS B 3 20.26 10.00 -8.01
CA LYS B 3 20.40 8.61 -7.61
C LYS B 3 19.92 7.68 -8.73
N ALA B 4 19.29 8.26 -9.74
CA ALA B 4 18.80 7.48 -10.87
C ALA B 4 17.44 6.86 -10.55
N PHE B 5 16.81 7.35 -9.48
CA PHE B 5 15.51 6.84 -9.08
C PHE B 5 14.39 7.70 -9.67
N ILE B 6 13.70 7.15 -10.66
CA ILE B 6 12.60 7.86 -11.31
C ILE B 6 11.32 7.05 -11.24
N VAL B 7 10.25 7.66 -10.76
CA VAL B 7 8.96 6.98 -10.65
C VAL B 7 8.16 7.14 -11.93
N THR B 8 7.71 6.03 -12.49
CA THR B 8 6.92 6.05 -13.71
C THR B 8 5.43 5.93 -13.40
N ASP B 9 4.60 6.30 -14.36
CA ASP B 9 3.16 6.22 -14.17
C ASP B 9 2.71 4.78 -13.97
N GLU B 10 3.31 3.87 -14.72
CA GLU B 10 2.98 2.45 -14.61
C GLU B 10 3.35 1.91 -13.23
N ASP B 11 4.61 2.12 -12.84
CA ASP B 11 5.08 1.66 -11.55
C ASP B 11 4.07 2.01 -10.45
N ILE B 12 3.42 3.16 -10.59
CA ILE B 12 2.43 3.59 -9.62
C ILE B 12 1.20 2.69 -9.65
N ARG B 13 0.74 2.37 -10.86
CA ARG B 13 -0.43 1.52 -11.02
C ARG B 13 -0.20 0.15 -10.38
N LYS B 14 0.99 -0.41 -10.60
CA LYS B 14 1.32 -1.71 -10.03
C LYS B 14 1.25 -1.66 -8.51
N GLN B 15 1.58 -0.50 -7.95
CA GLN B 15 1.57 -0.34 -6.49
C GLN B 15 0.13 -0.25 -5.98
N GLU B 16 -0.72 0.47 -6.72
CA GLU B 16 -2.11 0.61 -6.33
C GLU B 16 -2.87 -0.70 -6.52
N GLU B 17 -2.63 -1.36 -7.66
CA GLU B 17 -3.30 -2.61 -7.94
C GLU B 17 -2.80 -3.71 -7.01
N ARG B 18 -1.49 -3.73 -6.78
CA ARG B 18 -0.89 -4.74 -5.90
C ARG B 18 -1.41 -4.59 -4.48
N VAL B 19 -1.46 -3.34 -4.00
CA VAL B 19 -1.94 -3.07 -2.65
C VAL B 19 -3.44 -3.35 -2.55
N GLN B 20 -4.19 -2.95 -3.57
CA GLN B 20 -5.63 -3.17 -3.58
C GLN B 20 -5.95 -4.65 -3.44
N GLN B 21 -5.18 -5.49 -4.12
CA GLN B 21 -5.39 -6.93 -4.07
C GLN B 21 -5.18 -7.46 -2.65
N VAL B 22 -4.10 -6.99 -2.02
CA VAL B 22 -3.78 -7.44 -0.66
C VAL B 22 -4.90 -7.05 0.30
N ARG B 23 -5.36 -5.80 0.21
CA ARG B 23 -6.43 -5.32 1.08
C ARG B 23 -7.72 -6.04 0.77
N LYS B 24 -8.01 -6.22 -0.52
CA LYS B 24 -9.24 -6.89 -0.94
C LYS B 24 -9.33 -8.27 -0.31
N LYS B 25 -8.24 -9.03 -0.39
CA LYS B 25 -8.22 -10.37 0.18
C LYS B 25 -8.39 -10.32 1.69
N LEU B 26 -7.47 -9.64 2.37
CA LEU B 26 -7.54 -9.52 3.81
C LEU B 26 -8.99 -9.39 4.27
N GLU B 27 -9.78 -8.61 3.54
CA GLU B 27 -11.18 -8.42 3.87
C GLU B 27 -11.94 -9.73 3.71
N GLU B 28 -11.61 -10.48 2.68
CA GLU B 28 -12.28 -11.76 2.42
C GLU B 28 -12.07 -12.71 3.60
N ALA B 29 -10.84 -12.76 4.11
CA ALA B 29 -10.53 -13.63 5.24
C ALA B 29 -11.31 -13.20 6.47
N LEU B 30 -11.70 -11.92 6.50
CA LEU B 30 -12.45 -11.39 7.65
C LEU B 30 -13.94 -11.65 7.47
N MET B 31 -14.39 -11.71 6.22
CA MET B 31 -15.80 -11.95 5.93
C MET B 31 -16.12 -13.43 6.03
N ALA B 32 -15.07 -14.26 6.06
CA ALA B 32 -15.25 -15.70 6.15
C ALA B 32 -15.93 -16.08 7.46
N ASP B 33 -16.87 -17.01 7.39
CA ASP B 33 -17.59 -17.46 8.58
C ASP B 33 -16.78 -18.53 9.32
N ILE B 34 -15.65 -18.92 8.73
CA ILE B 34 -14.80 -19.94 9.34
C ILE B 34 -13.65 -19.28 10.10
N LEU B 35 -13.59 -17.96 10.03
CA LEU B 35 -12.53 -17.22 10.72
C LEU B 35 -11.17 -17.84 10.42
N SER B 36 -10.62 -17.51 9.26
CA SER B 36 -9.32 -18.05 8.87
C SER B 36 -8.23 -16.98 9.03
N GLY A 1 -7.13 -27.52 14.98
CA GLY A 1 -6.66 -26.88 13.72
C GLY A 1 -5.95 -25.56 14.04
N SER A 2 -5.57 -25.40 15.31
CA SER A 2 -4.89 -24.18 15.73
C SER A 2 -5.55 -22.95 15.11
N PRO A 3 -6.71 -22.60 15.59
CA PRO A 3 -7.47 -21.41 15.09
C PRO A 3 -6.65 -20.13 15.18
N GLU A 4 -5.77 -20.06 16.17
CA GLU A 4 -4.93 -18.88 16.35
C GLU A 4 -4.00 -18.70 15.16
N GLU A 5 -3.65 -19.80 14.50
CA GLU A 5 -2.77 -19.75 13.35
C GLU A 5 -3.39 -18.91 12.24
N ARG A 6 -4.68 -19.10 12.02
CA ARG A 6 -5.39 -18.36 10.98
C ARG A 6 -5.44 -16.87 11.32
N GLU A 7 -5.65 -16.57 12.60
CA GLU A 7 -5.71 -15.18 13.05
C GLU A 7 -4.33 -14.54 12.99
N ARG A 8 -3.29 -15.36 13.13
CA ARG A 8 -1.92 -14.86 13.10
C ARG A 8 -1.61 -14.22 11.75
N MET A 9 -2.02 -14.88 10.68
CA MET A 9 -1.77 -14.37 9.34
C MET A 9 -2.48 -13.04 9.13
N ILE A 10 -3.71 -12.95 9.64
CA ILE A 10 -4.49 -11.72 9.50
C ILE A 10 -3.80 -10.57 10.23
N LYS A 11 -3.31 -10.83 11.43
CA LYS A 11 -2.63 -9.81 12.20
C LYS A 11 -1.32 -9.40 11.53
N GLN A 12 -0.56 -10.39 11.08
CA GLN A 12 0.71 -10.13 10.42
C GLN A 12 0.49 -9.39 9.10
N LEU A 13 -0.48 -9.87 8.32
CA LEU A 13 -0.78 -9.24 7.04
C LEU A 13 -1.26 -7.82 7.24
N LYS A 14 -2.00 -7.59 8.33
CA LYS A 14 -2.52 -6.26 8.62
C LYS A 14 -1.38 -5.29 8.90
N GLU A 15 -0.34 -5.78 9.58
CA GLU A 15 0.81 -4.93 9.90
C GLU A 15 1.51 -4.46 8.64
N GLU A 16 1.76 -5.40 7.73
CA GLU A 16 2.42 -5.07 6.47
C GLU A 16 1.53 -4.17 5.62
N LEU A 17 0.22 -4.36 5.74
CA LEU A 17 -0.72 -3.55 4.98
C LEU A 17 -0.58 -2.07 5.33
N ARG A 18 -0.43 -1.79 6.63
CA ARG A 18 -0.29 -0.42 7.09
C ARG A 18 1.02 0.19 6.57
N LEU A 19 2.09 -0.60 6.65
CA LEU A 19 3.39 -0.13 6.19
C LEU A 19 3.40 0.06 4.68
N GLU A 20 2.78 -0.89 3.98
CA GLU A 20 2.71 -0.83 2.52
C GLU A 20 1.88 0.38 2.08
N GLU A 21 0.87 0.71 2.86
CA GLU A 21 0.01 1.85 2.54
C GLU A 21 0.72 3.17 2.87
N ALA A 22 1.35 3.22 4.04
CA ALA A 22 2.06 4.41 4.46
C ALA A 22 3.02 4.88 3.36
N LYS A 23 3.85 3.96 2.88
CA LYS A 23 4.80 4.29 1.83
C LYS A 23 4.08 4.68 0.55
N LEU A 24 3.02 3.95 0.23
CA LEU A 24 2.23 4.23 -0.96
C LEU A 24 1.85 5.71 -1.02
N VAL A 25 1.28 6.21 0.06
CA VAL A 25 0.88 7.61 0.14
C VAL A 25 2.07 8.52 -0.14
N LEU A 26 3.23 8.15 0.40
CA LEU A 26 4.44 8.95 0.21
C LEU A 26 4.79 9.06 -1.26
N LEU A 27 4.69 7.94 -1.97
CA LEU A 27 5.00 7.93 -3.40
C LEU A 27 4.20 9.01 -4.13
N LYS A 28 2.94 9.18 -3.73
CA LYS A 28 2.09 10.18 -4.34
C LYS A 28 2.63 11.58 -4.09
N LYS A 29 3.11 11.81 -2.87
CA LYS A 29 3.66 13.12 -2.53
C LYS A 29 4.90 13.43 -3.35
N LEU A 30 5.77 12.44 -3.49
CA LEU A 30 7.00 12.61 -4.25
C LEU A 30 6.68 12.90 -5.72
N ARG A 31 5.69 12.20 -6.24
CA ARG A 31 5.30 12.38 -7.64
C ARG A 31 4.78 13.80 -7.88
N GLN A 32 3.98 14.30 -6.93
CA GLN A 32 3.43 15.64 -7.05
C GLN A 32 4.52 16.68 -6.87
N SER A 33 5.64 16.27 -6.29
CA SER A 33 6.76 17.19 -6.06
C SER A 33 7.47 17.51 -7.38
N GLN A 34 8.01 16.48 -8.01
CA GLN A 34 8.71 16.66 -9.28
C GLN A 34 7.79 17.31 -10.31
N ILE A 35 6.51 17.39 -9.99
CA ILE A 35 5.54 17.99 -10.89
C ILE A 35 5.33 19.46 -10.56
N GLN A 36 5.16 19.75 -9.27
CA GLN A 36 4.96 21.12 -8.83
C GLN A 36 3.82 21.78 -9.62
N LYS A 37 4.16 22.38 -10.74
CA LYS A 37 3.17 23.04 -11.58
C LYS A 37 2.40 24.09 -10.78
N GLU A 38 3.13 24.89 -10.01
CA GLU A 38 2.52 25.93 -9.19
C GLU A 38 1.63 26.83 -10.06
N ALA A 39 0.33 26.83 -9.76
CA ALA A 39 -0.61 27.66 -10.51
C ALA A 39 -1.87 27.90 -9.69
N THR A 40 -1.76 27.70 -8.38
CA THR A 40 -2.91 27.90 -7.50
C THR A 40 -3.12 29.40 -7.23
N ALA A 41 -4.36 29.85 -7.44
CA ALA A 41 -4.69 31.25 -7.23
C ALA A 41 -6.20 31.44 -7.15
N GLN A 42 -6.83 31.61 -8.31
CA GLN A 42 -8.28 31.81 -8.35
C GLN A 42 -8.99 30.48 -8.54
N LYS A 43 -8.21 29.42 -8.73
CA LYS A 43 -8.78 28.08 -8.93
C LYS A 43 -9.81 28.09 -10.04
N GLY B 1 21.52 12.09 -0.96
CA GLY B 1 21.36 11.32 -2.22
C GLY B 1 20.12 10.46 -2.14
N SER B 2 19.10 10.94 -1.43
CA SER B 2 17.86 10.19 -1.28
C SER B 2 17.20 9.96 -2.64
N LYS B 3 17.22 10.99 -3.48
CA LYS B 3 16.62 10.89 -4.80
C LYS B 3 17.66 10.44 -5.82
N ALA B 4 17.22 9.63 -6.79
CA ALA B 4 18.12 9.14 -7.82
C ALA B 4 17.34 8.37 -8.88
N PHE B 5 16.27 7.72 -8.46
CA PHE B 5 15.44 6.95 -9.39
C PHE B 5 14.30 7.80 -9.93
N ILE B 6 13.58 7.27 -10.91
CA ILE B 6 12.46 8.00 -11.50
C ILE B 6 11.18 7.17 -11.41
N VAL B 7 10.13 7.79 -10.88
CA VAL B 7 8.85 7.11 -10.73
C VAL B 7 8.07 7.13 -12.04
N THR B 8 7.68 5.94 -12.50
CA THR B 8 6.93 5.84 -13.75
C THR B 8 5.44 5.65 -13.46
N ASP B 9 4.61 5.92 -14.46
CA ASP B 9 3.17 5.78 -14.30
C ASP B 9 2.80 4.33 -13.99
N GLU B 10 3.48 3.39 -14.65
CA GLU B 10 3.22 1.98 -14.43
C GLU B 10 3.53 1.59 -12.99
N ASP B 11 4.76 1.89 -12.55
CA ASP B 11 5.17 1.57 -11.19
C ASP B 11 4.09 1.99 -10.18
N ILE B 12 3.44 3.10 -10.47
CA ILE B 12 2.40 3.61 -9.57
C ILE B 12 1.20 2.67 -9.56
N ARG B 13 0.76 2.26 -10.74
CA ARG B 13 -0.37 1.36 -10.86
C ARG B 13 -0.06 0.01 -10.21
N LYS B 14 1.08 -0.57 -10.58
CA LYS B 14 1.49 -1.85 -10.04
C LYS B 14 1.61 -1.77 -8.52
N GLN B 15 2.04 -0.61 -8.02
CA GLN B 15 2.19 -0.42 -6.58
C GLN B 15 0.82 -0.37 -5.91
N GLU B 16 -0.11 0.36 -6.50
CA GLU B 16 -1.46 0.47 -5.95
C GLU B 16 -2.19 -0.86 -6.05
N GLU B 17 -2.01 -1.54 -7.17
CA GLU B 17 -2.68 -2.83 -7.39
C GLU B 17 -2.22 -3.84 -6.34
N ARG B 18 -0.94 -3.81 -6.01
CA ARG B 18 -0.40 -4.73 -5.01
C ARG B 18 -1.11 -4.54 -3.67
N VAL B 19 -1.30 -3.29 -3.28
CA VAL B 19 -1.97 -2.99 -2.02
C VAL B 19 -3.43 -3.41 -2.07
N GLN B 20 -4.08 -3.16 -3.21
CA GLN B 20 -5.49 -3.51 -3.37
C GLN B 20 -5.70 -5.01 -3.16
N GLN B 21 -4.76 -5.81 -3.65
CA GLN B 21 -4.85 -7.26 -3.52
C GLN B 21 -4.90 -7.66 -2.05
N VAL B 22 -4.11 -6.97 -1.23
CA VAL B 22 -4.07 -7.27 0.20
C VAL B 22 -5.42 -7.00 0.84
N ARG B 23 -6.03 -5.87 0.47
CA ARG B 23 -7.32 -5.50 1.03
C ARG B 23 -8.39 -6.49 0.59
N LYS B 24 -8.32 -6.93 -0.65
CA LYS B 24 -9.30 -7.88 -1.18
C LYS B 24 -9.33 -9.14 -0.33
N LYS B 25 -8.16 -9.64 0.03
CA LYS B 25 -8.07 -10.84 0.85
C LYS B 25 -8.43 -10.53 2.30
N LEU B 26 -7.66 -9.63 2.91
CA LEU B 26 -7.90 -9.25 4.30
C LEU B 26 -9.40 -9.10 4.56
N GLU B 27 -10.07 -8.35 3.69
CA GLU B 27 -11.50 -8.12 3.84
C GLU B 27 -12.27 -9.43 3.73
N GLU B 28 -11.98 -10.20 2.68
CA GLU B 28 -12.67 -11.47 2.46
C GLU B 28 -12.46 -12.40 3.64
N ALA B 29 -11.20 -12.53 4.07
CA ALA B 29 -10.88 -13.39 5.20
C ALA B 29 -11.55 -12.89 6.47
N LEU B 30 -11.86 -11.60 6.49
CA LEU B 30 -12.51 -11.00 7.66
C LEU B 30 -14.01 -11.26 7.62
N MET B 31 -14.57 -11.32 6.43
CA MET B 31 -16.00 -11.55 6.28
C MET B 31 -16.32 -13.02 6.51
N ALA B 32 -15.29 -13.84 6.61
CA ALA B 32 -15.48 -15.27 6.83
C ALA B 32 -15.42 -15.61 8.31
N ASP B 33 -14.86 -14.69 9.10
CA ASP B 33 -14.76 -14.89 10.54
C ASP B 33 -15.91 -14.20 11.26
N ILE B 34 -17.11 -14.29 10.68
CA ILE B 34 -18.28 -13.67 11.28
C ILE B 34 -17.93 -12.31 11.88
N LEU B 35 -16.79 -11.77 11.47
CA LEU B 35 -16.35 -10.46 11.96
C LEU B 35 -16.76 -9.37 10.99
N SER B 36 -17.27 -9.76 9.82
CA SER B 36 -17.69 -8.80 8.81
C SER B 36 -18.51 -9.50 7.73
N GLY A 1 -5.60 -23.71 17.99
CA GLY A 1 -5.35 -24.84 17.05
C GLY A 1 -5.23 -24.30 15.63
N SER A 2 -6.34 -24.27 14.91
CA SER A 2 -6.36 -23.77 13.55
C SER A 2 -6.87 -22.33 13.50
N PRO A 3 -7.92 -22.06 14.23
CA PRO A 3 -8.53 -20.70 14.27
C PRO A 3 -7.52 -19.63 14.67
N GLU A 4 -6.62 -19.97 15.60
CA GLU A 4 -5.62 -19.03 16.05
C GLU A 4 -4.67 -18.66 14.91
N GLU A 5 -4.31 -19.65 14.11
CA GLU A 5 -3.40 -19.43 12.98
C GLU A 5 -4.05 -18.49 11.96
N ARG A 6 -5.34 -18.70 11.71
CA ARG A 6 -6.07 -17.88 10.75
C ARG A 6 -6.16 -16.43 11.25
N GLU A 7 -6.37 -16.27 12.55
CA GLU A 7 -6.47 -14.94 13.13
C GLU A 7 -5.11 -14.25 13.12
N ARG A 8 -4.06 -15.02 13.41
CA ARG A 8 -2.70 -14.47 13.43
C ARG A 8 -2.33 -13.90 12.06
N MET A 9 -2.69 -14.63 11.02
CA MET A 9 -2.38 -14.19 9.65
C MET A 9 -3.02 -12.83 9.38
N ILE A 10 -4.25 -12.66 9.84
CA ILE A 10 -4.96 -11.39 9.64
C ILE A 10 -4.20 -10.25 10.31
N LYS A 11 -3.70 -10.50 11.52
CA LYS A 11 -2.96 -9.48 12.25
C LYS A 11 -1.65 -9.15 11.54
N GLN A 12 -0.96 -10.19 11.08
CA GLN A 12 0.30 -9.99 10.39
C GLN A 12 0.09 -9.20 9.09
N LEU A 13 -0.95 -9.56 8.36
CA LEU A 13 -1.25 -8.87 7.10
C LEU A 13 -1.62 -7.42 7.36
N LYS A 14 -2.33 -7.18 8.46
CA LYS A 14 -2.75 -5.83 8.81
C LYS A 14 -1.53 -4.95 9.08
N GLU A 15 -0.51 -5.54 9.70
CA GLU A 15 0.70 -4.80 10.03
C GLU A 15 1.47 -4.43 8.77
N GLU A 16 1.54 -5.38 7.83
CA GLU A 16 2.24 -5.15 6.57
C GLU A 16 1.52 -4.09 5.75
N LEU A 17 0.21 -4.00 5.91
CA LEU A 17 -0.59 -3.04 5.16
C LEU A 17 -0.27 -1.61 5.62
N ARG A 18 0.05 -1.47 6.90
CA ARG A 18 0.34 -0.15 7.46
C ARG A 18 1.61 0.41 6.83
N LEU A 19 2.66 -0.40 6.79
CA LEU A 19 3.93 0.03 6.22
C LEU A 19 3.90 -0.05 4.70
N GLU A 20 3.25 -1.09 4.19
CA GLU A 20 3.15 -1.27 2.74
C GLU A 20 2.39 -0.11 2.10
N GLU A 21 1.30 0.30 2.74
CA GLU A 21 0.49 1.40 2.22
C GLU A 21 1.21 2.72 2.41
N ALA A 22 1.84 2.89 3.57
CA ALA A 22 2.58 4.12 3.86
C ALA A 22 3.50 4.48 2.70
N LYS A 23 4.27 3.49 2.24
CA LYS A 23 5.20 3.70 1.13
C LYS A 23 4.45 4.21 -0.10
N LEU A 24 3.30 3.61 -0.37
CA LEU A 24 2.49 4.01 -1.51
C LEU A 24 2.07 5.48 -1.38
N VAL A 25 1.59 5.85 -0.20
CA VAL A 25 1.18 7.23 0.04
C VAL A 25 2.36 8.17 -0.14
N LEU A 26 3.51 7.80 0.43
CA LEU A 26 4.71 8.61 0.32
C LEU A 26 5.14 8.75 -1.13
N LEU A 27 5.05 7.65 -1.87
CA LEU A 27 5.43 7.66 -3.28
C LEU A 27 4.57 8.66 -4.05
N LYS A 28 3.29 8.72 -3.70
CA LYS A 28 2.38 9.65 -4.36
C LYS A 28 2.82 11.09 -4.16
N LYS A 29 3.23 11.41 -2.93
CA LYS A 29 3.69 12.75 -2.61
C LYS A 29 4.95 13.09 -3.39
N LEU A 30 5.82 12.09 -3.56
CA LEU A 30 7.06 12.29 -4.30
C LEU A 30 6.76 12.64 -5.75
N ARG A 31 5.75 11.99 -6.32
CA ARG A 31 5.38 12.24 -7.70
C ARG A 31 4.93 13.69 -7.89
N GLN A 32 4.16 14.19 -6.94
CA GLN A 32 3.67 15.56 -7.01
C GLN A 32 4.77 16.55 -6.60
N SER A 33 5.80 16.03 -5.94
CA SER A 33 6.90 16.87 -5.48
C SER A 33 7.70 17.39 -6.68
N GLN A 34 7.91 16.54 -7.67
CA GLN A 34 8.65 16.92 -8.86
C GLN A 34 8.23 18.31 -9.33
N ILE A 35 7.03 18.41 -9.88
CA ILE A 35 6.50 19.70 -10.34
C ILE A 35 6.40 20.67 -9.18
N GLN A 36 5.89 20.19 -8.05
CA GLN A 36 5.73 21.03 -6.87
C GLN A 36 4.89 22.26 -7.19
N LYS A 37 3.59 22.18 -6.90
CA LYS A 37 2.69 23.29 -7.15
C LYS A 37 2.79 24.32 -6.03
N GLU A 38 2.12 25.47 -6.22
CA GLU A 38 2.15 26.53 -5.23
C GLU A 38 1.44 26.08 -3.96
N ALA A 39 1.42 24.77 -3.72
CA ALA A 39 0.77 24.22 -2.54
C ALA A 39 1.71 24.27 -1.34
N THR A 40 2.96 24.67 -1.59
CA THR A 40 3.94 24.76 -0.52
C THR A 40 3.52 25.80 0.51
N ALA A 41 3.61 25.44 1.78
CA ALA A 41 3.23 26.34 2.86
C ALA A 41 3.73 25.82 4.20
N GLN A 42 3.53 24.54 4.44
CA GLN A 42 3.97 23.93 5.70
C GLN A 42 3.67 24.86 6.87
N LYS A 43 2.46 24.76 7.41
CA LYS A 43 2.06 25.59 8.54
C LYS A 43 0.92 24.94 9.31
N GLY B 1 19.94 1.77 -14.86
CA GLY B 1 20.61 3.06 -15.18
C GLY B 1 19.58 4.18 -15.19
N SER B 2 19.45 4.86 -14.05
CA SER B 2 18.50 5.96 -13.93
C SER B 2 19.12 7.12 -13.17
N LYS B 3 18.83 8.34 -13.62
CA LYS B 3 19.37 9.54 -12.98
C LYS B 3 18.50 9.94 -11.79
N ALA B 4 19.14 10.53 -10.77
CA ALA B 4 18.42 10.96 -9.59
C ALA B 4 17.23 10.04 -9.31
N PHE B 5 16.21 10.58 -8.67
CA PHE B 5 15.02 9.80 -8.35
C PHE B 5 13.88 10.13 -9.31
N ILE B 6 13.47 9.16 -10.11
CA ILE B 6 12.40 9.36 -11.08
C ILE B 6 11.29 8.35 -10.86
N VAL B 7 10.07 8.83 -10.70
CA VAL B 7 8.92 7.95 -10.50
C VAL B 7 8.17 7.73 -11.80
N THR B 8 7.82 6.48 -12.08
CA THR B 8 7.09 6.15 -13.30
C THR B 8 5.61 5.98 -13.01
N ASP B 9 4.78 6.28 -14.01
CA ASP B 9 3.33 6.16 -13.85
C ASP B 9 2.90 4.70 -13.93
N GLU B 10 3.76 3.86 -14.50
CA GLU B 10 3.44 2.45 -14.64
C GLU B 10 3.81 1.69 -13.36
N ASP B 11 4.66 2.29 -12.54
CA ASP B 11 5.09 1.65 -11.30
C ASP B 11 4.10 1.94 -10.18
N ILE B 12 3.41 3.07 -10.30
CA ILE B 12 2.43 3.47 -9.28
C ILE B 12 1.08 2.79 -9.55
N ARG B 13 0.71 2.71 -10.83
CA ARG B 13 -0.55 2.09 -11.21
C ARG B 13 -0.59 0.62 -10.79
N LYS B 14 0.52 -0.08 -11.04
CA LYS B 14 0.60 -1.50 -10.71
C LYS B 14 0.76 -1.68 -9.21
N GLN B 15 1.83 -1.14 -8.65
CA GLN B 15 2.10 -1.25 -7.22
C GLN B 15 0.80 -1.09 -6.43
N GLU B 16 -0.08 -0.22 -6.90
CA GLU B 16 -1.35 0.02 -6.24
C GLU B 16 -2.26 -1.20 -6.37
N GLU B 17 -2.31 -1.77 -7.57
CA GLU B 17 -3.15 -2.93 -7.82
C GLU B 17 -2.72 -4.10 -6.94
N ARG B 18 -1.41 -4.24 -6.75
CA ARG B 18 -0.89 -5.33 -5.93
C ARG B 18 -1.40 -5.21 -4.49
N VAL B 19 -1.36 -3.98 -3.96
CA VAL B 19 -1.82 -3.74 -2.59
C VAL B 19 -3.31 -4.02 -2.47
N GLN B 20 -4.07 -3.61 -3.48
CA GLN B 20 -5.51 -3.81 -3.48
C GLN B 20 -5.85 -5.29 -3.33
N GLN B 21 -5.01 -6.15 -3.92
CA GLN B 21 -5.23 -7.58 -3.84
C GLN B 21 -5.10 -8.07 -2.40
N VAL B 22 -4.14 -7.51 -1.67
CA VAL B 22 -3.94 -7.90 -0.28
C VAL B 22 -5.16 -7.56 0.57
N ARG B 23 -5.70 -6.37 0.35
CA ARG B 23 -6.87 -5.93 1.09
C ARG B 23 -8.04 -6.90 0.89
N LYS B 24 -8.20 -7.36 -0.35
CA LYS B 24 -9.27 -8.29 -0.67
C LYS B 24 -9.22 -9.51 0.25
N LYS B 25 -8.03 -10.10 0.37
CA LYS B 25 -7.86 -11.27 1.22
C LYS B 25 -8.02 -10.90 2.69
N LEU B 26 -7.89 -9.61 2.98
CA LEU B 26 -8.00 -9.12 4.36
C LEU B 26 -9.47 -9.03 4.77
N GLU B 27 -10.26 -8.32 3.96
CA GLU B 27 -11.68 -8.18 4.25
C GLU B 27 -12.41 -9.50 4.02
N GLU B 28 -11.97 -10.25 3.01
CA GLU B 28 -12.59 -11.53 2.68
C GLU B 28 -12.48 -12.48 3.87
N ALA B 29 -11.29 -12.58 4.44
CA ALA B 29 -11.09 -13.47 5.58
C ALA B 29 -11.78 -12.91 6.83
N LEU B 30 -12.07 -11.61 6.81
CA LEU B 30 -12.73 -10.97 7.93
C LEU B 30 -14.23 -11.24 7.89
N MET B 31 -14.78 -11.33 6.69
CA MET B 31 -16.20 -11.58 6.53
C MET B 31 -16.59 -12.90 7.20
N ALA B 32 -15.75 -13.92 7.01
CA ALA B 32 -16.01 -15.22 7.61
C ALA B 32 -16.01 -15.13 9.13
N ASP B 33 -16.79 -15.99 9.77
CA ASP B 33 -16.87 -16.00 11.23
C ASP B 33 -17.73 -14.84 11.72
N ILE B 34 -17.27 -13.62 11.48
CA ILE B 34 -18.02 -12.44 11.90
C ILE B 34 -19.36 -12.36 11.19
N LEU B 35 -19.33 -12.54 9.87
CA LEU B 35 -20.55 -12.50 9.07
C LEU B 35 -20.93 -13.90 8.60
N SER B 36 -20.00 -14.85 8.75
CA SER B 36 -20.25 -16.22 8.34
C SER B 36 -19.30 -17.17 9.06
N GLY A 1 -4.42 -26.04 17.80
CA GLY A 1 -5.20 -24.80 17.55
C GLY A 1 -4.85 -24.25 16.17
N SER A 2 -5.53 -24.76 15.15
CA SER A 2 -5.30 -24.31 13.78
C SER A 2 -5.93 -22.94 13.55
N PRO A 3 -7.13 -22.76 14.03
CA PRO A 3 -7.87 -21.48 13.86
C PRO A 3 -7.09 -20.29 14.42
N GLU A 4 -6.35 -20.53 15.49
CA GLU A 4 -5.56 -19.47 16.12
C GLU A 4 -4.49 -18.96 15.17
N GLU A 5 -3.87 -19.88 14.45
CA GLU A 5 -2.80 -19.52 13.50
C GLU A 5 -3.37 -18.70 12.36
N ARG A 6 -4.56 -19.07 11.89
CA ARG A 6 -5.20 -18.36 10.79
C ARG A 6 -5.46 -16.90 11.18
N GLU A 7 -5.89 -16.70 12.42
CA GLU A 7 -6.18 -15.35 12.91
C GLU A 7 -4.88 -14.54 13.02
N ARG A 8 -3.82 -15.19 13.48
CA ARG A 8 -2.54 -14.52 13.63
C ARG A 8 -2.06 -13.97 12.29
N MET A 9 -2.25 -14.76 11.24
CA MET A 9 -1.84 -14.35 9.91
C MET A 9 -2.53 -13.05 9.50
N ILE A 10 -3.82 -12.96 9.82
CA ILE A 10 -4.59 -11.77 9.48
C ILE A 10 -4.02 -10.54 10.17
N LYS A 11 -3.67 -10.70 11.44
CA LYS A 11 -3.11 -9.58 12.21
C LYS A 11 -1.73 -9.20 11.66
N GLN A 12 -0.94 -10.21 11.32
CA GLN A 12 0.40 -9.95 10.79
C GLN A 12 0.31 -9.22 9.45
N LEU A 13 -0.64 -9.63 8.61
CA LEU A 13 -0.82 -9.00 7.31
C LEU A 13 -1.37 -7.59 7.47
N LYS A 14 -2.02 -7.34 8.60
CA LYS A 14 -2.59 -6.02 8.86
C LYS A 14 -1.49 -4.97 8.95
N GLU A 15 -0.43 -5.29 9.69
CA GLU A 15 0.69 -4.37 9.83
C GLU A 15 1.35 -4.11 8.49
N GLU A 16 1.70 -5.19 7.79
CA GLU A 16 2.34 -5.07 6.48
C GLU A 16 1.47 -4.22 5.55
N LEU A 17 0.16 -4.37 5.66
CA LEU A 17 -0.76 -3.62 4.82
C LEU A 17 -0.59 -2.13 5.04
N ARG A 18 -0.49 -1.73 6.31
CA ARG A 18 -0.32 -0.33 6.65
C ARG A 18 1.00 0.21 6.09
N LEU A 19 2.04 -0.60 6.15
CA LEU A 19 3.35 -0.20 5.65
C LEU A 19 3.30 -0.03 4.13
N GLU A 20 2.56 -0.92 3.46
CA GLU A 20 2.43 -0.84 2.01
C GLU A 20 1.75 0.46 1.60
N GLU A 21 0.78 0.89 2.40
CA GLU A 21 0.06 2.12 2.11
C GLU A 21 0.96 3.32 2.28
N ALA A 22 1.76 3.32 3.35
CA ALA A 22 2.68 4.43 3.60
C ALA A 22 3.48 4.76 2.34
N LYS A 23 4.10 3.75 1.75
CA LYS A 23 4.90 3.95 0.55
C LYS A 23 4.04 4.54 -0.56
N LEU A 24 2.82 4.04 -0.69
CA LEU A 24 1.90 4.53 -1.72
C LEU A 24 1.62 6.02 -1.51
N VAL A 25 1.24 6.39 -0.29
CA VAL A 25 0.98 7.78 0.03
C VAL A 25 2.23 8.63 -0.19
N LEU A 26 3.38 8.08 0.20
CA LEU A 26 4.64 8.80 0.04
C LEU A 26 4.90 9.09 -1.43
N LEU A 27 4.63 8.10 -2.28
CA LEU A 27 4.83 8.28 -3.72
C LEU A 27 3.99 9.43 -4.24
N LYS A 28 2.77 9.56 -3.72
CA LYS A 28 1.88 10.64 -4.14
C LYS A 28 2.49 12.00 -3.83
N LYS A 29 3.03 12.13 -2.63
CA LYS A 29 3.64 13.39 -2.22
C LYS A 29 4.89 13.67 -3.05
N LEU A 30 5.68 12.64 -3.31
CA LEU A 30 6.90 12.78 -4.09
C LEU A 30 6.57 13.24 -5.50
N ARG A 31 5.49 12.69 -6.07
CA ARG A 31 5.08 13.04 -7.42
C ARG A 31 4.68 14.51 -7.49
N GLN A 32 3.97 14.97 -6.46
CA GLN A 32 3.52 16.36 -6.42
C GLN A 32 4.67 17.28 -6.01
N SER A 33 5.71 16.70 -5.42
CA SER A 33 6.85 17.48 -4.98
C SER A 33 7.74 17.83 -6.15
N GLN A 34 7.59 17.10 -7.26
CA GLN A 34 8.40 17.33 -8.44
C GLN A 34 7.66 18.25 -9.42
N ILE A 35 6.41 18.56 -9.10
CA ILE A 35 5.60 19.41 -9.96
C ILE A 35 5.97 20.88 -9.75
N GLN A 36 6.51 21.19 -8.58
CA GLN A 36 6.89 22.55 -8.26
C GLN A 36 5.70 23.49 -8.38
N LYS A 37 5.30 24.08 -7.25
CA LYS A 37 4.15 24.98 -7.24
C LYS A 37 4.42 26.20 -8.11
N GLU A 38 3.50 26.47 -9.03
CA GLU A 38 3.64 27.62 -9.92
C GLU A 38 2.75 28.77 -9.46
N ALA A 39 1.69 28.43 -8.71
CA ALA A 39 0.77 29.45 -8.22
C ALA A 39 -0.23 28.82 -7.25
N THR A 40 -0.77 27.66 -7.63
CA THR A 40 -1.75 26.98 -6.80
C THR A 40 -2.70 27.97 -6.14
N ALA A 41 -3.77 28.32 -6.84
CA ALA A 41 -4.75 29.25 -6.31
C ALA A 41 -4.06 30.47 -5.70
N GLN A 42 -2.87 30.80 -6.23
CA GLN A 42 -2.12 31.94 -5.72
C GLN A 42 -2.15 31.97 -4.20
N LYS A 43 -1.14 31.39 -3.56
CA LYS A 43 -1.07 31.36 -2.11
C LYS A 43 -1.29 32.75 -1.53
N GLY B 1 22.81 1.57 -10.26
CA GLY B 1 24.04 1.45 -9.43
C GLY B 1 23.80 2.07 -8.06
N SER B 2 22.62 1.81 -7.49
CA SER B 2 22.28 2.35 -6.19
C SER B 2 22.08 3.87 -6.27
N LYS B 3 22.15 4.40 -7.49
CA LYS B 3 21.97 5.83 -7.70
C LYS B 3 20.49 6.19 -7.78
N ALA B 4 20.14 7.36 -7.28
CA ALA B 4 18.75 7.82 -7.30
C ALA B 4 18.04 7.28 -8.54
N PHE B 5 16.81 6.83 -8.35
CA PHE B 5 16.03 6.29 -9.46
C PHE B 5 14.92 7.25 -9.85
N ILE B 6 14.07 6.83 -10.79
CA ILE B 6 12.97 7.67 -11.25
C ILE B 6 11.65 6.95 -11.09
N VAL B 7 10.69 7.61 -10.44
CA VAL B 7 9.37 7.02 -10.23
C VAL B 7 8.53 7.11 -11.50
N THR B 8 8.06 5.96 -11.96
CA THR B 8 7.25 5.92 -13.18
C THR B 8 5.76 5.83 -12.83
N ASP B 9 4.92 6.25 -13.75
CA ASP B 9 3.48 6.22 -13.53
C ASP B 9 2.99 4.78 -13.38
N GLU B 10 3.51 3.89 -14.21
CA GLU B 10 3.12 2.48 -14.16
C GLU B 10 3.51 1.87 -12.82
N ASP B 11 4.80 1.97 -12.48
CA ASP B 11 5.29 1.42 -11.22
C ASP B 11 4.31 1.72 -10.09
N ILE B 12 3.68 2.88 -10.15
CA ILE B 12 2.73 3.28 -9.12
C ILE B 12 1.39 2.58 -9.33
N ARG B 13 0.95 2.52 -10.59
CA ARG B 13 -0.32 1.89 -10.91
C ARG B 13 -0.29 0.41 -10.53
N LYS B 14 0.87 -0.22 -10.71
CA LYS B 14 1.02 -1.63 -10.37
C LYS B 14 1.23 -1.82 -8.88
N GLN B 15 1.78 -0.80 -8.23
CA GLN B 15 2.04 -0.86 -6.80
C GLN B 15 0.73 -0.77 -6.01
N GLU B 16 -0.16 0.11 -6.45
CA GLU B 16 -1.45 0.27 -5.78
C GLU B 16 -2.36 -0.91 -6.06
N GLU B 17 -2.29 -1.43 -7.29
CA GLU B 17 -3.11 -2.56 -7.68
C GLU B 17 -2.74 -3.79 -6.86
N ARG B 18 -1.44 -4.01 -6.67
CA ARG B 18 -0.97 -5.15 -5.91
C ARG B 18 -1.43 -5.07 -4.47
N VAL B 19 -1.35 -3.87 -3.89
CA VAL B 19 -1.76 -3.66 -2.51
C VAL B 19 -3.26 -3.89 -2.35
N GLN B 20 -4.02 -3.38 -3.31
CA GLN B 20 -5.48 -3.53 -3.27
C GLN B 20 -5.87 -4.99 -3.19
N GLN B 21 -5.14 -5.84 -3.90
CA GLN B 21 -5.42 -7.27 -3.91
C GLN B 21 -5.29 -7.85 -2.50
N VAL B 22 -4.29 -7.39 -1.76
CA VAL B 22 -4.07 -7.87 -0.40
C VAL B 22 -5.27 -7.52 0.48
N ARG B 23 -5.76 -6.29 0.35
CA ARG B 23 -6.89 -5.84 1.15
C ARG B 23 -8.14 -6.66 0.82
N LYS B 24 -8.34 -6.93 -0.46
CA LYS B 24 -9.50 -7.71 -0.89
C LYS B 24 -9.57 -9.02 -0.12
N LYS B 25 -8.45 -9.73 -0.04
CA LYS B 25 -8.41 -10.99 0.69
C LYS B 25 -8.53 -10.76 2.19
N LEU B 26 -7.64 -9.94 2.73
CA LEU B 26 -7.66 -9.63 4.16
C LEU B 26 -9.10 -9.52 4.65
N GLU B 27 -9.88 -8.68 3.97
CA GLU B 27 -11.28 -8.47 4.36
C GLU B 27 -12.09 -9.75 4.14
N GLU B 28 -11.79 -10.45 3.05
CA GLU B 28 -12.51 -11.68 2.74
C GLU B 28 -12.35 -12.69 3.88
N ALA B 29 -11.11 -12.93 4.29
CA ALA B 29 -10.84 -13.87 5.36
C ALA B 29 -11.41 -13.35 6.68
N LEU B 30 -11.57 -12.04 6.78
CA LEU B 30 -12.11 -11.43 7.99
C LEU B 30 -13.61 -11.69 8.11
N MET B 31 -14.30 -11.65 6.97
CA MET B 31 -15.73 -11.87 6.95
C MET B 31 -16.08 -13.22 7.58
N ALA B 32 -15.31 -14.24 7.22
CA ALA B 32 -15.56 -15.58 7.75
C ALA B 32 -15.48 -15.57 9.28
N ASP B 33 -16.64 -15.54 9.93
CA ASP B 33 -16.69 -15.54 11.38
C ASP B 33 -16.33 -16.91 11.92
N ILE B 34 -16.07 -17.86 11.02
CA ILE B 34 -15.71 -19.21 11.42
C ILE B 34 -14.22 -19.47 11.19
N LEU B 35 -13.51 -18.43 10.77
CA LEU B 35 -12.08 -18.54 10.51
C LEU B 35 -11.81 -19.64 9.49
N SER B 36 -12.17 -19.37 8.24
CA SER B 36 -11.95 -20.34 7.17
C SER B 36 -12.13 -19.69 5.80
N GLY A 1 -9.25 -26.60 16.37
CA GLY A 1 -8.04 -27.19 15.72
C GLY A 1 -6.86 -26.25 15.92
N SER A 2 -6.95 -25.07 15.31
CA SER A 2 -5.87 -24.09 15.42
C SER A 2 -6.28 -22.77 14.78
N PRO A 3 -7.42 -22.26 15.15
CA PRO A 3 -7.96 -20.98 14.61
C PRO A 3 -7.09 -19.79 14.99
N GLU A 4 -6.32 -19.94 16.08
CA GLU A 4 -5.46 -18.87 16.55
C GLU A 4 -4.37 -18.58 15.53
N GLU A 5 -3.81 -19.63 14.94
CA GLU A 5 -2.76 -19.48 13.94
C GLU A 5 -3.28 -18.72 12.73
N ARG A 6 -4.50 -19.03 12.31
CA ARG A 6 -5.11 -18.38 11.16
C ARG A 6 -5.31 -16.90 11.44
N GLU A 7 -5.69 -16.57 12.67
CA GLU A 7 -5.91 -15.19 13.05
C GLU A 7 -4.61 -14.41 13.04
N ARG A 8 -3.53 -15.09 13.42
CA ARG A 8 -2.21 -14.43 13.46
C ARG A 8 -1.83 -13.93 12.08
N MET A 9 -2.05 -14.76 11.05
CA MET A 9 -1.72 -14.38 9.69
C MET A 9 -2.44 -13.10 9.30
N ILE A 10 -3.70 -12.99 9.70
CA ILE A 10 -4.49 -11.80 9.38
C ILE A 10 -3.87 -10.56 10.02
N LYS A 11 -3.45 -10.69 11.27
CA LYS A 11 -2.84 -9.56 11.98
C LYS A 11 -1.52 -9.18 11.33
N GLN A 12 -0.74 -10.19 10.95
CA GLN A 12 0.57 -9.94 10.34
C GLN A 12 0.39 -9.18 9.02
N LEU A 13 -0.65 -9.55 8.27
CA LEU A 13 -0.91 -8.90 6.99
C LEU A 13 -1.23 -7.43 7.19
N LYS A 14 -1.91 -7.12 8.29
CA LYS A 14 -2.28 -5.74 8.59
C LYS A 14 -1.04 -4.89 8.83
N GLU A 15 0.00 -5.52 9.35
CA GLU A 15 1.25 -4.81 9.64
C GLU A 15 1.90 -4.34 8.34
N GLU A 16 2.05 -5.26 7.39
CA GLU A 16 2.65 -4.94 6.11
C GLU A 16 1.77 -3.96 5.33
N LEU A 17 0.47 -4.04 5.56
CA LEU A 17 -0.47 -3.16 4.87
C LEU A 17 -0.18 -1.69 5.19
N ARG A 18 0.12 -1.43 6.46
CA ARG A 18 0.41 -0.07 6.89
C ARG A 18 1.67 0.45 6.20
N LEU A 19 2.70 -0.40 6.13
CA LEU A 19 3.95 -0.02 5.50
C LEU A 19 3.77 0.10 3.99
N GLU A 20 3.03 -0.84 3.40
CA GLU A 20 2.79 -0.85 1.96
C GLU A 20 1.99 0.39 1.56
N GLU A 21 0.98 0.71 2.37
CA GLU A 21 0.14 1.86 2.08
C GLU A 21 0.87 3.16 2.40
N ALA A 22 1.51 3.20 3.56
CA ALA A 22 2.26 4.39 3.98
C ALA A 22 3.24 4.80 2.89
N LYS A 23 4.07 3.85 2.46
CA LYS A 23 5.06 4.13 1.42
C LYS A 23 4.39 4.60 0.14
N LEU A 24 3.24 4.00 -0.17
CA LEU A 24 2.50 4.36 -1.37
C LEU A 24 2.11 5.84 -1.34
N VAL A 25 1.59 6.28 -0.21
CA VAL A 25 1.18 7.67 -0.05
C VAL A 25 2.39 8.60 -0.27
N LEU A 26 3.54 8.20 0.27
CA LEU A 26 4.75 9.00 0.13
C LEU A 26 5.10 9.19 -1.33
N LEU A 27 4.97 8.11 -2.11
CA LEU A 27 5.28 8.17 -3.53
C LEU A 27 4.43 9.24 -4.22
N LYS A 28 3.18 9.36 -3.79
CA LYS A 28 2.28 10.35 -4.37
C LYS A 28 2.82 11.75 -4.15
N LYS A 29 3.30 12.01 -2.93
CA LYS A 29 3.85 13.32 -2.61
C LYS A 29 5.05 13.64 -3.48
N LEU A 30 5.84 12.62 -3.78
CA LEU A 30 7.03 12.81 -4.61
C LEU A 30 6.64 13.36 -5.98
N ARG A 31 5.59 12.79 -6.57
CA ARG A 31 5.13 13.24 -7.87
C ARG A 31 4.59 14.67 -7.79
N GLN A 32 3.93 14.99 -6.68
CA GLN A 32 3.37 16.33 -6.49
C GLN A 32 4.49 17.36 -6.43
N SER A 33 5.65 16.96 -5.91
CA SER A 33 6.78 17.86 -5.78
C SER A 33 7.22 18.35 -7.15
N GLN A 34 7.33 17.43 -8.10
CA GLN A 34 7.76 17.78 -9.46
C GLN A 34 6.85 18.84 -10.05
N ILE A 35 5.76 19.13 -9.36
CA ILE A 35 4.81 20.13 -9.83
C ILE A 35 5.46 21.51 -9.89
N GLN A 36 6.17 21.87 -8.82
CA GLN A 36 6.86 23.16 -8.78
C GLN A 36 5.90 24.29 -9.15
N LYS A 37 5.63 24.41 -10.45
CA LYS A 37 4.74 25.47 -10.93
C LYS A 37 3.73 25.84 -9.86
N GLU A 38 2.82 24.92 -9.56
CA GLU A 38 1.80 25.16 -8.55
C GLU A 38 2.36 24.95 -7.15
N ALA A 39 2.44 26.02 -6.37
CA ALA A 39 2.96 25.94 -5.02
C ALA A 39 1.87 25.49 -4.06
N THR A 40 2.28 24.84 -2.97
CA THR A 40 1.34 24.37 -1.97
C THR A 40 0.55 25.53 -1.38
N ALA A 41 -0.77 25.38 -1.32
CA ALA A 41 -1.63 26.43 -0.77
C ALA A 41 -1.77 26.27 0.74
N GLN A 42 -0.73 25.71 1.37
CA GLN A 42 -0.74 25.52 2.82
C GLN A 42 -2.11 25.02 3.27
N LYS A 43 -2.39 23.74 3.00
CA LYS A 43 -3.66 23.16 3.40
C LYS A 43 -4.01 23.54 4.83
N GLY B 1 19.13 2.48 -10.97
CA GLY B 1 20.12 2.33 -9.87
C GLY B 1 20.12 3.59 -9.01
N SER B 2 21.13 3.72 -8.15
CA SER B 2 21.22 4.88 -7.27
C SER B 2 21.32 6.16 -8.08
N LYS B 3 22.04 6.10 -9.19
CA LYS B 3 22.20 7.27 -10.05
C LYS B 3 20.93 7.54 -10.85
N ALA B 4 20.53 8.80 -10.92
CA ALA B 4 19.33 9.17 -11.64
C ALA B 4 18.16 8.25 -11.28
N PHE B 5 17.28 8.74 -10.42
CA PHE B 5 16.12 7.96 -10.02
C PHE B 5 14.82 8.62 -10.50
N ILE B 6 14.05 7.89 -11.30
CA ILE B 6 12.82 8.42 -11.85
C ILE B 6 11.65 7.48 -11.54
N VAL B 7 10.57 8.05 -11.02
CA VAL B 7 9.38 7.26 -10.69
C VAL B 7 8.48 7.12 -11.92
N THR B 8 8.02 5.91 -12.18
CA THR B 8 7.16 5.66 -13.33
C THR B 8 5.70 5.53 -12.89
N ASP B 9 4.79 5.93 -13.77
CA ASP B 9 3.37 5.86 -13.45
C ASP B 9 2.93 4.42 -13.24
N GLU B 10 3.47 3.52 -14.06
CA GLU B 10 3.13 2.10 -13.96
C GLU B 10 3.57 1.54 -12.62
N ASP B 11 4.85 1.70 -12.29
CA ASP B 11 5.38 1.22 -11.03
C ASP B 11 4.48 1.62 -9.88
N ILE B 12 3.91 2.82 -9.95
CA ILE B 12 3.03 3.32 -8.91
C ILE B 12 1.71 2.57 -8.93
N ARG B 13 1.16 2.37 -10.12
CA ARG B 13 -0.11 1.67 -10.27
C ARG B 13 -0.02 0.26 -9.67
N LYS B 14 1.11 -0.40 -9.90
CA LYS B 14 1.31 -1.74 -9.37
C LYS B 14 1.15 -1.76 -7.84
N GLN B 15 1.99 -0.98 -7.17
CA GLN B 15 1.92 -0.89 -5.72
C GLN B 15 0.48 -0.78 -5.25
N GLU B 16 -0.34 -0.06 -6.02
CA GLU B 16 -1.75 0.11 -5.68
C GLU B 16 -2.51 -1.19 -5.93
N GLU B 17 -2.25 -1.82 -7.07
CA GLU B 17 -2.92 -3.07 -7.40
C GLU B 17 -2.60 -4.15 -6.38
N ARG B 18 -1.33 -4.23 -5.98
CA ARG B 18 -0.90 -5.22 -5.00
C ARG B 18 -1.59 -4.98 -3.67
N VAL B 19 -1.68 -3.71 -3.27
CA VAL B 19 -2.32 -3.36 -2.01
C VAL B 19 -3.80 -3.70 -2.04
N GLN B 20 -4.45 -3.41 -3.17
CA GLN B 20 -5.87 -3.69 -3.32
C GLN B 20 -6.14 -5.18 -3.14
N GLN B 21 -5.26 -6.00 -3.68
CA GLN B 21 -5.41 -7.45 -3.58
C GLN B 21 -5.36 -7.90 -2.13
N VAL B 22 -4.44 -7.31 -1.36
CA VAL B 22 -4.29 -7.66 0.04
C VAL B 22 -5.55 -7.31 0.83
N ARG B 23 -6.09 -6.12 0.57
CA ARG B 23 -7.30 -5.68 1.24
C ARG B 23 -8.48 -6.57 0.88
N LYS B 24 -8.56 -6.95 -0.40
CA LYS B 24 -9.64 -7.80 -0.87
C LYS B 24 -9.71 -9.09 -0.04
N LYS B 25 -8.55 -9.72 0.17
CA LYS B 25 -8.51 -10.95 0.95
C LYS B 25 -8.88 -10.68 2.41
N LEU B 26 -8.11 -9.81 3.06
CA LEU B 26 -8.38 -9.47 4.45
C LEU B 26 -9.89 -9.44 4.71
N GLU B 27 -10.63 -8.79 3.81
CA GLU B 27 -12.07 -8.71 3.96
C GLU B 27 -12.72 -10.08 3.77
N GLU B 28 -12.16 -10.86 2.86
CA GLU B 28 -12.68 -12.20 2.59
C GLU B 28 -12.54 -13.09 3.83
N ALA B 29 -11.36 -13.06 4.44
CA ALA B 29 -11.11 -13.87 5.63
C ALA B 29 -12.00 -13.42 6.77
N LEU B 30 -12.47 -12.17 6.71
CA LEU B 30 -13.33 -11.63 7.76
C LEU B 30 -14.79 -11.98 7.48
N MET B 31 -15.12 -12.12 6.20
CA MET B 31 -16.49 -12.45 5.81
C MET B 31 -16.81 -13.90 6.14
N ALA B 32 -15.78 -14.65 6.52
CA ALA B 32 -15.96 -16.06 6.86
C ALA B 32 -16.52 -16.21 8.27
N ASP B 33 -17.32 -17.25 8.48
CA ASP B 33 -17.92 -17.50 9.78
C ASP B 33 -18.31 -16.17 10.45
N ILE B 34 -17.35 -15.54 11.10
CA ILE B 34 -17.59 -14.27 11.77
C ILE B 34 -16.29 -13.60 12.17
N LEU B 35 -15.50 -14.30 12.99
CA LEU B 35 -14.21 -13.76 13.43
C LEU B 35 -13.08 -14.27 12.55
N SER B 36 -13.43 -15.12 11.58
CA SER B 36 -12.43 -15.67 10.68
C SER B 36 -11.52 -14.57 10.14
N GLY A 1 -4.26 -24.12 20.70
CA GLY A 1 -5.62 -23.77 20.24
C GLY A 1 -5.76 -24.11 18.76
N SER A 2 -6.06 -23.10 17.95
CA SER A 2 -6.22 -23.30 16.52
C SER A 2 -6.53 -21.98 15.82
N PRO A 3 -7.63 -21.37 16.17
CA PRO A 3 -8.04 -20.07 15.58
C PRO A 3 -7.07 -18.94 15.89
N GLU A 4 -6.30 -19.11 16.97
CA GLU A 4 -5.33 -18.10 17.37
C GLU A 4 -4.21 -18.01 16.35
N GLU A 5 -3.78 -19.16 15.84
CA GLU A 5 -2.70 -19.19 14.86
C GLU A 5 -3.14 -18.54 13.55
N ARG A 6 -4.35 -18.87 13.11
CA ARG A 6 -4.89 -18.30 11.88
C ARG A 6 -5.15 -16.81 12.04
N GLU A 7 -5.65 -16.42 13.22
CA GLU A 7 -5.94 -15.02 13.49
C GLU A 7 -4.69 -14.17 13.29
N ARG A 8 -3.56 -14.67 13.77
CA ARG A 8 -2.30 -13.93 13.64
C ARG A 8 -1.96 -13.69 12.17
N MET A 9 -2.04 -14.75 11.37
CA MET A 9 -1.75 -14.63 9.95
C MET A 9 -2.39 -13.38 9.37
N ILE A 10 -3.68 -13.19 9.66
CA ILE A 10 -4.39 -12.02 9.17
C ILE A 10 -3.80 -10.74 9.78
N LYS A 11 -3.46 -10.80 11.06
CA LYS A 11 -2.90 -9.65 11.74
C LYS A 11 -1.58 -9.24 11.10
N GLN A 12 -0.80 -10.23 10.66
CA GLN A 12 0.48 -9.96 10.03
C GLN A 12 0.30 -9.13 8.77
N LEU A 13 -0.77 -9.42 8.03
CA LEU A 13 -1.05 -8.70 6.79
C LEU A 13 -1.38 -7.23 7.09
N LYS A 14 -2.02 -7.00 8.23
CA LYS A 14 -2.40 -5.65 8.63
C LYS A 14 -1.15 -4.79 8.82
N GLU A 15 -0.09 -5.41 9.34
CA GLU A 15 1.16 -4.68 9.59
C GLU A 15 1.79 -4.25 8.26
N GLU A 16 2.06 -5.21 7.39
CA GLU A 16 2.66 -4.91 6.10
C GLU A 16 1.75 -4.01 5.28
N LEU A 17 0.45 -4.19 5.44
CA LEU A 17 -0.53 -3.39 4.70
C LEU A 17 -0.38 -1.91 5.04
N ARG A 18 -0.24 -1.61 6.32
CA ARG A 18 -0.08 -0.23 6.75
C ARG A 18 1.22 0.35 6.23
N LEU A 19 2.30 -0.43 6.35
CA LEU A 19 3.61 0.02 5.90
C LEU A 19 3.62 0.18 4.38
N GLU A 20 3.02 -0.78 3.69
CA GLU A 20 2.98 -0.74 2.23
C GLU A 20 2.18 0.46 1.76
N GLU A 21 1.10 0.77 2.47
CA GLU A 21 0.24 1.90 2.11
C GLU A 21 0.93 3.21 2.46
N ALA A 22 1.51 3.28 3.65
CA ALA A 22 2.20 4.49 4.09
C ALA A 22 3.20 4.94 3.04
N LYS A 23 4.05 4.02 2.60
CA LYS A 23 5.05 4.33 1.59
C LYS A 23 4.38 4.75 0.28
N LEU A 24 3.28 4.08 -0.06
CA LEU A 24 2.56 4.39 -1.28
C LEU A 24 2.08 5.85 -1.27
N VAL A 25 1.44 6.24 -0.18
CA VAL A 25 0.94 7.61 -0.05
C VAL A 25 2.10 8.60 -0.15
N LEU A 26 3.19 8.30 0.54
CA LEU A 26 4.36 9.17 0.53
C LEU A 26 4.91 9.30 -0.89
N LEU A 27 4.94 8.17 -1.61
CA LEU A 27 5.45 8.17 -2.97
C LEU A 27 4.64 9.12 -3.85
N LYS A 28 3.33 9.15 -3.63
CA LYS A 28 2.46 10.03 -4.40
C LYS A 28 2.89 11.49 -4.24
N LYS A 29 3.17 11.87 -3.01
CA LYS A 29 3.60 13.25 -2.73
C LYS A 29 4.87 13.58 -3.49
N LEU A 30 5.77 12.59 -3.59
CA LEU A 30 7.03 12.79 -4.29
C LEU A 30 6.77 13.14 -5.76
N ARG A 31 5.90 12.37 -6.41
CA ARG A 31 5.58 12.62 -7.80
C ARG A 31 4.93 13.99 -7.97
N GLN A 32 4.04 14.33 -7.05
CA GLN A 32 3.35 15.62 -7.11
C GLN A 32 4.36 16.76 -7.21
N SER A 33 5.45 16.65 -6.47
CA SER A 33 6.48 17.68 -6.48
C SER A 33 7.01 17.89 -7.89
N GLN A 34 7.39 16.79 -8.54
CA GLN A 34 7.94 16.87 -9.90
C GLN A 34 7.12 17.84 -10.74
N ILE A 35 5.92 18.14 -10.29
CA ILE A 35 5.04 19.06 -11.02
C ILE A 35 5.66 20.46 -11.09
N GLN A 36 6.21 20.90 -9.96
CA GLN A 36 6.82 22.22 -9.90
C GLN A 36 5.80 23.30 -10.21
N LYS A 37 5.51 24.15 -9.23
CA LYS A 37 4.54 25.23 -9.41
C LYS A 37 5.09 26.28 -10.38
N GLU A 38 4.24 26.71 -11.30
CA GLU A 38 4.64 27.73 -12.27
C GLU A 38 3.88 29.02 -12.05
N ALA A 39 2.65 28.90 -11.57
CA ALA A 39 1.81 30.07 -11.32
C ALA A 39 0.90 29.83 -10.12
N THR A 40 1.34 30.29 -8.95
CA THR A 40 0.56 30.13 -7.73
C THR A 40 -0.78 30.84 -7.85
N ALA A 41 -0.76 32.16 -7.61
CA ALA A 41 -1.97 32.96 -7.70
C ALA A 41 -2.47 33.02 -9.13
N GLN A 42 -3.80 32.96 -9.30
CA GLN A 42 -4.40 33.01 -10.63
C GLN A 42 -4.77 34.45 -10.99
N LYS A 43 -4.54 35.35 -10.05
CA LYS A 43 -4.85 36.77 -10.29
C LYS A 43 -3.87 37.66 -9.54
N GLY B 1 25.42 4.30 -19.52
CA GLY B 1 25.15 5.24 -18.40
C GLY B 1 24.03 4.68 -17.51
N SER B 2 24.30 4.59 -16.22
CA SER B 2 23.30 4.07 -15.28
C SER B 2 22.12 5.03 -15.17
N LYS B 3 20.92 4.46 -15.05
CA LYS B 3 19.71 5.27 -14.94
C LYS B 3 19.49 5.71 -13.49
N ALA B 4 18.96 6.91 -13.32
CA ALA B 4 18.70 7.44 -11.99
C ALA B 4 17.37 6.91 -11.46
N PHE B 5 17.07 7.20 -10.20
CA PHE B 5 15.84 6.74 -9.58
C PHE B 5 14.67 7.65 -9.98
N ILE B 6 13.85 7.19 -10.91
CA ILE B 6 12.71 7.97 -11.37
C ILE B 6 11.42 7.17 -11.23
N VAL B 7 10.42 7.78 -10.58
CA VAL B 7 9.14 7.12 -10.38
C VAL B 7 8.25 7.31 -11.61
N THR B 8 7.72 6.21 -12.12
CA THR B 8 6.84 6.27 -13.29
C THR B 8 5.38 6.14 -12.87
N ASP B 9 4.49 6.60 -13.73
CA ASP B 9 3.06 6.56 -13.44
C ASP B 9 2.59 5.11 -13.32
N GLU B 10 3.06 4.26 -14.21
CA GLU B 10 2.68 2.86 -14.20
C GLU B 10 3.21 2.15 -12.95
N ASP B 11 4.52 2.25 -12.74
CA ASP B 11 5.15 1.63 -11.58
C ASP B 11 4.32 1.90 -10.32
N ILE B 12 3.77 3.10 -10.23
CA ILE B 12 2.96 3.46 -9.07
C ILE B 12 1.63 2.72 -9.08
N ARG B 13 1.02 2.63 -10.25
CA ARG B 13 -0.26 1.92 -10.39
C ARG B 13 -0.11 0.47 -9.97
N LYS B 14 0.95 -0.19 -10.44
CA LYS B 14 1.19 -1.58 -10.10
C LYS B 14 1.37 -1.75 -8.60
N GLN B 15 1.89 -0.71 -7.95
CA GLN B 15 2.10 -0.76 -6.51
C GLN B 15 0.76 -0.72 -5.76
N GLU B 16 -0.15 0.13 -6.24
CA GLU B 16 -1.46 0.24 -5.61
C GLU B 16 -2.27 -1.02 -5.85
N GLU B 17 -2.17 -1.58 -7.05
CA GLU B 17 -2.90 -2.81 -7.38
C GLU B 17 -2.52 -3.93 -6.43
N ARG B 18 -1.23 -4.02 -6.11
CA ARG B 18 -0.75 -5.06 -5.20
C ARG B 18 -1.41 -4.92 -3.83
N VAL B 19 -1.53 -3.69 -3.36
CA VAL B 19 -2.15 -3.42 -2.07
C VAL B 19 -3.63 -3.81 -2.09
N GLN B 20 -4.30 -3.49 -3.20
CA GLN B 20 -5.72 -3.80 -3.33
C GLN B 20 -5.95 -5.30 -3.16
N GLN B 21 -5.04 -6.10 -3.68
CA GLN B 21 -5.16 -7.55 -3.60
C GLN B 21 -5.13 -8.00 -2.14
N VAL B 22 -4.27 -7.37 -1.35
CA VAL B 22 -4.16 -7.71 0.07
C VAL B 22 -5.49 -7.48 0.79
N ARG B 23 -6.11 -6.34 0.49
CA ARG B 23 -7.39 -6.00 1.12
C ARG B 23 -8.42 -7.11 0.88
N LYS B 24 -8.44 -7.63 -0.35
CA LYS B 24 -9.37 -8.70 -0.69
C LYS B 24 -9.25 -9.85 0.32
N LYS B 25 -8.04 -10.36 0.48
CA LYS B 25 -7.81 -11.47 1.41
C LYS B 25 -8.10 -11.02 2.84
N LEU B 26 -7.95 -9.72 3.10
CA LEU B 26 -8.19 -9.20 4.43
C LEU B 26 -9.68 -9.20 4.76
N GLU B 27 -10.46 -8.50 3.94
CA GLU B 27 -11.90 -8.44 4.15
C GLU B 27 -12.53 -9.81 3.96
N GLU B 28 -12.00 -10.58 3.01
CA GLU B 28 -12.51 -11.91 2.74
C GLU B 28 -12.46 -12.77 3.99
N ALA B 29 -11.33 -12.73 4.68
CA ALA B 29 -11.15 -13.52 5.90
C ALA B 29 -12.11 -13.04 6.99
N LEU B 30 -12.54 -11.79 6.88
CA LEU B 30 -13.45 -11.22 7.86
C LEU B 30 -14.90 -11.59 7.53
N MET B 31 -15.20 -11.70 6.24
CA MET B 31 -16.54 -12.04 5.80
C MET B 31 -16.66 -13.54 5.57
N ALA B 32 -15.53 -14.23 5.61
CA ALA B 32 -15.52 -15.68 5.40
C ALA B 32 -16.21 -16.39 6.57
N ASP B 33 -17.00 -17.41 6.25
CA ASP B 33 -17.70 -18.16 7.28
C ASP B 33 -18.58 -17.25 8.11
N ILE B 34 -19.22 -16.29 7.45
CA ILE B 34 -20.10 -15.35 8.13
C ILE B 34 -19.54 -15.00 9.51
N LEU B 35 -18.23 -14.75 9.56
CA LEU B 35 -17.57 -14.41 10.82
C LEU B 35 -17.12 -15.67 11.55
N SER B 36 -15.99 -16.22 11.12
CA SER B 36 -15.45 -17.42 11.73
C SER B 36 -14.39 -18.05 10.84
#